data_2Y6J
# 
_entry.id   2Y6J 
# 
_audit_conform.dict_name       mmcif_pdbx.dic 
_audit_conform.dict_version    5.383 
_audit_conform.dict_location   http://mmcif.pdb.org/dictionaries/ascii/mmcif_pdbx.dic 
# 
loop_
_database_2.database_id 
_database_2.database_code 
_database_2.pdbx_database_accession 
_database_2.pdbx_DOI 
PDB   2Y6J         pdb_00002y6j 10.2210/pdb2y6j/pdb 
PDBE  EBI-47095    ?            ?                   
WWPDB D_1290047095 ?            ?                   
# 
loop_
_pdbx_database_related.db_name 
_pdbx_database_related.db_id 
_pdbx_database_related.content_type 
_pdbx_database_related.details 
PDB 2Y64 unspecified 
'XYLOPENTAOSE BINDING MUTATED (X-2 L110F) CBM4-2 CARBOHYDRATE BINDING MODULE FROM A THERMOSTABLE RHODOTHERMUS MARINUS XYLANASE' 
PDB 2Y6G unspecified 
'CELLOPENTAOSE BINDING MUTATED (X-2 L110F) CBM4-2 CARBOHYDRATE BINDING MODULE FROM A THERMOSTABLE RHODOTHERMUS MARINUS XYLANASE' 
PDB 2Y6H unspecified 'X-2 L110F CBM4-2 CARBOHYDRATE BINDING MODULE FROM A THERMOSTABLE RHODOTHERMUS MARINUS XYLANASE' 
PDB 2Y6K unspecified 
'XYLOTETRAOSE BOUND TO X-2 ENGINEERED MUTATED CBM4-2 CARBOHYDRATE BINDING MODULE FROM A THERMOSTABLE RHODOTHERMUS MARINUS XYLANASE' 
PDB 2Y6L unspecified 
'XYLOPENTAOSE BINDING X-2 ENGINEERED MUTATED CBM4-2 CARBOHYDRATE BINDING MODULE FROM A THERMOSTABLE RHODOTHERMUS MARINUS XYLANASE' 
# 
_pdbx_database_status.status_code                     REL 
_pdbx_database_status.entry_id                        2Y6J 
_pdbx_database_status.deposit_site                    PDBE 
_pdbx_database_status.process_site                    PDBE 
_pdbx_database_status.SG_entry                        . 
_pdbx_database_status.recvd_initial_deposition_date   2011-01-24 
_pdbx_database_status.pdb_format_compatible           Y 
_pdbx_database_status.status_code_sf                  REL 
_pdbx_database_status.status_code_mr                  ? 
_pdbx_database_status.status_code_cs                  ? 
_pdbx_database_status.methods_development_category    ? 
_pdbx_database_status.status_code_nmr_data            ? 
# 
loop_
_audit_author.name 
_audit_author.pdbx_ordinal 
_audit_author.identifier_ORCID 
'von Schantz, L.'       1 ? 
'Hakansson, M.'         2 ? 
'Logan, D.T.'           3 ? 
'Walse, B.'             4 ? 
'Osterlin, J.'          5 ? 
'Nordberg-Karlsson, E.' 6 ? 
'Ohlin, M.'             7 ? 
# 
_citation.id                        primary 
_citation.title                     
'Structural basis for carbohydrate-binding specificity--a comparative assessment of two engineered carbohydrate-binding modules.' 
_citation.journal_abbrev            Glycobiology 
_citation.journal_volume            22 
_citation.page_first                948 
_citation.page_last                 961 
_citation.year                      2012 
_citation.journal_id_ASTM           ? 
_citation.country                   UK 
_citation.journal_id_ISSN           1460-2423 
_citation.journal_id_CSD            9999 
_citation.book_publisher            ? 
_citation.pdbx_database_id_PubMed   22434778 
_citation.pdbx_database_id_DOI      10.1093/glycob/cws063 
# 
loop_
_citation_author.citation_id 
_citation_author.name 
_citation_author.ordinal 
_citation_author.identifier_ORCID 
primary 'von Schantz, L.'       1 ? 
primary 'Hakansson, M.'         2 ? 
primary 'Logan, D.T.'           3 ? 
primary 'Walse, B.'             4 ? 
primary 'Osterlin, J.'          5 ? 
primary 'Nordberg-Karlsson, E.' 6 ? 
primary 'Ohlin, M.'             7 ? 
# 
_cell.entry_id           2Y6J 
_cell.length_a           48.360 
_cell.length_b           49.680 
_cell.length_c           62.150 
_cell.angle_alpha        90.00 
_cell.angle_beta         90.00 
_cell.angle_gamma        90.00 
_cell.Z_PDB              4 
_cell.pdbx_unique_axis   ? 
# 
_symmetry.entry_id                         2Y6J 
_symmetry.space_group_name_H-M             'P 21 21 21' 
_symmetry.pdbx_full_space_group_name_H-M   ? 
_symmetry.cell_setting                     ? 
_symmetry.Int_Tables_number                19 
# 
loop_
_entity.id 
_entity.type 
_entity.src_method 
_entity.pdbx_description 
_entity.formula_weight 
_entity.pdbx_number_of_molecules 
_entity.pdbx_ec 
_entity.pdbx_mutation 
_entity.pdbx_fragment 
_entity.details 
1 polymer     man XYLANASE      17905.717 1   3.2.1.8 YES ? ? 
2 non-polymer syn 'CALCIUM ION' 40.078    1   ?       ?   ? ? 
3 water       nat water         18.015    201 ?       ?   ? ? 
# 
_entity_name_com.entity_id   1 
_entity_name_com.name        CBM4-2 
# 
_entity_poly.entity_id                      1 
_entity_poly.type                           'polypeptide(L)' 
_entity_poly.nstd_linkage                   no 
_entity_poly.nstd_monomer                   no 
_entity_poly.pdbx_seq_one_letter_code       
;MLVANINGGFESTPAGVVTDLAEGVEGWDLNVGSSVTNPPVFEVLETSDAPEGNKVLAVTVNGVGNNPFNIQATALPVNV
RPGVTYTYTIRARAEQDGAVVSFTVGNQSLDEYGRLHHQQITTEWQPFTFEFTVSDQETVIRAPIHFGYAANVGNTIYID
GLAIVDL
;
_entity_poly.pdbx_seq_one_letter_code_can   
;MLVANINGGFESTPAGVVTDLAEGVEGWDLNVGSSVTNPPVFEVLETSDAPEGNKVLAVTVNGVGNNPFNIQATALPVNV
RPGVTYTYTIRARAEQDGAVVSFTVGNQSLDEYGRLHHQQITTEWQPFTFEFTVSDQETVIRAPIHFGYAANVGNTIYID
GLAIVDL
;
_entity_poly.pdbx_strand_id                 A 
_entity_poly.pdbx_target_identifier         ? 
# 
loop_
_entity_poly_seq.entity_id 
_entity_poly_seq.num 
_entity_poly_seq.mon_id 
_entity_poly_seq.hetero 
1 1   MET n 
1 2   LEU n 
1 3   VAL n 
1 4   ALA n 
1 5   ASN n 
1 6   ILE n 
1 7   ASN n 
1 8   GLY n 
1 9   GLY n 
1 10  PHE n 
1 11  GLU n 
1 12  SER n 
1 13  THR n 
1 14  PRO n 
1 15  ALA n 
1 16  GLY n 
1 17  VAL n 
1 18  VAL n 
1 19  THR n 
1 20  ASP n 
1 21  LEU n 
1 22  ALA n 
1 23  GLU n 
1 24  GLY n 
1 25  VAL n 
1 26  GLU n 
1 27  GLY n 
1 28  TRP n 
1 29  ASP n 
1 30  LEU n 
1 31  ASN n 
1 32  VAL n 
1 33  GLY n 
1 34  SER n 
1 35  SER n 
1 36  VAL n 
1 37  THR n 
1 38  ASN n 
1 39  PRO n 
1 40  PRO n 
1 41  VAL n 
1 42  PHE n 
1 43  GLU n 
1 44  VAL n 
1 45  LEU n 
1 46  GLU n 
1 47  THR n 
1 48  SER n 
1 49  ASP n 
1 50  ALA n 
1 51  PRO n 
1 52  GLU n 
1 53  GLY n 
1 54  ASN n 
1 55  LYS n 
1 56  VAL n 
1 57  LEU n 
1 58  ALA n 
1 59  VAL n 
1 60  THR n 
1 61  VAL n 
1 62  ASN n 
1 63  GLY n 
1 64  VAL n 
1 65  GLY n 
1 66  ASN n 
1 67  ASN n 
1 68  PRO n 
1 69  PHE n 
1 70  ASN n 
1 71  ILE n 
1 72  GLN n 
1 73  ALA n 
1 74  THR n 
1 75  ALA n 
1 76  LEU n 
1 77  PRO n 
1 78  VAL n 
1 79  ASN n 
1 80  VAL n 
1 81  ARG n 
1 82  PRO n 
1 83  GLY n 
1 84  VAL n 
1 85  THR n 
1 86  TYR n 
1 87  THR n 
1 88  TYR n 
1 89  THR n 
1 90  ILE n 
1 91  ARG n 
1 92  ALA n 
1 93  ARG n 
1 94  ALA n 
1 95  GLU n 
1 96  GLN n 
1 97  ASP n 
1 98  GLY n 
1 99  ALA n 
1 100 VAL n 
1 101 VAL n 
1 102 SER n 
1 103 PHE n 
1 104 THR n 
1 105 VAL n 
1 106 GLY n 
1 107 ASN n 
1 108 GLN n 
1 109 SER n 
1 110 LEU n 
1 111 ASP n 
1 112 GLU n 
1 113 TYR n 
1 114 GLY n 
1 115 ARG n 
1 116 LEU n 
1 117 HIS n 
1 118 HIS n 
1 119 GLN n 
1 120 GLN n 
1 121 ILE n 
1 122 THR n 
1 123 THR n 
1 124 GLU n 
1 125 TRP n 
1 126 GLN n 
1 127 PRO n 
1 128 PHE n 
1 129 THR n 
1 130 PHE n 
1 131 GLU n 
1 132 PHE n 
1 133 THR n 
1 134 VAL n 
1 135 SER n 
1 136 ASP n 
1 137 GLN n 
1 138 GLU n 
1 139 THR n 
1 140 VAL n 
1 141 ILE n 
1 142 ARG n 
1 143 ALA n 
1 144 PRO n 
1 145 ILE n 
1 146 HIS n 
1 147 PHE n 
1 148 GLY n 
1 149 TYR n 
1 150 ALA n 
1 151 ALA n 
1 152 ASN n 
1 153 VAL n 
1 154 GLY n 
1 155 ASN n 
1 156 THR n 
1 157 ILE n 
1 158 TYR n 
1 159 ILE n 
1 160 ASP n 
1 161 GLY n 
1 162 LEU n 
1 163 ALA n 
1 164 ILE n 
1 165 VAL n 
1 166 ASP n 
1 167 LEU n 
# 
_entity_src_gen.entity_id                          1 
_entity_src_gen.pdbx_src_id                        1 
_entity_src_gen.pdbx_alt_source_flag               sample 
_entity_src_gen.pdbx_seq_type                      ? 
_entity_src_gen.pdbx_beg_seq_num                   ? 
_entity_src_gen.pdbx_end_seq_num                   ? 
_entity_src_gen.gene_src_common_name               ? 
_entity_src_gen.gene_src_genus                     ? 
_entity_src_gen.pdbx_gene_src_gene                 ? 
_entity_src_gen.gene_src_species                   ? 
_entity_src_gen.gene_src_strain                    ? 
_entity_src_gen.gene_src_tissue                    ? 
_entity_src_gen.gene_src_tissue_fraction           ? 
_entity_src_gen.gene_src_details                   ? 
_entity_src_gen.pdbx_gene_src_fragment             ? 
_entity_src_gen.pdbx_gene_src_scientific_name      'RHODOTHERMUS MARINUS' 
_entity_src_gen.pdbx_gene_src_ncbi_taxonomy_id     29549 
_entity_src_gen.pdbx_gene_src_variant              ? 
_entity_src_gen.pdbx_gene_src_cell_line            ? 
_entity_src_gen.pdbx_gene_src_atcc                 ? 
_entity_src_gen.pdbx_gene_src_organ                ? 
_entity_src_gen.pdbx_gene_src_organelle            ? 
_entity_src_gen.pdbx_gene_src_cell                 ? 
_entity_src_gen.pdbx_gene_src_cellular_location    ? 
_entity_src_gen.host_org_common_name               ? 
_entity_src_gen.pdbx_host_org_scientific_name      'ESCHERICHIA COLI' 
_entity_src_gen.pdbx_host_org_ncbi_taxonomy_id     83333 
_entity_src_gen.host_org_genus                     ? 
_entity_src_gen.pdbx_host_org_gene                 ? 
_entity_src_gen.pdbx_host_org_organ                ? 
_entity_src_gen.host_org_species                   ? 
_entity_src_gen.pdbx_host_org_tissue               ? 
_entity_src_gen.pdbx_host_org_tissue_fraction      ? 
_entity_src_gen.pdbx_host_org_strain               K-12 
_entity_src_gen.pdbx_host_org_variant              'T7 EXPRESS' 
_entity_src_gen.pdbx_host_org_cell_line            ? 
_entity_src_gen.pdbx_host_org_atcc                 ? 
_entity_src_gen.pdbx_host_org_culture_collection   ? 
_entity_src_gen.pdbx_host_org_cell                 ? 
_entity_src_gen.pdbx_host_org_organelle            ? 
_entity_src_gen.pdbx_host_org_cellular_location    ? 
_entity_src_gen.pdbx_host_org_vector_type          PLASMID 
_entity_src_gen.pdbx_host_org_vector               PET22B 
_entity_src_gen.host_org_details                   ? 
_entity_src_gen.expression_system_id               ? 
_entity_src_gen.plasmid_name                       ? 
_entity_src_gen.plasmid_details                    ? 
_entity_src_gen.pdbx_description                   ? 
# 
_struct_ref.id                         1 
_struct_ref.db_name                    UNP 
_struct_ref.db_code                    Q6V8M0_RHOMR 
_struct_ref.entity_id                  1 
_struct_ref.pdbx_seq_one_letter_code   ? 
_struct_ref.pdbx_align_begin           ? 
_struct_ref.pdbx_db_accession          Q6V8M0 
_struct_ref.pdbx_db_isoform            ? 
# 
_struct_ref_seq.align_id                      1 
_struct_ref_seq.ref_id                        1 
_struct_ref_seq.pdbx_PDB_id_code              2Y6J 
_struct_ref_seq.pdbx_strand_id                A 
_struct_ref_seq.seq_align_beg                 2 
_struct_ref_seq.pdbx_seq_align_beg_ins_code   ? 
_struct_ref_seq.seq_align_end                 166 
_struct_ref_seq.pdbx_seq_align_end_ins_code   ? 
_struct_ref_seq.pdbx_db_accession             Q6V8M0 
_struct_ref_seq.db_align_beg                  1 
_struct_ref_seq.pdbx_db_align_beg_ins_code    ? 
_struct_ref_seq.db_align_end                  165 
_struct_ref_seq.pdbx_db_align_end_ins_code    ? 
_struct_ref_seq.pdbx_auth_seq_align_beg       2 
_struct_ref_seq.pdbx_auth_seq_align_end       166 
# 
loop_
_struct_ref_seq_dif.align_id 
_struct_ref_seq_dif.pdbx_pdb_id_code 
_struct_ref_seq_dif.mon_id 
_struct_ref_seq_dif.pdbx_pdb_strand_id 
_struct_ref_seq_dif.seq_num 
_struct_ref_seq_dif.pdbx_pdb_ins_code 
_struct_ref_seq_dif.pdbx_seq_db_name 
_struct_ref_seq_dif.pdbx_seq_db_accession_code 
_struct_ref_seq_dif.db_mon_id 
_struct_ref_seq_dif.pdbx_seq_db_seq_num 
_struct_ref_seq_dif.details 
_struct_ref_seq_dif.pdbx_auth_seq_num 
_struct_ref_seq_dif.pdbx_ordinal 
1 2Y6J MET A 1   ? UNP Q6V8M0 ?   ?   'expression tag'      1   1  
1 2Y6J PHE A 69  ? UNP Q6V8M0 TRP 68  'engineered mutation' 69  2  
1 2Y6J ASN A 70  ? UNP Q6V8M0 ASP 69  'engineered mutation' 70  3  
1 2Y6J GLN A 72  ? UNP Q6V8M0 GLU 71  'engineered mutation' 72  4  
1 2Y6J LEU A 76  ? UNP Q6V8M0 PHE 75  'engineered mutation' 76  5  
1 2Y6J ARG A 91  ? UNP Q6V8M0 TRP 90  'engineered mutation' 91  6  
1 2Y6J LEU A 110 ? UNP Q6V8M0 PHE 109 'engineered mutation' 110 7  
1 2Y6J ASP A 111 ? UNP Q6V8M0 GLN 110 'engineered mutation' 111 8  
1 2Y6J HIS A 118 ? UNP Q6V8M0 GLU 117 'engineered mutation' 118 9  
1 2Y6J LEU A 167 ? UNP Q6V8M0 ?   ?   'cloning artifact'    167 10 
# 
loop_
_chem_comp.id 
_chem_comp.type 
_chem_comp.mon_nstd_flag 
_chem_comp.name 
_chem_comp.pdbx_synonyms 
_chem_comp.formula 
_chem_comp.formula_weight 
ALA 'L-peptide linking' y ALANINE         ? 'C3 H7 N O2'     89.093  
ARG 'L-peptide linking' y ARGININE        ? 'C6 H15 N4 O2 1' 175.209 
ASN 'L-peptide linking' y ASPARAGINE      ? 'C4 H8 N2 O3'    132.118 
ASP 'L-peptide linking' y 'ASPARTIC ACID' ? 'C4 H7 N O4'     133.103 
CA  non-polymer         . 'CALCIUM ION'   ? 'Ca 2'           40.078  
GLN 'L-peptide linking' y GLUTAMINE       ? 'C5 H10 N2 O3'   146.144 
GLU 'L-peptide linking' y 'GLUTAMIC ACID' ? 'C5 H9 N O4'     147.129 
GLY 'peptide linking'   y GLYCINE         ? 'C2 H5 N O2'     75.067  
HIS 'L-peptide linking' y HISTIDINE       ? 'C6 H10 N3 O2 1' 156.162 
HOH non-polymer         . WATER           ? 'H2 O'           18.015  
ILE 'L-peptide linking' y ISOLEUCINE      ? 'C6 H13 N O2'    131.173 
LEU 'L-peptide linking' y LEUCINE         ? 'C6 H13 N O2'    131.173 
LYS 'L-peptide linking' y LYSINE          ? 'C6 H15 N2 O2 1' 147.195 
MET 'L-peptide linking' y METHIONINE      ? 'C5 H11 N O2 S'  149.211 
PHE 'L-peptide linking' y PHENYLALANINE   ? 'C9 H11 N O2'    165.189 
PRO 'L-peptide linking' y PROLINE         ? 'C5 H9 N O2'     115.130 
SER 'L-peptide linking' y SERINE          ? 'C3 H7 N O3'     105.093 
THR 'L-peptide linking' y THREONINE       ? 'C4 H9 N O3'     119.119 
TRP 'L-peptide linking' y TRYPTOPHAN      ? 'C11 H12 N2 O2'  204.225 
TYR 'L-peptide linking' y TYROSINE        ? 'C9 H11 N O3'    181.189 
VAL 'L-peptide linking' y VALINE          ? 'C5 H11 N O2'    117.146 
# 
_exptl.entry_id          2Y6J 
_exptl.method            'X-RAY DIFFRACTION' 
_exptl.crystals_number   1 
# 
_exptl_crystal.id                    1 
_exptl_crystal.density_meas          ? 
_exptl_crystal.density_Matthews      2.1 
_exptl_crystal.density_percent_sol   41.2 
_exptl_crystal.description           NONE 
# 
_exptl_crystal_grow.crystal_id      1 
_exptl_crystal_grow.method          ? 
_exptl_crystal_grow.temp            ? 
_exptl_crystal_grow.temp_details    ? 
_exptl_crystal_grow.pH              6.5 
_exptl_crystal_grow.pdbx_pH_range   ? 
_exptl_crystal_grow.pdbx_details    '1.4 M SODIUM CITRATE PH 6.5' 
# 
_diffrn.id                     1 
_diffrn.ambient_temp           100 
_diffrn.ambient_temp_details   ? 
_diffrn.crystal_id             1 
# 
_diffrn_detector.diffrn_id              1 
_diffrn_detector.detector               CCD 
_diffrn_detector.type                   'MARRESEARCH SX-165' 
_diffrn_detector.pdbx_collection_date   2007-12-13 
_diffrn_detector.details                MIRRORS 
# 
_diffrn_radiation.diffrn_id                        1 
_diffrn_radiation.wavelength_id                    1 
_diffrn_radiation.pdbx_monochromatic_or_laue_m_l   M 
_diffrn_radiation.monochromator                    'GERMANIUM CRYSTAL' 
_diffrn_radiation.pdbx_diffrn_protocol             'SINGLE WAVELENGTH' 
_diffrn_radiation.pdbx_scattering_type             x-ray 
# 
_diffrn_radiation_wavelength.id           1 
_diffrn_radiation_wavelength.wavelength   1.04 
_diffrn_radiation_wavelength.wt           1.0 
# 
_diffrn_source.diffrn_id                   1 
_diffrn_source.source                      SYNCHROTRON 
_diffrn_source.type                        'MAX II BEAMLINE I911-2' 
_diffrn_source.pdbx_synchrotron_site       'MAX II' 
_diffrn_source.pdbx_synchrotron_beamline   I911-2 
_diffrn_source.pdbx_wavelength             1.04 
_diffrn_source.pdbx_wavelength_list        ? 
# 
_reflns.pdbx_diffrn_id               1 
_reflns.pdbx_ordinal                 1 
_reflns.entry_id                     2Y6J 
_reflns.observed_criterion_sigma_I   -3.0 
_reflns.observed_criterion_sigma_F   ? 
_reflns.d_resolution_low             17.00 
_reflns.d_resolution_high            1.70 
_reflns.number_obs                   16932 
_reflns.number_all                   ? 
_reflns.percent_possible_obs         99.5 
_reflns.pdbx_Rmerge_I_obs            0.06 
_reflns.pdbx_Rsym_value              ? 
_reflns.pdbx_netI_over_sigmaI        15.60 
_reflns.B_iso_Wilson_estimate        ? 
_reflns.pdbx_redundancy              3.5 
_reflns.pdbx_CC_half                 ? 
_reflns.pdbx_Rpim_I_all              ? 
_reflns.pdbx_Rrim_I_all              ? 
# 
_reflns_shell.pdbx_diffrn_id         1 
_reflns_shell.pdbx_ordinal           1 
_reflns_shell.d_res_high             1.70 
_reflns_shell.d_res_low              1.74 
_reflns_shell.percent_possible_all   99.6 
_reflns_shell.Rmerge_I_obs           0.57 
_reflns_shell.pdbx_Rsym_value        ? 
_reflns_shell.meanI_over_sigI_obs    2.30 
_reflns_shell.pdbx_redundancy        ? 
_reflns_shell.number_measured_obs    ? 
_reflns_shell.number_unique_all      ? 
_reflns_shell.number_unique_obs      ? 
_reflns_shell.pdbx_CC_half           ? 
_reflns_shell.pdbx_Rpim_I_all        ? 
_reflns_shell.pdbx_Rrim_I_all        ? 
# 
_refine.pdbx_refine_id                           'X-RAY DIFFRACTION' 
_refine.entry_id                                 2Y6J 
_refine.pdbx_diffrn_id                           1 
_refine.pdbx_TLS_residual_ADP_flag               ? 
_refine.ls_number_reflns_obs                     16078 
_refine.ls_number_reflns_all                     ? 
_refine.pdbx_ls_sigma_I                          ? 
_refine.pdbx_ls_sigma_F                          0 
_refine.pdbx_data_cutoff_high_absF               ? 
_refine.pdbx_data_cutoff_low_absF                ? 
_refine.pdbx_data_cutoff_high_rms_absF           ? 
_refine.ls_d_res_low                             17 
_refine.ls_d_res_high                            1.7 
_refine.ls_percent_reflns_obs                    94.4 
_refine.ls_R_factor_obs                          0.156 
_refine.ls_R_factor_all                          ? 
_refine.ls_R_factor_R_work                       0.153 
_refine.ls_R_factor_R_free                       0.201 
_refine.ls_R_factor_R_free_error                 ? 
_refine.ls_R_factor_R_free_error_details         ? 
_refine.ls_percent_reflns_R_free                 5.0 
_refine.ls_number_reflns_R_free                  853 
_refine.ls_number_parameters                     ? 
_refine.ls_number_restraints                     ? 
_refine.occupancy_min                            ? 
_refine.occupancy_max                            ? 
_refine.correlation_coeff_Fo_to_Fc               0.971 
_refine.correlation_coeff_Fo_to_Fc_free          0.948 
_refine.B_iso_mean                               14.0 
_refine.aniso_B[1][1]                            2.25 
_refine.aniso_B[2][2]                            -1.18 
_refine.aniso_B[3][3]                            -1.07 
_refine.aniso_B[1][2]                            0.00 
_refine.aniso_B[1][3]                            0.00 
_refine.aniso_B[2][3]                            0.00 
_refine.solvent_model_details                    'BABINET MODEL WTH MASK' 
_refine.solvent_model_param_ksol                 ? 
_refine.solvent_model_param_bsol                 ? 
_refine.pdbx_solvent_vdw_probe_radii             1.4 
_refine.pdbx_solvent_ion_probe_radii             0.8 
_refine.pdbx_solvent_shrinkage_radii             0.8 
_refine.pdbx_ls_cross_valid_method               THROUGHOUT 
_refine.details                                  'HYDROGENS HAVE BEEN ADDED IN THE RIDING POSITIONS.' 
_refine.pdbx_starting_model                      'PDB ENTRY 1K42' 
_refine.pdbx_method_to_determine_struct          'MOLECULAR REPLACEMENT' 
_refine.pdbx_isotropic_thermal_model             ? 
_refine.pdbx_stereochemistry_target_values       'MAXIMUM LIKELIHOOD' 
_refine.pdbx_stereochem_target_val_spec_case     ? 
_refine.pdbx_R_Free_selection_details            RANDOMN 
_refine.pdbx_overall_ESU_R                       0.102 
_refine.pdbx_overall_ESU_R_Free                  0.106 
_refine.overall_SU_ML                            0.066 
_refine.pdbx_overall_phase_error                 ? 
_refine.overall_SU_B                             2.04 
_refine.overall_SU_R_Cruickshank_DPI             ? 
_refine.pdbx_overall_SU_R_free_Cruickshank_DPI   ? 
_refine.pdbx_overall_SU_R_Blow_DPI               ? 
_refine.pdbx_overall_SU_R_free_Blow_DPI          ? 
# 
_refine_hist.pdbx_refine_id                   'X-RAY DIFFRACTION' 
_refine_hist.cycle_id                         LAST 
_refine_hist.pdbx_number_atoms_protein        1259 
_refine_hist.pdbx_number_atoms_nucleic_acid   0 
_refine_hist.pdbx_number_atoms_ligand         1 
_refine_hist.number_atoms_solvent             201 
_refine_hist.number_atoms_total               1461 
_refine_hist.d_res_high                       1.7 
_refine_hist.d_res_low                        17 
# 
loop_
_refine_ls_restr.type 
_refine_ls_restr.dev_ideal 
_refine_ls_restr.dev_ideal_target 
_refine_ls_restr.weight 
_refine_ls_restr.number 
_refine_ls_restr.pdbx_refine_id 
_refine_ls_restr.pdbx_restraint_function 
r_bond_refined_d             0.015  0.022  ? 1320 'X-RAY DIFFRACTION' ? 
r_bond_other_d               0.001  0.020  ? 814  'X-RAY DIFFRACTION' ? 
r_angle_refined_deg          1.467  1.931  ? 1821 'X-RAY DIFFRACTION' ? 
r_angle_other_deg            0.957  3.000  ? 2008 'X-RAY DIFFRACTION' ? 
r_dihedral_angle_1_deg       6.706  5.000  ? 176  'X-RAY DIFFRACTION' ? 
r_dihedral_angle_2_deg       39.24  25.484 ? 62   'X-RAY DIFFRACTION' ? 
r_dihedral_angle_3_deg       12.439 15.000 ? 187  'X-RAY DIFFRACTION' ? 
r_dihedral_angle_4_deg       18.545 15.000 ? 5    'X-RAY DIFFRACTION' ? 
r_chiral_restr               0.099  0.2    ? 216  'X-RAY DIFFRACTION' ? 
r_gen_planes_refined         0.007  0.021  ? 1525 'X-RAY DIFFRACTION' ? 
r_gen_planes_other           0.001  0.020  ? 258  'X-RAY DIFFRACTION' ? 
r_nbd_refined                ?      ?      ? ?    'X-RAY DIFFRACTION' ? 
r_nbd_other                  ?      ?      ? ?    'X-RAY DIFFRACTION' ? 
r_nbtor_refined              ?      ?      ? ?    'X-RAY DIFFRACTION' ? 
r_nbtor_other                ?      ?      ? ?    'X-RAY DIFFRACTION' ? 
r_xyhbond_nbd_refined        ?      ?      ? ?    'X-RAY DIFFRACTION' ? 
r_xyhbond_nbd_other          ?      ?      ? ?    'X-RAY DIFFRACTION' ? 
r_metal_ion_refined          ?      ?      ? ?    'X-RAY DIFFRACTION' ? 
r_metal_ion_other            ?      ?      ? ?    'X-RAY DIFFRACTION' ? 
r_symmetry_vdw_refined       ?      ?      ? ?    'X-RAY DIFFRACTION' ? 
r_symmetry_vdw_other         ?      ?      ? ?    'X-RAY DIFFRACTION' ? 
r_symmetry_hbond_refined     ?      ?      ? ?    'X-RAY DIFFRACTION' ? 
r_symmetry_hbond_other       ?      ?      ? ?    'X-RAY DIFFRACTION' ? 
r_symmetry_metal_ion_refined ?      ?      ? ?    'X-RAY DIFFRACTION' ? 
r_symmetry_metal_ion_other   ?      ?      ? ?    'X-RAY DIFFRACTION' ? 
r_mcbond_it                  0.93   1.5    ? 845  'X-RAY DIFFRACTION' ? 
r_mcbond_other               0.264  1.500  ? 346  'X-RAY DIFFRACTION' ? 
r_mcangle_it                 1.655  2.000  ? 1382 'X-RAY DIFFRACTION' ? 
r_mcangle_other              ?      ?      ? ?    'X-RAY DIFFRACTION' ? 
r_scbond_it                  2.554  3.000  ? 475  'X-RAY DIFFRACTION' ? 
r_scbond_other               ?      ?      ? ?    'X-RAY DIFFRACTION' ? 
r_scangle_it                 4.199  4.500  ? 433  'X-RAY DIFFRACTION' ? 
r_scangle_other              ?      ?      ? ?    'X-RAY DIFFRACTION' ? 
r_long_range_B_refined       ?      ?      ? ?    'X-RAY DIFFRACTION' ? 
r_long_range_B_other         ?      ?      ? ?    'X-RAY DIFFRACTION' ? 
r_rigid_bond_restr           ?      ?      ? ?    'X-RAY DIFFRACTION' ? 
r_sphericity_free            ?      ?      ? ?    'X-RAY DIFFRACTION' ? 
r_sphericity_bonded          ?      ?      ? ?    'X-RAY DIFFRACTION' ? 
# 
_refine_ls_shell.pdbx_refine_id                   'X-RAY DIFFRACTION' 
_refine_ls_shell.pdbx_total_number_of_bins_used   20 
_refine_ls_shell.d_res_high                       1.7 
_refine_ls_shell.d_res_low                        1.74 
_refine_ls_shell.number_reflns_R_work             1106 
_refine_ls_shell.R_factor_R_work                  0.259 
_refine_ls_shell.percent_reflns_obs               96.5 
_refine_ls_shell.R_factor_R_free                  0.278 
_refine_ls_shell.R_factor_R_free_error            ? 
_refine_ls_shell.percent_reflns_R_free            ? 
_refine_ls_shell.number_reflns_R_free             64 
_refine_ls_shell.number_reflns_all                ? 
_refine_ls_shell.R_factor_all                     ? 
_refine_ls_shell.R_factor_obs                     ? 
_refine_ls_shell.number_reflns_obs                ? 
# 
_struct.entry_id                  2Y6J 
_struct.title                     
'X-2 engineered mutated CBM4-2 Carbohydrate Binding Module from a Thermostable Rhodothermus marinus Xylanase' 
_struct.pdbx_model_details        ? 
_struct.pdbx_CASP_flag            ? 
_struct.pdbx_model_type_details   ? 
# 
_struct_keywords.entry_id        2Y6J 
_struct_keywords.pdbx_keywords   HYDROLASE 
_struct_keywords.text            HYDROLASE 
# 
loop_
_struct_asym.id 
_struct_asym.pdbx_blank_PDB_chainid_flag 
_struct_asym.pdbx_modified 
_struct_asym.entity_id 
_struct_asym.details 
A N N 1 ? 
B N N 2 ? 
C N N 3 ? 
# 
loop_
_struct_conf.conf_type_id 
_struct_conf.id 
_struct_conf.pdbx_PDB_helix_id 
_struct_conf.beg_label_comp_id 
_struct_conf.beg_label_asym_id 
_struct_conf.beg_label_seq_id 
_struct_conf.pdbx_beg_PDB_ins_code 
_struct_conf.end_label_comp_id 
_struct_conf.end_label_asym_id 
_struct_conf.end_label_seq_id 
_struct_conf.pdbx_end_PDB_ins_code 
_struct_conf.beg_auth_comp_id 
_struct_conf.beg_auth_asym_id 
_struct_conf.beg_auth_seq_id 
_struct_conf.end_auth_comp_id 
_struct_conf.end_auth_asym_id 
_struct_conf.end_auth_seq_id 
_struct_conf.pdbx_PDB_helix_class 
_struct_conf.details 
_struct_conf.pdbx_PDB_helix_length 
HELX_P HELX_P1 1 ASN A 67  ? PHE A 69  ? ASN A 67  PHE A 69  5 ? 3 
HELX_P HELX_P2 2 TYR A 149 ? VAL A 153 ? TYR A 149 VAL A 153 5 ? 5 
# 
_struct_conf_type.id          HELX_P 
_struct_conf_type.criteria    ? 
_struct_conf_type.reference   ? 
# 
loop_
_struct_conn.id 
_struct_conn.conn_type_id 
_struct_conn.pdbx_leaving_atom_flag 
_struct_conn.pdbx_PDB_id 
_struct_conn.ptnr1_label_asym_id 
_struct_conn.ptnr1_label_comp_id 
_struct_conn.ptnr1_label_seq_id 
_struct_conn.ptnr1_label_atom_id 
_struct_conn.pdbx_ptnr1_label_alt_id 
_struct_conn.pdbx_ptnr1_PDB_ins_code 
_struct_conn.pdbx_ptnr1_standard_comp_id 
_struct_conn.ptnr1_symmetry 
_struct_conn.ptnr2_label_asym_id 
_struct_conn.ptnr2_label_comp_id 
_struct_conn.ptnr2_label_seq_id 
_struct_conn.ptnr2_label_atom_id 
_struct_conn.pdbx_ptnr2_label_alt_id 
_struct_conn.pdbx_ptnr2_PDB_ins_code 
_struct_conn.ptnr1_auth_asym_id 
_struct_conn.ptnr1_auth_comp_id 
_struct_conn.ptnr1_auth_seq_id 
_struct_conn.ptnr2_auth_asym_id 
_struct_conn.ptnr2_auth_comp_id 
_struct_conn.ptnr2_auth_seq_id 
_struct_conn.ptnr2_symmetry 
_struct_conn.pdbx_ptnr3_label_atom_id 
_struct_conn.pdbx_ptnr3_label_seq_id 
_struct_conn.pdbx_ptnr3_label_comp_id 
_struct_conn.pdbx_ptnr3_label_asym_id 
_struct_conn.pdbx_ptnr3_label_alt_id 
_struct_conn.pdbx_ptnr3_PDB_ins_code 
_struct_conn.details 
_struct_conn.pdbx_dist_value 
_struct_conn.pdbx_value_order 
_struct_conn.pdbx_role 
metalc1 metalc ? ? A GLY 9   O   ? ? ? 1_555 B CA  . CA ? ? A GLY 9    A CA  1170 1_555 ? ? ? ? ? ? ? 2.343 ? ? 
metalc2 metalc ? ? A GLU 52  O   ? ? ? 1_555 B CA  . CA ? ? A GLU 52   A CA  1170 1_555 ? ? ? ? ? ? ? 2.313 ? ? 
metalc3 metalc ? ? A LYS 55  O   ? ? ? 1_555 B CA  . CA ? ? A LYS 55   A CA  1170 1_555 ? ? ? ? ? ? ? 2.200 ? ? 
metalc4 metalc ? ? A ASP 160 OD1 ? ? ? 1_555 B CA  . CA ? ? A ASP 160  A CA  1170 1_555 ? ? ? ? ? ? ? 2.317 ? ? 
metalc5 metalc ? ? A ASP 160 OD2 ? ? ? 1_555 B CA  . CA ? ? A ASP 160  A CA  1170 1_555 ? ? ? ? ? ? ? 2.866 ? ? 
metalc6 metalc ? ? B CA  .   CA  ? ? ? 1_555 C HOH . O  ? ? A CA  1170 A HOH 2018 1_555 ? ? ? ? ? ? ? 2.885 ? ? 
metalc7 metalc ? ? B CA  .   CA  ? ? ? 1_555 C HOH . O  ? ? A CA  1170 A HOH 2086 1_555 ? ? ? ? ? ? ? 2.569 ? ? 
# 
_struct_conn_type.id          metalc 
_struct_conn_type.criteria    ? 
_struct_conn_type.reference   ? 
# 
_struct_mon_prot_cis.pdbx_id                1 
_struct_mon_prot_cis.label_comp_id          LEU 
_struct_mon_prot_cis.label_seq_id           76 
_struct_mon_prot_cis.label_asym_id          A 
_struct_mon_prot_cis.label_alt_id           . 
_struct_mon_prot_cis.pdbx_PDB_ins_code      ? 
_struct_mon_prot_cis.auth_comp_id           LEU 
_struct_mon_prot_cis.auth_seq_id            76 
_struct_mon_prot_cis.auth_asym_id           A 
_struct_mon_prot_cis.pdbx_label_comp_id_2   PRO 
_struct_mon_prot_cis.pdbx_label_seq_id_2    77 
_struct_mon_prot_cis.pdbx_label_asym_id_2   A 
_struct_mon_prot_cis.pdbx_PDB_ins_code_2    ? 
_struct_mon_prot_cis.pdbx_auth_comp_id_2    PRO 
_struct_mon_prot_cis.pdbx_auth_seq_id_2     77 
_struct_mon_prot_cis.pdbx_auth_asym_id_2    A 
_struct_mon_prot_cis.pdbx_PDB_model_num     1 
_struct_mon_prot_cis.pdbx_omega_angle       -1.82 
# 
loop_
_struct_sheet.id 
_struct_sheet.type 
_struct_sheet.number_strands 
_struct_sheet.details 
AA ? 6 ? 
AB ? 5 ? 
# 
loop_
_struct_sheet_order.sheet_id 
_struct_sheet_order.range_id_1 
_struct_sheet_order.range_id_2 
_struct_sheet_order.offset 
_struct_sheet_order.sense 
AA 1 2 ? anti-parallel 
AA 2 3 ? anti-parallel 
AA 3 4 ? anti-parallel 
AA 4 5 ? anti-parallel 
AA 5 6 ? anti-parallel 
AB 1 2 ? anti-parallel 
AB 2 3 ? anti-parallel 
AB 3 4 ? anti-parallel 
AB 4 5 ? anti-parallel 
# 
loop_
_struct_sheet_range.sheet_id 
_struct_sheet_range.id 
_struct_sheet_range.beg_label_comp_id 
_struct_sheet_range.beg_label_asym_id 
_struct_sheet_range.beg_label_seq_id 
_struct_sheet_range.pdbx_beg_PDB_ins_code 
_struct_sheet_range.end_label_comp_id 
_struct_sheet_range.end_label_asym_id 
_struct_sheet_range.end_label_seq_id 
_struct_sheet_range.pdbx_end_PDB_ins_code 
_struct_sheet_range.beg_auth_comp_id 
_struct_sheet_range.beg_auth_asym_id 
_struct_sheet_range.beg_auth_seq_id 
_struct_sheet_range.end_auth_comp_id 
_struct_sheet_range.end_auth_asym_id 
_struct_sheet_range.end_auth_seq_id 
AA 1 GLY A 16  ? VAL A 17  ? GLY A 16  VAL A 17  
AA 2 VAL A 41  ? GLU A 46  ? VAL A 41  GLU A 46  
AA 3 LYS A 55  ? THR A 60  ? LYS A 55  THR A 60  
AA 4 THR A 156 ? ASP A 166 ? THR A 156 ASP A 166 
AA 5 THR A 85  ? ALA A 94  ? THR A 85  ALA A 94  
AA 6 GLN A 126 ? THR A 133 ? GLN A 126 THR A 133 
AB 1 TRP A 28  ? VAL A 32  ? TRP A 28  VAL A 32  
AB 2 ILE A 71  ? ASN A 79  ? ILE A 71  ASN A 79  
AB 3 VAL A 140 ? HIS A 146 ? VAL A 140 HIS A 146 
AB 4 ALA A 99  ? GLY A 106 ? ALA A 99  GLY A 106 
AB 5 GLU A 112 ? ILE A 121 ? GLU A 112 ILE A 121 
# 
loop_
_pdbx_struct_sheet_hbond.sheet_id 
_pdbx_struct_sheet_hbond.range_id_1 
_pdbx_struct_sheet_hbond.range_id_2 
_pdbx_struct_sheet_hbond.range_1_label_atom_id 
_pdbx_struct_sheet_hbond.range_1_label_comp_id 
_pdbx_struct_sheet_hbond.range_1_label_asym_id 
_pdbx_struct_sheet_hbond.range_1_label_seq_id 
_pdbx_struct_sheet_hbond.range_1_PDB_ins_code 
_pdbx_struct_sheet_hbond.range_1_auth_atom_id 
_pdbx_struct_sheet_hbond.range_1_auth_comp_id 
_pdbx_struct_sheet_hbond.range_1_auth_asym_id 
_pdbx_struct_sheet_hbond.range_1_auth_seq_id 
_pdbx_struct_sheet_hbond.range_2_label_atom_id 
_pdbx_struct_sheet_hbond.range_2_label_comp_id 
_pdbx_struct_sheet_hbond.range_2_label_asym_id 
_pdbx_struct_sheet_hbond.range_2_label_seq_id 
_pdbx_struct_sheet_hbond.range_2_PDB_ins_code 
_pdbx_struct_sheet_hbond.range_2_auth_atom_id 
_pdbx_struct_sheet_hbond.range_2_auth_comp_id 
_pdbx_struct_sheet_hbond.range_2_auth_asym_id 
_pdbx_struct_sheet_hbond.range_2_auth_seq_id 
AA 1 2 N GLY A 16  ? N GLY A 16  O VAL A 44  ? O VAL A 44  
AA 2 3 N LEU A 45  ? N LEU A 45  O VAL A 56  ? O VAL A 56  
AA 3 4 N VAL A 59  ? N VAL A 59  O ILE A 157 ? O ILE A 157 
AA 4 5 N VAL A 165 ? N VAL A 165 O THR A 87  ? O THR A 87  
AA 5 6 N ALA A 92  ? N ALA A 92  O GLN A 126 ? O GLN A 126 
AB 1 2 N ASN A 31  ? N ASN A 31  O GLN A 72  ? O GLN A 72  
AB 2 3 N VAL A 78  ? N VAL A 78  O ILE A 141 ? O ILE A 141 
AB 3 4 N HIS A 146 ? N HIS A 146 O SER A 102 ? O SER A 102 
AB 4 5 O VAL A 105 ? O VAL A 105 N TYR A 113 ? N TYR A 113 
# 
_struct_site.id                   AC1 
_struct_site.pdbx_evidence_code   Software 
_struct_site.pdbx_auth_asym_id    A 
_struct_site.pdbx_auth_comp_id    CA 
_struct_site.pdbx_auth_seq_id     1170 
_struct_site.pdbx_auth_ins_code   ? 
_struct_site.pdbx_num_residues    6 
_struct_site.details              'BINDING SITE FOR RESIDUE CA A 1170' 
# 
loop_
_struct_site_gen.id 
_struct_site_gen.site_id 
_struct_site_gen.pdbx_num_res 
_struct_site_gen.label_comp_id 
_struct_site_gen.label_asym_id 
_struct_site_gen.label_seq_id 
_struct_site_gen.pdbx_auth_ins_code 
_struct_site_gen.auth_comp_id 
_struct_site_gen.auth_asym_id 
_struct_site_gen.auth_seq_id 
_struct_site_gen.label_atom_id 
_struct_site_gen.label_alt_id 
_struct_site_gen.symmetry 
_struct_site_gen.details 
1 AC1 6 GLY A 9   ? GLY A 9    . ? 1_555 ? 
2 AC1 6 GLU A 52  ? GLU A 52   . ? 1_555 ? 
3 AC1 6 LYS A 55  ? LYS A 55   . ? 1_555 ? 
4 AC1 6 ASP A 160 ? ASP A 160  . ? 1_555 ? 
5 AC1 6 HOH C .   ? HOH A 2018 . ? 1_555 ? 
6 AC1 6 HOH C .   ? HOH A 2086 . ? 1_555 ? 
# 
_atom_sites.entry_id                    2Y6J 
_atom_sites.fract_transf_matrix[1][1]   0.00012051 
_atom_sites.fract_transf_matrix[1][2]   0.01818140 
_atom_sites.fract_transf_matrix[1][3]   0.00984895 
_atom_sites.fract_transf_matrix[2][1]   0.00885869 
_atom_sites.fract_transf_matrix[2][2]   -0.00865458 
_atom_sites.fract_transf_matrix[2][3]   0.01586816 
_atom_sites.fract_transf_matrix[3][1]   0.01444773 
_atom_sites.fract_transf_matrix[3][2]   0.00329883 
_atom_sites.fract_transf_matrix[3][3]   -0.00626650 
_atom_sites.fract_transf_vector[1]      -0.308845 
_atom_sites.fract_transf_vector[2]      -0.061714 
_atom_sites.fract_transf_vector[3]      -0.125385 
# 
loop_
_atom_type.symbol 
C  
CA 
N  
O  
S  
# 
loop_
_atom_site.group_PDB 
_atom_site.id 
_atom_site.type_symbol 
_atom_site.label_atom_id 
_atom_site.label_alt_id 
_atom_site.label_comp_id 
_atom_site.label_asym_id 
_atom_site.label_entity_id 
_atom_site.label_seq_id 
_atom_site.pdbx_PDB_ins_code 
_atom_site.Cartn_x 
_atom_site.Cartn_y 
_atom_site.Cartn_z 
_atom_site.occupancy 
_atom_site.B_iso_or_equiv 
_atom_site.pdbx_formal_charge 
_atom_site.auth_seq_id 
_atom_site.auth_comp_id 
_atom_site.auth_asym_id 
_atom_site.auth_atom_id 
_atom_site.pdbx_PDB_model_num 
ATOM   1    N  N   . MET A 1 1   ? 11.887  16.061  -1.804  1.00 22.57 ?  1    MET A N   1 
ATOM   2    C  CA  A MET A 1 1   ? 11.328  15.567  -0.509  0.50 22.57 ?  1    MET A CA  1 
ATOM   3    C  CA  B MET A 1 1   ? 11.273  15.475  -0.567  0.50 23.23 ?  1    MET A CA  1 
ATOM   4    C  C   . MET A 1 1   ? 12.221  14.443  0.021   1.00 22.16 ?  1    MET A C   1 
ATOM   5    O  O   . MET A 1 1   ? 12.934  13.797  -0.731  1.00 22.53 ?  1    MET A O   1 
ATOM   6    C  CB  A MET A 1 1   ? 9.871   15.088  -0.689  0.50 22.93 ?  1    MET A CB  1 
ATOM   7    C  CB  B MET A 1 1   ? 9.954   14.772  -0.912  0.50 23.96 ?  1    MET A CB  1 
ATOM   8    C  CG  A MET A 1 1   ? 9.157   14.668  0.603   0.50 23.72 ?  1    MET A CG  1 
ATOM   9    C  CG  B MET A 1 1   ? 8.705   15.542  -0.624  0.50 26.67 ?  1    MET A CG  1 
ATOM   10   S  SD  A MET A 1 1   ? 7.337   14.531  0.435   0.50 27.55 ?  1    MET A SD  1 
ATOM   11   S  SD  B MET A 1 1   ? 7.285   14.503  -1.024  0.50 31.48 ?  1    MET A SD  1 
ATOM   12   C  CE  A MET A 1 1   ? 7.027   16.150  -0.298  0.50 22.85 ?  1    MET A CE  1 
ATOM   13   C  CE  B MET A 1 1   ? 7.824   13.747  -2.559  0.50 26.88 ?  1    MET A CE  1 
ATOM   14   N  N   . LEU A 1 2   ? 12.214  14.267  1.335   1.00 21.03 ?  2    LEU A N   1 
ATOM   15   C  CA  . LEU A 1 2   ? 12.955  13.205  1.974   1.00 20.02 ?  2    LEU A CA  1 
ATOM   16   C  C   . LEU A 1 2   ? 11.920  12.193  2.421   1.00 20.06 ?  2    LEU A C   1 
ATOM   17   O  O   . LEU A 1 2   ? 11.105  12.485  3.290   1.00 22.26 ?  2    LEU A O   1 
ATOM   18   C  CB  . LEU A 1 2   ? 13.769  13.739  3.137   1.00 20.56 ?  2    LEU A CB  1 
ATOM   19   C  CG  . LEU A 1 2   ? 14.909  14.724  2.811   1.00 18.37 ?  2    LEU A CG  1 
ATOM   20   C  CD1 . LEU A 1 2   ? 15.695  15.016  4.064   1.00 19.35 ?  2    LEU A CD1 1 
ATOM   21   C  CD2 . LEU A 1 2   ? 15.834  14.218  1.698   1.00 16.68 ?  2    LEU A CD2 1 
ATOM   22   N  N   . VAL A 1 3   ? 11.859  11.063  1.739   1.00 18.26 ?  3    VAL A N   1 
ATOM   23   C  CA  . VAL A 1 3   ? 10.907  10.008  2.099   1.00 17.87 ?  3    VAL A CA  1 
ATOM   24   C  C   . VAL A 1 3   ? 11.618  8.717   2.520   1.00 16.74 ?  3    VAL A C   1 
ATOM   25   O  O   . VAL A 1 3   ? 12.708  8.403   2.053   1.00 17.38 ?  3    VAL A O   1 
ATOM   26   C  CB  . VAL A 1 3   ? 9.924   9.711   0.930   1.00 18.98 ?  3    VAL A CB  1 
ATOM   27   C  CG1 . VAL A 1 3   ? 8.992   10.939  0.690   1.00 20.87 ?  3    VAL A CG1 1 
ATOM   28   C  CG2 . VAL A 1 3   ? 10.684  9.322   -0.320  1.00 21.08 ?  3    VAL A CG2 1 
ATOM   29   N  N   . ALA A 1 4   ? 10.996  7.965   3.414   1.00 14.54 ?  4    ALA A N   1 
ATOM   30   C  CA  . ALA A 1 4   ? 11.600  6.729   3.935   1.00 14.55 ?  4    ALA A CA  1 
ATOM   31   C  C   . ALA A 1 4   ? 11.428  5.554   2.990   1.00 13.84 ?  4    ALA A C   1 
ATOM   32   O  O   . ALA A 1 4   ? 12.238  4.612   3.006   1.00 14.81 ?  4    ALA A O   1 
ATOM   33   C  CB  . ALA A 1 4   ? 10.983  6.351   5.326   1.00 12.32 ?  4    ALA A CB  1 
ATOM   34   N  N   . ASN A 1 5   ? 10.342  5.584   2.217   1.00 14.25 ?  5    ASN A N   1 
ATOM   35   C  CA  . ASN A 1 5   ? 9.997   4.519   1.310   1.00 14.02 ?  5    ASN A CA  1 
ATOM   36   C  C   . ASN A 1 5   ? 10.529  4.778   -0.098  1.00 14.42 ?  5    ASN A C   1 
ATOM   37   O  O   . ASN A 1 5   ? 10.997  5.869   -0.415  1.00 16.17 ?  5    ASN A O   1 
ATOM   38   C  CB  . ASN A 1 5   ? 8.475   4.301   1.291   1.00 14.64 ?  5    ASN A CB  1 
ATOM   39   C  CG  . ASN A 1 5   ? 7.714   5.535   0.917   1.00 13.43 ?  5    ASN A CG  1 
ATOM   40   O  OD1 . ASN A 1 5   ? 7.812   6.563   1.597   1.00 13.87 ?  5    ASN A OD1 1 
ATOM   41   N  ND2 . ASN A 1 5   ? 6.978   5.465   -0.187  1.00 12.65 ?  5    ASN A ND2 1 
ATOM   42   N  N   . ILE A 1 6   ? 10.428  3.766   -0.944  1.00 13.58 ?  6    ILE A N   1 
ATOM   43   C  CA  . ILE A 1 6   ? 10.988  3.787   -2.267  1.00 14.25 ?  6    ILE A CA  1 
ATOM   44   C  C   . ILE A 1 6   ? 9.885   3.594   -3.301  1.00 14.07 ?  6    ILE A C   1 
ATOM   45   O  O   . ILE A 1 6   ? 9.018   2.736   -3.123  1.00 13.54 ?  6    ILE A O   1 
ATOM   46   C  CB  . ILE A 1 6   ? 11.970  2.626   -2.415  1.00 13.48 ?  6    ILE A CB  1 
ATOM   47   C  CG1 . ILE A 1 6   ? 13.118  2.764   -1.387  1.00 15.44 ?  6    ILE A CG1 1 
ATOM   48   C  CG2 . ILE A 1 6   ? 12.482  2.528   -3.857  1.00 15.38 ?  6    ILE A CG2 1 
ATOM   49   C  CD1 . ILE A 1 6   ? 13.971  1.531   -1.255  1.00 15.76 ?  6    ILE A CD1 1 
ATOM   50   N  N   . ASN A 1 7   ? 9.937   4.372   -4.386  1.00 13.90 ?  7    ASN A N   1 
ATOM   51   C  CA  . ASN A 1 7   ? 9.008   4.192   -5.501  1.00 14.35 ?  7    ASN A CA  1 
ATOM   52   C  C   . ASN A 1 7   ? 7.562   4.255   -5.006  1.00 15.20 ?  7    ASN A C   1 
ATOM   53   O  O   . ASN A 1 7   ? 6.720   3.471   -5.426  1.00 14.95 ?  7    ASN A O   1 
ATOM   54   C  CB  . ASN A 1 7   ? 9.306   2.852   -6.205  1.00 13.55 ?  7    ASN A CB  1 
ATOM   55   C  CG  . ASN A 1 7   ? 8.627   2.712   -7.579  1.00 14.93 ?  7    ASN A CG  1 
ATOM   56   O  OD1 . ASN A 1 7   ? 8.476   3.703   -8.309  1.00 17.44 ?  7    ASN A OD1 1 
ATOM   57   N  ND2 . ASN A 1 7   ? 8.264   1.470   -7.951  1.00 13.28 ?  7    ASN A ND2 1 
ATOM   58   N  N   . GLY A 1 8   ? 7.296   5.219   -4.137  1.00 15.29 ?  8    GLY A N   1 
ATOM   59   C  CA  . GLY A 1 8   ? 5.985   5.368   -3.493  1.00 16.46 ?  8    GLY A CA  1 
ATOM   60   C  C   . GLY A 1 8   ? 4.873   5.749   -4.461  1.00 17.00 ?  8    GLY A C   1 
ATOM   61   O  O   . GLY A 1 8   ? 3.711   5.599   -4.126  1.00 17.35 ?  8    GLY A O   1 
ATOM   62   N  N   . GLY A 1 9   ? 5.243   6.257   -5.643  1.00 16.50 ?  9    GLY A N   1 
ATOM   63   C  CA  . GLY A 1 9   ? 4.286   6.540   -6.721  1.00 17.33 ?  9    GLY A CA  1 
ATOM   64   C  C   . GLY A 1 9   ? 4.389   5.687   -7.970  1.00 18.15 ?  9    GLY A C   1 
ATOM   65   O  O   . GLY A 1 9   ? 3.773   6.022   -9.008  1.00 19.47 ?  9    GLY A O   1 
ATOM   66   N  N   . PHE A 1 10  ? 5.152   4.591   -7.879  1.00 17.01 ?  10   PHE A N   1 
ATOM   67   C  CA  . PHE A 1 10  ? 5.234   3.603   -8.947  1.00 17.65 ?  10   PHE A CA  1 
ATOM   68   C  C   . PHE A 1 10  ? 5.867   4.129   -10.219 1.00 18.46 ?  10   PHE A C   1 
ATOM   69   O  O   . PHE A 1 10  ? 5.835   3.457   -11.239 1.00 18.22 ?  10   PHE A O   1 
ATOM   70   C  CB  . PHE A 1 10  ? 3.842   2.987   -9.221  1.00 17.22 ?  10   PHE A CB  1 
ATOM   71   C  CG  . PHE A 1 10  ? 3.207   2.466   -7.973  1.00 16.61 ?  10   PHE A CG  1 
ATOM   72   C  CD1 . PHE A 1 10  ? 3.675   1.293   -7.392  1.00 16.80 ?  10   PHE A CD1 1 
ATOM   73   C  CD2 . PHE A 1 10  ? 2.204   3.187   -7.329  1.00 14.50 ?  10   PHE A CD2 1 
ATOM   74   C  CE1 . PHE A 1 10  ? 3.125   0.816   -6.174  1.00 16.75 ?  10   PHE A CE1 1 
ATOM   75   C  CE2 . PHE A 1 10  ? 1.659   2.726   -6.122  1.00 16.12 ?  10   PHE A CE2 1 
ATOM   76   C  CZ  . PHE A 1 10  ? 2.134   1.567   -5.531  1.00 17.30 ?  10   PHE A CZ  1 
ATOM   77   N  N   . GLU A 1 11  ? 6.535   5.263   -10.118 1.00 19.70 ?  11   GLU A N   1 
ATOM   78   C  CA  . GLU A 1 11  ? 7.101   5.896   -11.314 1.00 21.21 ?  11   GLU A CA  1 
ATOM   79   C  C   . GLU A 1 11  ? 8.225   5.090   -11.977 1.00 21.77 ?  11   GLU A C   1 
ATOM   80   O  O   . GLU A 1 11  ? 8.406   5.206   -13.196 1.00 22.92 ?  11   GLU A O   1 
ATOM   81   C  CB  . GLU A 1 11  ? 7.532   7.329   -11.020 1.00 21.84 ?  11   GLU A CB  1 
ATOM   82   C  CG  . GLU A 1 11  ? 6.376   8.181   -10.454 1.00 23.62 ?  11   GLU A CG  1 
ATOM   83   N  N   . SER A 1 12  ? 8.929   4.240   -11.223 1.00 20.59 ?  12   SER A N   1 
ATOM   84   C  CA  A SER A 1 12  ? 10.025  3.441   -11.766 0.50 21.00 ?  12   SER A CA  1 
ATOM   85   C  CA  B SER A 1 12  ? 10.021  3.452   -11.810 0.50 20.75 ?  12   SER A CA  1 
ATOM   86   C  C   . SER A 1 12  ? 9.535   2.156   -12.451 1.00 20.90 ?  12   SER A C   1 
ATOM   87   O  O   . SER A 1 12  ? 10.307  1.455   -13.112 1.00 22.25 ?  12   SER A O   1 
ATOM   88   C  CB  A SER A 1 12  ? 11.000  3.092   -10.640 0.50 21.19 ?  12   SER A CB  1 
ATOM   89   C  CB  B SER A 1 12  ? 11.083  3.119   -10.769 0.50 20.90 ?  12   SER A CB  1 
ATOM   90   O  OG  A SER A 1 12  ? 11.233  4.223   -9.802  0.50 21.57 ?  12   SER A OG  1 
ATOM   91   O  OG  B SER A 1 12  ? 10.683  2.033   -9.957  0.50 19.71 ?  12   SER A OG  1 
ATOM   92   N  N   . THR A 1 13  ? 8.258   1.831   -12.274 1.00 20.06 ?  13   THR A N   1 
ATOM   93   C  CA  . THR A 1 13  ? 7.750   0.549   -12.707 1.00 20.36 ?  13   THR A CA  1 
ATOM   94   C  C   . THR A 1 13  ? 7.045   0.652   -14.061 1.00 21.05 ?  13   THR A C   1 
ATOM   95   O  O   . THR A 1 13  ? 6.194   1.499   -14.252 1.00 20.49 ?  13   THR A O   1 
ATOM   96   C  CB  . THR A 1 13  ? 6.772   0.017   -11.648 1.00 20.71 ?  13   THR A CB  1 
ATOM   97   O  OG1 . THR A 1 13  ? 7.406   0.088   -10.361 1.00 21.30 ?  13   THR A OG1 1 
ATOM   98   C  CG2 . THR A 1 13  ? 6.373   -1.393  -11.953 1.00 20.11 ?  13   THR A CG2 1 
ATOM   99   N  N   . PRO A 1 14  ? 7.405   -0.225  -14.997 1.00 22.37 ?  14   PRO A N   1 
ATOM   100  C  CA  . PRO A 1 14  ? 6.704   -0.285  -16.279 1.00 23.22 ?  14   PRO A CA  1 
ATOM   101  C  C   . PRO A 1 14  ? 5.197   -0.507  -16.108 1.00 22.97 ?  14   PRO A C   1 
ATOM   102  O  O   . PRO A 1 14  ? 4.786   -1.291  -15.267 1.00 22.63 ?  14   PRO A O   1 
ATOM   103  C  CB  . PRO A 1 14  ? 7.326   -1.500  -16.982 1.00 23.27 ?  14   PRO A CB  1 
ATOM   104  C  CG  . PRO A 1 14  ? 8.543   -1.859  -16.248 1.00 24.71 ?  14   PRO A CG  1 
ATOM   105  C  CD  . PRO A 1 14  ? 8.439   -1.261  -14.851 1.00 22.52 ?  14   PRO A CD  1 
ATOM   106  N  N   . ALA A 1 15  ? 4.379   0.175   -16.906 1.00 23.48 ?  15   ALA A N   1 
ATOM   107  C  CA  . ALA A 1 15  ? 2.935   -0.092  -16.910 1.00 22.81 ?  15   ALA A CA  1 
ATOM   108  C  C   . ALA A 1 15  ? 2.654   -1.521  -17.361 1.00 22.78 ?  15   ALA A C   1 
ATOM   109  O  O   . ALA A 1 15  ? 3.360   -2.076  -18.208 1.00 23.43 ?  15   ALA A O   1 
ATOM   110  C  CB  . ALA A 1 15  ? 2.206   0.914   -17.792 1.00 23.73 ?  15   ALA A CB  1 
ATOM   111  N  N   . GLY A 1 16  ? 1.628   -2.135  -16.784 1.00 21.98 ?  16   GLY A N   1 
ATOM   112  C  CA  . GLY A 1 16  ? 1.238   -3.484  -17.129 1.00 20.95 ?  16   GLY A CA  1 
ATOM   113  C  C   . GLY A 1 16  ? 0.893   -4.302  -15.902 1.00 20.38 ?  16   GLY A C   1 
ATOM   114  O  O   . GLY A 1 16  ? 1.149   -3.867  -14.775 1.00 18.27 ?  16   GLY A O   1 
ATOM   115  N  N   . VAL A 1 17  ? 0.351   -5.497  -16.122 1.00 19.73 ?  17   VAL A N   1 
ATOM   116  C  CA  . VAL A 1 17  ? -0.025  -6.398  -15.051 1.00 21.49 ?  17   VAL A CA  1 
ATOM   117  C  C   . VAL A 1 17  ? 1.243   -6.851  -14.351 1.00 22.32 ?  17   VAL A C   1 
ATOM   118  O  O   . VAL A 1 17  ? 2.256   -7.107  -15.011 1.00 22.83 ?  17   VAL A O   1 
ATOM   119  C  CB  . VAL A 1 17  ? -0.855  -7.598  -15.557 1.00 21.52 ?  17   VAL A CB  1 
ATOM   120  C  CG1 . VAL A 1 17  ? -1.024  -8.721  -14.498 1.00 20.68 ?  17   VAL A CG1 1 
ATOM   121  C  CG2 . VAL A 1 17  ? -2.246  -7.112  -16.019 1.00 22.87 ?  17   VAL A CG2 1 
ATOM   122  N  N   . VAL A 1 18  ? 1.195   -6.858  -13.027 1.00 22.39 ?  18   VAL A N   1 
ATOM   123  C  CA  . VAL A 1 18  ? 2.300   -7.362  -12.207 1.00 22.44 ?  18   VAL A CA  1 
ATOM   124  C  C   . VAL A 1 18  ? 2.124   -8.851  -11.963 1.00 24.02 ?  18   VAL A C   1 
ATOM   125  O  O   . VAL A 1 18  ? 1.186   -9.299  -11.300 1.00 24.82 ?  18   VAL A O   1 
ATOM   126  C  CB  . VAL A 1 18  ? 2.394   -6.664  -10.847 1.00 22.44 ?  18   VAL A CB  1 
ATOM   127  C  CG1 . VAL A 1 18  ? 3.615   -7.193  -10.103 1.00 22.25 ?  18   VAL A CG1 1 
ATOM   128  C  CG2 . VAL A 1 18  ? 2.445   -5.156  -11.014 1.00 21.77 ?  18   VAL A CG2 1 
ATOM   129  N  N   . THR A 1 19  ? 3.039   -9.607  -12.541 1.00 25.09 ?  19   THR A N   1 
ATOM   130  C  CA  . THR A 1 19  ? 3.088   -11.039 -12.413 1.00 27.13 ?  19   THR A CA  1 
ATOM   131  C  C   . THR A 1 19  ? 4.193   -11.488 -11.396 1.00 25.91 ?  19   THR A C   1 
ATOM   132  O  O   . THR A 1 19  ? 4.063   -12.534 -10.761 1.00 27.71 ?  19   THR A O   1 
ATOM   133  C  CB  . THR A 1 19  ? 3.312   -11.609 -13.841 1.00 26.77 ?  19   THR A CB  1 
ATOM   134  O  OG1 . THR A 1 19  ? 4.577   -11.156 -14.337 1.00 32.10 ?  19   THR A OG1 1 
ATOM   135  C  CG2 . THR A 1 19  ? 2.244   -11.052 -14.786 1.00 30.60 ?  19   THR A CG2 1 
ATOM   136  N  N   . ASP A 1 20  ? 5.262   -10.707 -11.238 1.00 24.26 ?  20   ASP A N   1 
ATOM   137  C  CA  . ASP A 1 20  ? 6.294   -11.021 -10.248 1.00 22.13 ?  20   ASP A CA  1 
ATOM   138  C  C   . ASP A 1 20  ? 5.929   -10.243 -9.010  1.00 20.34 ?  20   ASP A C   1 
ATOM   139  O  O   . ASP A 1 20  ? 6.260   -9.072  -8.911  1.00 18.06 ?  20   ASP A O   1 
ATOM   140  C  CB  . ASP A 1 20  ? 7.669   -10.599 -10.738 1.00 22.76 ?  20   ASP A CB  1 
ATOM   141  C  CG  . ASP A 1 20  ? 8.787   -10.965 -9.761  1.00 24.47 ?  20   ASP A CG  1 
ATOM   142  O  OD1 . ASP A 1 20  ? 8.532   -11.349 -8.586  1.00 24.49 ?  20   ASP A OD1 1 
ATOM   143  O  OD2 . ASP A 1 20  ? 9.952   -10.824 -10.162 1.00 29.34 -1 20   ASP A OD2 1 
ATOM   144  N  N   . LEU A 1 21  ? 5.210   -10.877 -8.097  1.00 19.58 ?  21   LEU A N   1 
ATOM   145  C  CA  . LEU A 1 21  ? 4.621   -10.121 -6.996  1.00 19.09 ?  21   LEU A CA  1 
ATOM   146  C  C   . LEU A 1 21  ? 5.659   -9.654  -5.992  1.00 19.10 ?  21   LEU A C   1 
ATOM   147  O  O   . LEU A 1 21  ? 5.580   -8.541  -5.466  1.00 16.90 ?  21   LEU A O   1 
ATOM   148  C  CB  . LEU A 1 21  ? 3.536   -10.933 -6.298  1.00 19.11 ?  21   LEU A CB  1 
ATOM   149  C  CG  . LEU A 1 21  ? 2.291   -11.283 -7.122  1.00 20.78 ?  21   LEU A CG  1 
ATOM   150  C  CD1 . LEU A 1 21  ? 1.223   -11.797 -6.191  1.00 20.63 ?  21   LEU A CD1 1 
ATOM   151  C  CD2 . LEU A 1 21  ? 1.748   -10.092 -7.893  1.00 20.17 ?  21   LEU A CD2 1 
ATOM   152  N  N   . ALA A 1 22  ? 6.641   -10.508 -5.728  1.00 19.77 ?  22   ALA A N   1 
ATOM   153  C  CA  . ALA A 1 22  ? 7.667   -10.213 -4.740  1.00 20.96 ?  22   ALA A CA  1 
ATOM   154  C  C   . ALA A 1 22  ? 8.662   -9.154  -5.220  1.00 20.70 ?  22   ALA A C   1 
ATOM   155  O  O   . ALA A 1 22  ? 9.042   -8.276  -4.443  1.00 21.57 ?  22   ALA A O   1 
ATOM   156  C  CB  . ALA A 1 22  ? 8.402   -11.507 -4.332  1.00 20.82 ?  22   ALA A CB  1 
ATOM   157  N  N   . GLU A 1 23  ? 9.066   -9.210  -6.489  1.00 21.52 ?  23   GLU A N   1 
ATOM   158  C  CA  . GLU A 1 23  ? 10.133  -8.354  -7.015  1.00 22.63 ?  23   GLU A CA  1 
ATOM   159  C  C   . GLU A 1 23  ? 9.779   -7.506  -8.255  1.00 21.85 ?  23   GLU A C   1 
ATOM   160  O  O   . GLU A 1 23  ? 10.635  -6.735  -8.744  1.00 23.33 ?  23   GLU A O   1 
ATOM   161  C  CB  . GLU A 1 23  ? 11.389  -9.209  -7.313  1.00 24.20 ?  23   GLU A CB  1 
ATOM   162  C  CG  . GLU A 1 23  ? 11.774  -10.213 -6.185  1.00 27.62 ?  23   GLU A CG  1 
ATOM   163  C  CD  . GLU A 1 23  ? 13.024  -11.060 -6.529  1.00 34.94 ?  23   GLU A CD  1 
ATOM   164  O  OE1 . GLU A 1 23  ? 13.626  -10.837 -7.613  1.00 40.10 ?  23   GLU A OE1 1 
ATOM   165  O  OE2 . GLU A 1 23  ? 13.400  -11.964 -5.727  1.00 40.30 -1 23   GLU A OE2 1 
ATOM   166  N  N   . GLY A 1 24  ? 8.542   -7.590  -8.759  1.00 20.61 ?  24   GLY A N   1 
ATOM   167  C  CA  . GLY A 1 24  ? 8.168   -6.886  -9.993  1.00 19.59 ?  24   GLY A CA  1 
ATOM   168  C  C   . GLY A 1 24  ? 8.034   -5.383  -9.842  1.00 19.10 ?  24   GLY A C   1 
ATOM   169  O  O   . GLY A 1 24  ? 8.050   -4.653  -10.823 1.00 19.54 ?  24   GLY A O   1 
ATOM   170  N  N   . VAL A 1 25  ? 7.841   -4.929  -8.607  1.00 17.63 ?  25   VAL A N   1 
ATOM   171  C  CA  . VAL A 1 25  ? 7.663   -3.507  -8.329  1.00 15.94 ?  25   VAL A CA  1 
ATOM   172  C  C   . VAL A 1 25  ? 8.721   -3.081  -7.331  1.00 16.12 ?  25   VAL A C   1 
ATOM   173  O  O   . VAL A 1 25  ? 8.696   -3.511  -6.176  1.00 15.17 ?  25   VAL A O   1 
ATOM   174  C  CB  . VAL A 1 25  ? 6.243   -3.225  -7.751  1.00 16.63 ?  25   VAL A CB  1 
ATOM   175  C  CG1 . VAL A 1 25  ? 6.022   -1.716  -7.555  1.00 15.36 ?  25   VAL A CG1 1 
ATOM   176  C  CG2 . VAL A 1 25  ? 5.179   -3.856  -8.670  1.00 16.24 ?  25   VAL A CG2 1 
ATOM   177  N  N   . GLU A 1 26  ? 9.662   -2.243  -7.783  1.00 14.15 ?  26   GLU A N   1 
ATOM   178  C  CA  . GLU A 1 26  ? 10.692  -1.683  -6.902  1.00 13.99 ?  26   GLU A CA  1 
ATOM   179  C  C   . GLU A 1 26  ? 10.065  -1.042  -5.665  1.00 13.80 ?  26   GLU A C   1 
ATOM   180  O  O   . GLU A 1 26  ? 9.101   -0.273  -5.804  1.00 13.91 ?  26   GLU A O   1 
ATOM   181  C  CB  . GLU A 1 26  ? 11.473  -0.587  -7.658  1.00 15.15 ?  26   GLU A CB  1 
ATOM   182  C  CG  . GLU A 1 26  ? 12.647  -0.035  -6.876  1.00 16.53 ?  26   GLU A CG  1 
ATOM   183  C  CD  . GLU A 1 26  ? 13.327  1.176   -7.538  1.00 24.38 ?  26   GLU A CD  1 
ATOM   184  O  OE1 . GLU A 1 26  ? 12.621  2.065   -8.092  1.00 29.41 ?  26   GLU A OE1 1 
ATOM   185  O  OE2 . GLU A 1 26  ? 14.565  1.283   -7.400  1.00 26.77 -1 26   GLU A OE2 1 
ATOM   186  N  N   . GLY A 1 27  ? 10.612  -1.350  -4.480  1.00 13.30 ?  27   GLY A N   1 
ATOM   187  C  CA  . GLY A 1 27  ? 10.182  -0.706  -3.232  1.00 13.14 ?  27   GLY A CA  1 
ATOM   188  C  C   . GLY A 1 27  ? 8.927   -1.304  -2.610  1.00 13.50 ?  27   GLY A C   1 
ATOM   189  O  O   . GLY A 1 27  ? 8.423   -0.770  -1.627  1.00 12.67 ?  27   GLY A O   1 
ATOM   190  N  N   . TRP A 1 28  ? 8.418   -2.387  -3.205  1.00 12.41 ?  28   TRP A N   1 
ATOM   191  C  CA  . TRP A 1 28  ? 7.167   -3.029  -2.769  1.00 13.10 ?  28   TRP A CA  1 
ATOM   192  C  C   . TRP A 1 28  ? 7.253   -4.527  -2.866  1.00 14.23 ?  28   TRP A C   1 
ATOM   193  O  O   . TRP A 1 28  ? 7.981   -5.069  -3.707  1.00 13.75 ?  28   TRP A O   1 
ATOM   194  C  CB  . TRP A 1 28  ? 5.989   -2.602  -3.650  1.00 13.98 ?  28   TRP A CB  1 
ATOM   195  C  CG  . TRP A 1 28  ? 5.646   -1.164  -3.588  1.00 12.49 ?  28   TRP A CG  1 
ATOM   196  C  CD1 . TRP A 1 28  ? 6.279   -0.129  -4.220  1.00 13.06 ?  28   TRP A CD1 1 
ATOM   197  C  CD2 . TRP A 1 28  ? 4.619   -0.576  -2.789  1.00 11.35 ?  28   TRP A CD2 1 
ATOM   198  N  NE1 . TRP A 1 28  ? 5.673   1.064   -3.900  1.00 12.27 ?  28   TRP A NE1 1 
ATOM   199  C  CE2 . TRP A 1 28  ? 4.633   0.808   -3.039  1.00 11.44 ?  28   TRP A CE2 1 
ATOM   200  C  CE3 . TRP A 1 28  ? 3.657   -1.100  -1.920  1.00 12.85 ?  28   TRP A CE3 1 
ATOM   201  C  CZ2 . TRP A 1 28  ? 3.761   1.687   -2.416  1.00 11.69 ?  28   TRP A CZ2 1 
ATOM   202  C  CZ3 . TRP A 1 28  ? 2.763   -0.222  -1.330  1.00 13.74 ?  28   TRP A CZ3 1 
ATOM   203  C  CH2 . TRP A 1 28  ? 2.837   1.154   -1.560  1.00 12.76 ?  28   TRP A CH2 1 
ATOM   204  N  N   . ASP A 1 29  ? 6.508   -5.199  -1.987  1.00 14.69 ?  29   ASP A N   1 
ATOM   205  C  CA  . ASP A 1 29  ? 6.328   -6.654  -2.026  1.00 16.49 ?  29   ASP A CA  1 
ATOM   206  C  C   . ASP A 1 29  ? 4.825   -6.908  -2.020  1.00 15.47 ?  29   ASP A C   1 
ATOM   207  O  O   . ASP A 1 29  ? 4.141   -6.505  -1.079  1.00 15.98 ?  29   ASP A O   1 
ATOM   208  C  CB  . ASP A 1 29  ? 6.930   -7.280  -0.779  1.00 18.65 ?  29   ASP A CB  1 
ATOM   209  C  CG  . ASP A 1 29  ? 7.080   -8.768  -0.893  1.00 24.94 ?  29   ASP A CG  1 
ATOM   210  O  OD1 . ASP A 1 29  ? 6.063   -9.472  -1.050  1.00 33.00 ?  29   ASP A OD1 1 
ATOM   211  O  OD2 . ASP A 1 29  ? 8.246   -9.240  -0.813  1.00 36.59 -1 29   ASP A OD2 1 
ATOM   212  N  N   . LEU A 1 30  ? 4.329   -7.523  -3.089  1.00 14.58 ?  30   LEU A N   1 
ATOM   213  C  CA  . LEU A 1 30  ? 2.895   -7.866  -3.210  1.00 14.48 ?  30   LEU A CA  1 
ATOM   214  C  C   . LEU A 1 30  ? 2.703   -9.335  -2.813  1.00 14.05 ?  30   LEU A C   1 
ATOM   215  O  O   . LEU A 1 30  ? 3.575   -10.182 -3.080  1.00 14.92 ?  30   LEU A O   1 
ATOM   216  C  CB  . LEU A 1 30  ? 2.443   -7.625  -4.640  1.00 14.33 ?  30   LEU A CB  1 
ATOM   217  C  CG  . LEU A 1 30  ? 2.144   -6.193  -5.151  1.00 16.83 ?  30   LEU A CG  1 
ATOM   218  C  CD1 . LEU A 1 30  ? 2.899   -5.086  -4.432  1.00 20.70 ?  30   LEU A CD1 1 
ATOM   219  C  CD2 . LEU A 1 30  ? 2.234   -6.118  -6.703  1.00 18.46 ?  30   LEU A CD2 1 
ATOM   220  N  N   . ASN A 1 31  ? 1.587   -9.669  -2.181  1.00 13.48 ?  31   ASN A N   1 
ATOM   221  C  CA  . ASN A 1 31  ? 1.368   -11.035 -1.767  1.00 14.66 ?  31   ASN A CA  1 
ATOM   222  C  C   . ASN A 1 31  ? -0.093  -11.450 -1.840  1.00 13.74 ?  31   ASN A C   1 
ATOM   223  O  O   . ASN A 1 31  ? -0.971  -10.686 -1.500  1.00 14.44 ?  31   ASN A O   1 
ATOM   224  C  CB  . ASN A 1 31  ? 1.891   -11.242 -0.356  1.00 15.38 ?  31   ASN A CB  1 
ATOM   225  C  CG  . ASN A 1 31  ? 1.695   -12.660 0.112   1.00 20.81 ?  31   ASN A CG  1 
ATOM   226  O  OD1 . ASN A 1 31  ? 0.613   -13.041 0.590   1.00 24.58 ?  31   ASN A OD1 1 
ATOM   227  N  ND2 . ASN A 1 31  ? 2.735   -13.463 -0.034  1.00 27.58 ?  31   ASN A ND2 1 
ATOM   228  N  N   . VAL A 1 32  ? -0.325  -12.653 -2.337  1.00 13.57 ?  32   VAL A N   1 
ATOM   229  C  CA  . VAL A 1 32  ? -1.654  -13.272 -2.335  1.00 14.37 ?  32   VAL A CA  1 
ATOM   230  C  C   . VAL A 1 32  ? -1.583  -14.627 -1.632  1.00 15.25 ?  32   VAL A C   1 
ATOM   231  O  O   . VAL A 1 32  ? -0.875  -15.545 -2.066  1.00 15.83 ?  32   VAL A O   1 
ATOM   232  C  CB  . VAL A 1 32  ? -2.204  -13.437 -3.748  1.00 15.00 ?  32   VAL A CB  1 
ATOM   233  C  CG1 . VAL A 1 32  ? -3.626  -14.096 -3.745  1.00 13.96 ?  32   VAL A CG1 1 
ATOM   234  C  CG2 . VAL A 1 32  ? -2.232  -12.092 -4.431  1.00 14.71 ?  32   VAL A CG2 1 
ATOM   235  N  N   . GLY A 1 33  ? -2.384  -14.793 -0.601  1.00 14.03 ?  33   GLY A N   1 
ATOM   236  C  CA  . GLY A 1 33  ? -2.456  -16.068 0.084   1.00 14.84 ?  33   GLY A CA  1 
ATOM   237  C  C   . GLY A 1 33  ? -3.146  -17.174 -0.716  1.00 14.31 ?  33   GLY A C   1 
ATOM   238  O  O   . GLY A 1 33  ? -3.998  -16.931 -1.606  1.00 14.14 ?  33   GLY A O   1 
ATOM   239  N  N   . SER A 1 34  ? -2.808  -18.414 -0.377  1.00 15.46 ?  34   SER A N   1 
ATOM   240  C  CA  . SER A 1 34  ? -3.392  -19.573 -1.084  1.00 15.81 ?  34   SER A CA  1 
ATOM   241  C  C   . SER A 1 34  ? -4.915  -19.762 -0.876  1.00 16.33 ?  34   SER A C   1 
ATOM   242  O  O   . SER A 1 34  ? -5.581  -20.471 -1.644  1.00 16.76 ?  34   SER A O   1 
ATOM   243  C  CB  . SER A 1 34  ? -2.655  -20.839 -0.648  1.00 17.25 ?  34   SER A CB  1 
ATOM   244  O  OG  . SER A 1 34  ? -2.982  -21.137 0.694   1.00 19.27 ?  34   SER A OG  1 
ATOM   245  N  N   . SER A 1 35  ? -5.489  -19.134 0.146   1.00 16.37 ?  35   SER A N   1 
ATOM   246  C  CA  . SER A 1 35  ? -6.934  -19.221 0.338   1.00 17.89 ?  35   SER A CA  1 
ATOM   247  C  C   . SER A 1 35  ? -7.733  -18.346 -0.630  1.00 17.55 ?  35   SER A C   1 
ATOM   248  O  O   . SER A 1 35  ? -8.966  -18.500 -0.749  1.00 17.21 ?  35   SER A O   1 
ATOM   249  C  CB  . SER A 1 35  ? -7.290  -18.845 1.755   1.00 18.43 ?  35   SER A CB  1 
ATOM   250  O  OG  . SER A 1 35  ? -6.675  -19.758 2.659   1.00 22.45 ?  35   SER A OG  1 
ATOM   251  N  N   . VAL A 1 36  ? -7.042  -17.456 -1.336  1.00 17.93 ?  36   VAL A N   1 
ATOM   252  C  CA  . VAL A 1 36  ? -7.660  -16.648 -2.388  1.00 18.65 ?  36   VAL A CA  1 
ATOM   253  C  C   . VAL A 1 36  ? -7.568  -17.488 -3.679  1.00 20.66 ?  36   VAL A C   1 
ATOM   254  O  O   . VAL A 1 36  ? -6.520  -17.548 -4.310  1.00 21.83 ?  36   VAL A O   1 
ATOM   255  C  CB  . VAL A 1 36  ? -6.925  -15.308 -2.585  1.00 18.93 ?  36   VAL A CB  1 
ATOM   256  C  CG1 . VAL A 1 36  ? -7.685  -14.414 -3.602  1.00 17.80 ?  36   VAL A CG1 1 
ATOM   257  C  CG2 . VAL A 1 36  ? -6.751  -14.603 -1.207  1.00 14.81 ?  36   VAL A CG2 1 
ATOM   258  N  N   . THR A 1 37  ? -8.638  -18.182 -4.033  1.00 22.59 ?  37   THR A N   1 
ATOM   259  C  CA  . THR A 1 37  ? -8.546  -19.166 -5.125  1.00 23.93 ?  37   THR A CA  1 
ATOM   260  C  C   . THR A 1 37  ? -8.831  -18.541 -6.477  1.00 24.28 ?  37   THR A C   1 
ATOM   261  O  O   . THR A 1 37  ? -8.529  -19.161 -7.514  1.00 24.27 ?  37   THR A O   1 
ATOM   262  C  CB  . THR A 1 37  ? -9.478  -20.369 -4.900  1.00 25.00 ?  37   THR A CB  1 
ATOM   263  O  OG1 . THR A 1 37  ? -10.821 -19.902 -4.680  1.00 27.60 ?  37   THR A OG1 1 
ATOM   264  C  CG2 . THR A 1 37  ? -8.986  -21.166 -3.693  1.00 25.63 ?  37   THR A CG2 1 
ATOM   265  N  N   . ASN A 1 38  ? -9.380  -17.319 -6.465  1.00 23.12 ?  38   ASN A N   1 
ATOM   266  C  CA  . ASN A 1 38  ? -9.473  -16.512 -7.677  1.00 22.20 ?  38   ASN A CA  1 
ATOM   267  C  C   . ASN A 1 38  ? -8.675  -15.231 -7.451  1.00 20.58 ?  38   ASN A C   1 
ATOM   268  O  O   . ASN A 1 38  ? -9.168  -14.309 -6.792  1.00 19.77 ?  38   ASN A O   1 
ATOM   269  C  CB  . ASN A 1 38  ? -10.922 -16.218 -7.998  1.00 22.90 ?  38   ASN A CB  1 
ATOM   270  C  CG  . ASN A 1 38  ? -11.100 -15.514 -9.316  1.00 24.08 ?  38   ASN A CG  1 
ATOM   271  O  OD1 . ASN A 1 38  ? -10.161 -15.372 -10.105 1.00 26.42 ?  38   ASN A OD1 1 
ATOM   272  N  ND2 . ASN A 1 38  ? -12.325 -15.089 -9.579  1.00 26.35 ?  38   ASN A ND2 1 
ATOM   273  N  N   . PRO A 1 39  ? -7.426  -15.214 -7.942  1.00 20.45 ?  39   PRO A N   1 
ATOM   274  C  CA  . PRO A 1 39  ? -6.447  -14.206 -7.535  1.00 19.47 ?  39   PRO A CA  1 
ATOM   275  C  C   . PRO A 1 39  ? -6.800  -12.831 -8.024  1.00 17.53 ?  39   PRO A C   1 
ATOM   276  O  O   . PRO A 1 39  ? -7.482  -12.692 -9.031  1.00 17.93 ?  39   PRO A O   1 
ATOM   277  C  CB  . PRO A 1 39  ? -5.134  -14.694 -8.145  1.00 20.64 ?  39   PRO A CB  1 
ATOM   278  C  CG  . PRO A 1 39  ? -5.520  -15.752 -9.145  1.00 22.02 ?  39   PRO A CG  1 
ATOM   279  C  CD  . PRO A 1 39  ? -6.812  -16.286 -8.771  1.00 21.66 ?  39   PRO A CD  1 
ATOM   280  N  N   . PRO A 1 40  ? -6.380  -11.805 -7.284  1.00 15.54 ?  40   PRO A N   1 
ATOM   281  C  CA  . PRO A 1 40  ? -6.587  -10.456 -7.775  1.00 15.00 ?  40   PRO A CA  1 
ATOM   282  C  C   . PRO A 1 40  ? -5.687  -10.151 -8.975  1.00 15.15 ?  40   PRO A C   1 
ATOM   283  O  O   . PRO A 1 40  ? -4.745  -10.931 -9.317  1.00 13.94 ?  40   PRO A O   1 
ATOM   284  C  CB  . PRO A 1 40  ? -6.190  -9.591  -6.573  1.00 14.34 ?  40   PRO A CB  1 
ATOM   285  C  CG  . PRO A 1 40  ? -5.174  -10.404 -5.849  1.00 14.92 ?  40   PRO A CG  1 
ATOM   286  C  CD  . PRO A 1 40  ? -5.566  -11.842 -6.055  1.00 15.18 ?  40   PRO A CD  1 
ATOM   287  N  N   . VAL A 1 41  ? -5.962  -9.022  -9.605  1.00 15.07 ?  41   VAL A N   1 
ATOM   288  C  CA  . VAL A 1 41  ? -5.101  -8.512  -10.658 1.00 14.55 ?  41   VAL A CA  1 
ATOM   289  C  C   . VAL A 1 41  ? -4.475  -7.203  -10.198 1.00 14.69 ?  41   VAL A C   1 
ATOM   290  O  O   . VAL A 1 41  ? -5.182  -6.212  -9.994  1.00 16.66 ?  41   VAL A O   1 
ATOM   291  C  CB  . VAL A 1 41  ? -5.825  -8.305  -11.974 1.00 14.97 ?  41   VAL A CB  1 
ATOM   292  C  CG1 . VAL A 1 41  ? -4.827  -7.784  -13.028 1.00 16.16 ?  41   VAL A CG1 1 
ATOM   293  C  CG2 . VAL A 1 41  ? -6.410  -9.644  -12.469 1.00 14.83 ?  41   VAL A CG2 1 
ATOM   294  N  N   . PHE A 1 42  ? -3.149  -7.226  -10.059 1.00 14.50 ?  42   PHE A N   1 
ATOM   295  C  CA  . PHE A 1 42  ? -2.363  -6.025  -9.695  1.00 14.68 ?  42   PHE A CA  1 
ATOM   296  C  C   . PHE A 1 42  ? -1.822  -5.481  -11.013 1.00 15.55 ?  42   PHE A C   1 
ATOM   297  O  O   . PHE A 1 42  ? -1.289  -6.238  -11.802 1.00 15.49 ?  42   PHE A O   1 
ATOM   298  C  CB  . PHE A 1 42  ? -1.146  -6.354  -8.829  1.00 13.78 ?  42   PHE A CB  1 
ATOM   299  C  CG  . PHE A 1 42  ? -1.447  -6.768  -7.424  1.00 13.88 ?  42   PHE A CG  1 
ATOM   300  C  CD1 . PHE A 1 42  ? -1.598  -5.813  -6.419  1.00 13.87 ?  42   PHE A CD1 1 
ATOM   301  C  CD2 . PHE A 1 42  ? -1.520  -8.099  -7.090  1.00 16.46 ?  42   PHE A CD2 1 
ATOM   302  C  CE1 . PHE A 1 42  ? -1.844  -6.198  -5.115  1.00 15.20 ?  42   PHE A CE1 1 
ATOM   303  C  CE2 . PHE A 1 42  ? -1.768  -8.487  -5.785  1.00 14.92 ?  42   PHE A CE2 1 
ATOM   304  C  CZ  . PHE A 1 42  ? -1.912  -7.543  -4.804  1.00 15.24 ?  42   PHE A CZ  1 
ATOM   305  N  N   . GLU A 1 43  ? -1.971  -4.192  -11.259 1.00 15.72 ?  43   GLU A N   1 
ATOM   306  C  CA  . GLU A 1 43  ? -1.601  -3.622  -12.515 1.00 17.35 ?  43   GLU A CA  1 
ATOM   307  C  C   . GLU A 1 43  ? -1.089  -2.226  -12.248 1.00 16.75 ?  43   GLU A C   1 
ATOM   308  O  O   . GLU A 1 43  ? -1.662  -1.474  -11.488 1.00 16.47 ?  43   GLU A O   1 
ATOM   309  C  CB  . GLU A 1 43  ? -2.818  -3.631  -13.459 1.00 18.69 ?  43   GLU A CB  1 
ATOM   310  C  CG  . GLU A 1 43  ? -2.621  -3.013  -14.787 1.00 24.48 ?  43   GLU A CG  1 
ATOM   311  C  CD  . GLU A 1 43  ? -3.960  -2.924  -15.534 1.00 29.74 ?  43   GLU A CD  1 
ATOM   312  O  OE1 . GLU A 1 43  ? -4.662  -3.953  -15.663 1.00 34.24 ?  43   GLU A OE1 1 
ATOM   313  O  OE2 . GLU A 1 43  ? -4.330  -1.811  -15.930 1.00 38.15 -1 43   GLU A OE2 1 
ATOM   314  N  N   . VAL A 1 44  ? 0.035   -1.889  -12.860 1.00 16.66 ?  44   VAL A N   1 
ATOM   315  C  CA  . VAL A 1 44  ? 0.492   -0.508  -12.858 1.00 17.28 ?  44   VAL A CA  1 
ATOM   316  C  C   . VAL A 1 44  ? -0.084  0.160   -14.119 1.00 19.08 ?  44   VAL A C   1 
ATOM   317  O  O   . VAL A 1 44  ? 0.137   -0.313  -15.235 1.00 19.09 ?  44   VAL A O   1 
ATOM   318  C  CB  . VAL A 1 44  ? 2.036   -0.443  -12.798 1.00 17.72 ?  44   VAL A CB  1 
ATOM   319  C  CG1 . VAL A 1 44  ? 2.546   0.939   -13.125 1.00 17.40 ?  44   VAL A CG1 1 
ATOM   320  C  CG2 . VAL A 1 44  ? 2.557   -0.966  -11.446 1.00 18.39 ?  44   VAL A CG2 1 
ATOM   321  N  N   . LEU A 1 45  ? -0.861  1.216   -13.918 1.00 20.00 ?  45   LEU A N   1 
ATOM   322  C  CA  . LEU A 1 45  ? -1.640  1.878   -14.982 1.00 23.17 ?  45   LEU A CA  1 
ATOM   323  C  C   . LEU A 1 45  ? -1.100  3.245   -15.214 1.00 24.67 ?  45   LEU A C   1 
ATOM   324  O  O   . LEU A 1 45  ? -0.969  4.012   -14.277 1.00 22.21 ?  45   LEU A O   1 
ATOM   325  C  CB  . LEU A 1 45  ? -3.122  2.084   -14.571 1.00 24.45 ?  45   LEU A CB  1 
ATOM   326  C  CG  . LEU A 1 45  ? -4.083  0.939   -14.760 1.00 26.77 ?  45   LEU A CG  1 
ATOM   327  C  CD1 . LEU A 1 45  ? -5.389  1.196   -13.962 1.00 26.23 ?  45   LEU A CD1 1 
ATOM   328  C  CD2 . LEU A 1 45  ? -4.361  0.778   -16.253 1.00 27.83 ?  45   LEU A CD2 1 
ATOM   329  N  N   . GLU A 1 46  ? -0.825  3.563   -16.479 1.00 27.75 ?  46   GLU A N   1 
ATOM   330  C  CA  . GLU A 1 46  ? -0.494  4.909   -16.884 1.00 30.97 ?  46   GLU A CA  1 
ATOM   331  C  C   . GLU A 1 46  ? -1.824  5.609   -17.095 1.00 33.15 ?  46   GLU A C   1 
ATOM   332  O  O   . GLU A 1 46  ? -2.703  5.101   -17.803 1.00 33.71 ?  46   GLU A O   1 
ATOM   333  C  CB  . GLU A 1 46  ? 0.341   4.885   -18.182 1.00 31.63 ?  46   GLU A CB  1 
ATOM   334  C  CG  . GLU A 1 46  ? 1.237   6.115   -18.377 1.00 35.08 ?  46   GLU A CG  1 
ATOM   335  C  CD  . GLU A 1 46  ? 2.576   5.794   -19.063 1.00 39.89 ?  46   GLU A CD  1 
ATOM   336  O  OE1 . GLU A 1 46  ? 2.895   4.588   -19.264 1.00 44.16 ?  46   GLU A OE1 1 
ATOM   337  O  OE2 . GLU A 1 46  ? 3.298   6.761   -19.412 1.00 42.62 -1 46   GLU A OE2 1 
ATOM   338  N  N   . THR A 1 47  ? -1.998  6.749   -16.449 1.00 34.98 ?  47   THR A N   1 
ATOM   339  C  CA  . THR A 1 47  ? -3.312  7.377   -16.381 1.00 37.09 ?  47   THR A CA  1 
ATOM   340  C  C   . THR A 1 47  ? -3.111  8.858   -16.092 1.00 37.81 ?  47   THR A C   1 
ATOM   341  O  O   . THR A 1 47  ? -2.252  9.219   -15.283 1.00 38.19 ?  47   THR A O   1 
ATOM   342  C  CB  . THR A 1 47  ? -4.223  6.702   -15.302 1.00 37.35 ?  47   THR A CB  1 
ATOM   343  O  OG1 . THR A 1 47  ? -5.582  7.135   -15.467 1.00 40.36 ?  47   THR A OG1 1 
ATOM   344  C  CG2 . THR A 1 47  ? -3.764  7.037   -13.862 1.00 37.15 ?  47   THR A CG2 1 
ATOM   345  N  N   . SER A 1 48  ? -3.872  9.714   -16.780 1.00 39.26 ?  48   SER A N   1 
ATOM   346  C  CA  . SER A 1 48  ? -3.746  11.183  -16.618 1.00 39.94 ?  48   SER A CA  1 
ATOM   347  C  C   . SER A 1 48  ? -4.327  11.624  -15.264 1.00 39.43 ?  48   SER A C   1 
ATOM   348  O  O   . SER A 1 48  ? -4.123  12.757  -14.821 1.00 39.43 ?  48   SER A O   1 
ATOM   349  C  CB  . SER A 1 48  ? -4.460  11.930  -17.777 1.00 40.43 ?  48   SER A CB  1 
ATOM   350  O  OG  . SER A 1 48  ? -3.586  12.843  -18.440 1.00 43.15 ?  48   SER A OG  1 
ATOM   351  N  N   . ASP A 1 49  ? -5.068  10.713  -14.636 1.00 38.76 ?  49   ASP A N   1 
ATOM   352  C  CA  . ASP A 1 49  ? -5.714  10.956  -13.353 1.00 38.11 ?  49   ASP A CA  1 
ATOM   353  C  C   . ASP A 1 49  ? -4.847  10.480  -12.157 1.00 36.62 ?  49   ASP A C   1 
ATOM   354  O  O   . ASP A 1 49  ? -5.307  10.498  -11.015 1.00 35.50 ?  49   ASP A O   1 
ATOM   355  C  CB  . ASP A 1 49  ? -7.063  10.226  -13.360 1.00 38.97 ?  49   ASP A CB  1 
ATOM   356  C  CG  . ASP A 1 49  ? -7.956  10.630  -12.213 1.00 40.08 ?  49   ASP A CG  1 
ATOM   357  O  OD1 . ASP A 1 49  ? -8.034  11.843  -11.903 1.00 43.77 ?  49   ASP A OD1 1 
ATOM   358  O  OD2 . ASP A 1 49  ? -8.576  9.724   -11.622 1.00 42.14 -1 49   ASP A OD2 1 
ATOM   359  N  N   . ALA A 1 50  ? -3.609  10.049  -12.425 1.00 34.66 ?  50   ALA A N   1 
ATOM   360  C  CA  . ALA A 1 50  ? -2.687  9.645   -11.350 1.00 33.02 ?  50   ALA A CA  1 
ATOM   361  C  C   . ALA A 1 50  ? -2.371  10.858  -10.464 1.00 31.63 ?  50   ALA A C   1 
ATOM   362  O  O   . ALA A 1 50  ? -1.952  11.890  -10.987 1.00 31.09 ?  50   ALA A O   1 
ATOM   363  C  CB  . ALA A 1 50  ? -1.401  9.071   -11.929 1.00 32.18 ?  50   ALA A CB  1 
ATOM   364  N  N   . PRO A 1 51  ? -2.561  10.745  -9.133  1.00 30.56 ?  51   PRO A N   1 
ATOM   365  C  CA  . PRO A 1 51  ? -2.216  11.875  -8.231  1.00 30.59 ?  51   PRO A CA  1 
ATOM   366  C  C   . PRO A 1 51  ? -0.731  12.265  -8.274  1.00 30.25 ?  51   PRO A C   1 
ATOM   367  O  O   . PRO A 1 51  ? -0.386  13.428  -8.048  1.00 30.39 ?  51   PRO A O   1 
ATOM   368  C  CB  . PRO A 1 51  ? -2.558  11.332  -6.842  1.00 30.52 ?  51   PRO A CB  1 
ATOM   369  C  CG  . PRO A 1 51  ? -3.565  10.283  -7.080  1.00 29.72 ?  51   PRO A CG  1 
ATOM   370  C  CD  . PRO A 1 51  ? -3.316  9.696   -8.425  1.00 30.30 ?  51   PRO A CD  1 
ATOM   371  N  N   . GLU A 1 52  ? 0.138   11.293  -8.549  1.00 30.04 ?  52   GLU A N   1 
ATOM   372  C  CA  . GLU A 1 52  ? 1.576   11.521  -8.536  1.00 29.82 ?  52   GLU A CA  1 
ATOM   373  C  C   . GLU A 1 52  ? 2.142   10.876  -9.817  1.00 29.83 ?  52   GLU A C   1 
ATOM   374  O  O   . GLU A 1 52  ? 1.761   9.768   -10.204 1.00 28.91 ?  52   GLU A O   1 
ATOM   375  C  CB  . GLU A 1 52  ? 2.161   10.967  -7.207  1.00 30.04 ?  52   GLU A CB  1 
ATOM   376  C  CG  . GLU A 1 52  ? 3.658   11.176  -6.960  1.00 31.32 ?  52   GLU A CG  1 
ATOM   377  N  N   . GLY A 1 53  ? 3.018   11.586  -10.512 1.00 29.09 ?  53   GLY A N   1 
ATOM   378  C  CA  . GLY A 1 53  ? 3.496   11.126  -11.802 1.00 28.79 ?  53   GLY A CA  1 
ATOM   379  C  C   . GLY A 1 53  ? 2.420   10.610  -12.749 1.00 28.43 ?  53   GLY A C   1 
ATOM   380  O  O   . GLY A 1 53  ? 1.288   11.103  -12.803 1.00 28.56 ?  53   GLY A O   1 
ATOM   381  N  N   . ASN A 1 54  ? 2.781   9.596   -13.512 1.00 27.56 ?  54   ASN A N   1 
ATOM   382  C  CA  . ASN A 1 54  ? 1.928   9.156   -14.591 1.00 27.45 ?  54   ASN A CA  1 
ATOM   383  C  C   . ASN A 1 54  ? 1.225   7.886   -14.198 1.00 25.02 ?  54   ASN A C   1 
ATOM   384  O  O   . ASN A 1 54  ? 0.313   7.457   -14.892 1.00 25.76 ?  54   ASN A O   1 
ATOM   385  C  CB  . ASN A 1 54  ? 2.755   8.912   -15.864 1.00 28.13 ?  54   ASN A CB  1 
ATOM   386  C  CG  . ASN A 1 54  ? 3.400   10.202  -16.412 1.00 30.99 ?  54   ASN A CG  1 
ATOM   387  O  OD1 . ASN A 1 54  ? 2.770   11.259  -16.457 1.00 36.45 ?  54   ASN A OD1 1 
ATOM   388  N  ND2 . ASN A 1 54  ? 4.650   10.105  -16.824 1.00 33.51 ?  54   ASN A ND2 1 
ATOM   389  N  N   . LYS A 1 55  ? 1.659   7.244   -13.112 1.00 22.79 ?  55   LYS A N   1 
ATOM   390  C  CA  . LYS A 1 55  ? 1.223   5.874   -12.891 1.00 21.30 ?  55   LYS A CA  1 
ATOM   391  C  C   . LYS A 1 55  ? 0.586   5.653   -11.534 1.00 19.22 ?  55   LYS A C   1 
ATOM   392  O  O   . LYS A 1 55  ? 0.931   6.337   -10.578 1.00 18.47 ?  55   LYS A O   1 
ATOM   393  C  CB  . LYS A 1 55  ? 2.386   4.907   -13.108 1.00 21.39 ?  55   LYS A CB  1 
ATOM   394  C  CG  . LYS A 1 55  ? 2.732   4.800   -14.580 1.00 23.70 ?  55   LYS A CG  1 
ATOM   395  C  CD  . LYS A 1 55  ? 3.971   3.979   -14.834 1.00 24.99 ?  55   LYS A CD  1 
ATOM   396  C  CE  . LYS A 1 55  ? 5.206   4.729   -14.542 1.00 26.52 ?  55   LYS A CE  1 
ATOM   397  N  NZ  . LYS A 1 55  ? 6.394   4.005   -15.112 1.00 25.85 1  55   LYS A NZ  1 
ATOM   398  N  N   . VAL A 1 56  ? -0.364  4.713   -11.482 1.00 17.18 ?  56   VAL A N   1 
ATOM   399  C  CA  . VAL A 1 56  ? -0.942  4.249   -10.203 1.00 15.87 ?  56   VAL A CA  1 
ATOM   400  C  C   . VAL A 1 56  ? -0.930  2.737   -10.116 1.00 15.43 ?  56   VAL A C   1 
ATOM   401  O  O   . VAL A 1 56  ? -0.793  2.043   -11.137 1.00 15.49 ?  56   VAL A O   1 
ATOM   402  C  CB  . VAL A 1 56  ? -2.399  4.734   -9.979  1.00 15.75 ?  56   VAL A CB  1 
ATOM   403  C  CG1 . VAL A 1 56  ? -2.474  6.237   -10.148 1.00 16.38 ?  56   VAL A CG1 1 
ATOM   404  C  CG2 . VAL A 1 56  ? -3.387  4.012   -10.912 1.00 16.68 ?  56   VAL A CG2 1 
ATOM   405  N  N   . LEU A 1 57  ? -1.050  2.208   -8.897  1.00 13.75 ?  57   LEU A N   1 
ATOM   406  C  CA  . LEU A 1 57  ? -1.197  0.760   -8.731  1.00 13.89 ?  57   LEU A CA  1 
ATOM   407  C  C   . LEU A 1 57  ? -2.687  0.473   -8.567  1.00 14.15 ?  57   LEU A C   1 
ATOM   408  O  O   . LEU A 1 57  ? -3.356  1.061   -7.718  1.00 14.56 ?  57   LEU A O   1 
ATOM   409  C  CB  . LEU A 1 57  ? -0.431  0.230   -7.525  1.00 13.07 ?  57   LEU A CB  1 
ATOM   410  C  CG  . LEU A 1 57  ? -0.517  -1.285  -7.260  1.00 14.00 ?  57   LEU A CG  1 
ATOM   411  C  CD1 . LEU A 1 57  ? 0.142   -2.136  -8.428  1.00 13.18 ?  57   LEU A CD1 1 
ATOM   412  C  CD2 . LEU A 1 57  ? -0.017  -1.716  -5.880  1.00 15.02 ?  57   LEU A CD2 1 
ATOM   413  N  N   . ALA A 1 58  ? -3.193  -0.405  -9.416  1.00 14.16 ?  58   ALA A N   1 
ATOM   414  C  CA  . ALA A 1 58  ? -4.582  -0.839  -9.376  1.00 14.08 ?  58   ALA A CA  1 
ATOM   415  C  C   . ALA A 1 58  ? -4.648  -2.285  -8.886  1.00 13.96 ?  58   ALA A C   1 
ATOM   416  O  O   . ALA A 1 58  ? -3.857  -3.131  -9.305  1.00 15.73 ?  58   ALA A O   1 
ATOM   417  C  CB  . ALA A 1 58  ? -5.185  -0.728  -10.783 1.00 13.61 ?  58   ALA A CB  1 
ATOM   418  N  N   . VAL A 1 59  ? -5.557  -2.562  -7.966  1.00 13.18 ?  59   VAL A N   1 
ATOM   419  C  CA  . VAL A 1 59  ? -5.763  -3.903  -7.448  1.00 14.01 ?  59   VAL A CA  1 
ATOM   420  C  C   . VAL A 1 59  ? -7.220  -4.289  -7.698  1.00 13.38 ?  59   VAL A C   1 
ATOM   421  O  O   . VAL A 1 59  ? -8.134  -3.744  -7.053  1.00 12.36 ?  59   VAL A O   1 
ATOM   422  C  CB  . VAL A 1 59  ? -5.457  -3.979  -5.914  1.00 15.61 ?  59   VAL A CB  1 
ATOM   423  C  CG1 . VAL A 1 59  ? -5.522  -5.441  -5.469  1.00 17.07 ?  59   VAL A CG1 1 
ATOM   424  C  CG2 . VAL A 1 59  ? -4.074  -3.292  -5.578  1.00 17.97 ?  59   VAL A CG2 1 
ATOM   425  N  N   . THR A 1 60  ? -7.470  -5.234  -8.612  1.00 12.58 ?  60   THR A N   1 
ATOM   426  C  CA  . THR A 1 60  ? -8.834  -5.725  -8.813  1.00 13.24 ?  60   THR A CA  1 
ATOM   427  C  C   . THR A 1 60  ? -9.014  -6.984  -7.981  1.00 13.71 ?  60   THR A C   1 
ATOM   428  O  O   . THR A 1 60  ? -8.265  -7.955  -8.150  1.00 14.12 ?  60   THR A O   1 
ATOM   429  C  CB  . THR A 1 60  ? -9.168  -5.994  -10.311 1.00 13.38 ?  60   THR A CB  1 
ATOM   430  O  OG1 . THR A 1 60  ? -9.032  -4.757  -11.038 1.00 12.67 ?  60   THR A OG1 1 
ATOM   431  C  CG2 . THR A 1 60  ? -10.605 -6.605  -10.462 1.00 14.34 ?  60   THR A CG2 1 
ATOM   432  N  N   . VAL A 1 61  ? -9.977  -6.941  -7.070  1.00 13.72 ?  61   VAL A N   1 
ATOM   433  C  CA  . VAL A 1 61  ? -10.274 -8.027  -6.154  1.00 14.09 ?  61   VAL A CA  1 
ATOM   434  C  C   . VAL A 1 61  ? -11.387 -8.886  -6.726  1.00 15.05 ?  61   VAL A C   1 
ATOM   435  O  O   . VAL A 1 61  ? -12.511 -8.421  -6.995  1.00 15.50 ?  61   VAL A O   1 
ATOM   436  C  CB  . VAL A 1 61  ? -10.644 -7.470  -4.749  1.00 14.11 ?  61   VAL A CB  1 
ATOM   437  C  CG1 . VAL A 1 61  ? -11.027 -8.628  -3.757  1.00 15.38 ?  61   VAL A CG1 1 
ATOM   438  C  CG2 . VAL A 1 61  ? -9.486  -6.686  -4.170  1.00 15.12 ?  61   VAL A CG2 1 
ATOM   439  N  N   . ASN A 1 62  ? -11.059 -10.152 -6.942  1.00 15.97 ?  62   ASN A N   1 
ATOM   440  C  CA  . ASN A 1 62  ? -12.007 -11.118 -7.455  1.00 17.75 ?  62   ASN A CA  1 
ATOM   441  C  C   . ASN A 1 62  ? -12.435 -11.979 -6.257  1.00 18.69 ?  62   ASN A C   1 
ATOM   442  O  O   . ASN A 1 62  ? -13.410 -11.653 -5.584  1.00 21.31 ?  62   ASN A O   1 
ATOM   443  C  CB  . ASN A 1 62  ? -11.362 -11.890 -8.619  1.00 18.26 ?  62   ASN A CB  1 
ATOM   444  C  CG  . ASN A 1 62  ? -11.117 -10.993 -9.840  1.00 20.73 ?  62   ASN A CG  1 
ATOM   445  O  OD1 . ASN A 1 62  ? -12.042 -10.343 -10.323 1.00 22.18 ?  62   ASN A OD1 1 
ATOM   446  N  ND2 . ASN A 1 62  ? -9.875  -10.941 -10.320 1.00 23.99 ?  62   ASN A ND2 1 
ATOM   447  N  N   . GLY A 1 63  ? -11.675 -13.006 -5.932  1.00 18.95 ?  63   GLY A N   1 
ATOM   448  C  CA  . GLY A 1 63  ? -11.905 -13.781 -4.724  1.00 18.24 ?  63   GLY A CA  1 
ATOM   449  C  C   . GLY A 1 63  ? -11.287 -13.127 -3.493  1.00 16.27 ?  63   GLY A C   1 
ATOM   450  O  O   . GLY A 1 63  ? -10.435 -12.256 -3.604  1.00 15.58 ?  63   GLY A O   1 
ATOM   451  N  N   . VAL A 1 64  ? -11.727 -13.581 -2.329  1.00 16.29 ?  64   VAL A N   1 
ATOM   452  C  CA  . VAL A 1 64  ? -11.091 -13.240 -1.089  1.00 15.31 ?  64   VAL A CA  1 
ATOM   453  C  C   . VAL A 1 64  ? -10.761 -14.534 -0.332  1.00 15.41 ?  64   VAL A C   1 
ATOM   454  O  O   . VAL A 1 64  ? -11.173 -15.637 -0.754  1.00 15.76 ?  64   VAL A O   1 
ATOM   455  C  CB  . VAL A 1 64  ? -11.914 -12.240 -0.245  1.00 16.37 ?  64   VAL A CB  1 
ATOM   456  C  CG1 . VAL A 1 64  ? -11.972 -10.879 -0.975  1.00 15.52 ?  64   VAL A CG1 1 
ATOM   457  C  CG2 . VAL A 1 64  ? -13.305 -12.788 0.043   1.00 16.27 ?  64   VAL A CG2 1 
ATOM   458  N  N   . GLY A 1 65  ? -9.982  -14.408 0.730   1.00 15.21 ?  65   GLY A N   1 
ATOM   459  C  CA  . GLY A 1 65  ? -9.515  -15.580 1.525   1.00 15.73 ?  65   GLY A CA  1 
ATOM   460  C  C   . GLY A 1 65  ? -10.168 -15.640 2.889   1.00 15.87 ?  65   GLY A C   1 
ATOM   461  O  O   . GLY A 1 65  ? -11.410 -15.536 2.989   1.00 15.30 ?  65   GLY A O   1 
ATOM   462  N  N   . ASN A 1 66  ? -9.361  -15.837 3.931   1.00 15.99 ?  66   ASN A N   1 
ATOM   463  C  CA  . ASN A 1 66  ? -9.832  -15.950 5.317   1.00 16.24 ?  66   ASN A CA  1 
ATOM   464  C  C   . ASN A 1 66  ? -9.567  -14.712 6.192   1.00 16.49 ?  66   ASN A C   1 
ATOM   465  O  O   . ASN A 1 66  ? -10.209 -14.503 7.222   1.00 17.28 ?  66   ASN A O   1 
ATOM   466  C  CB  . ASN A 1 66  ? -9.209  -17.191 5.951   1.00 16.72 ?  66   ASN A CB  1 
ATOM   467  C  CG  . ASN A 1 66  ? -9.616  -18.457 5.227   1.00 18.59 ?  66   ASN A CG  1 
ATOM   468  O  OD1 . ASN A 1 66  ? -8.645  -19.293 4.864   1.00 22.21 ?  66   ASN A OD1 1 
ATOM   469  N  ND2 . ASN A 1 66  ? -10.808 -18.666 4.965   1.00 17.85 ?  66   ASN A ND2 1 
ATOM   470  N  N   . ASN A 1 67  ? -8.624  -13.876 5.752   1.00 14.21 ?  67   ASN A N   1 
ATOM   471  C  CA  . ASN A 1 67  ? -8.203  -12.697 6.474   1.00 14.87 ?  67   ASN A CA  1 
ATOM   472  C  C   . ASN A 1 67  ? -7.900  -11.613 5.456   1.00 15.02 ?  67   ASN A C   1 
ATOM   473  O  O   . ASN A 1 67  ? -7.417  -11.905 4.362   1.00 14.07 ?  67   ASN A O   1 
ATOM   474  C  CB  . ASN A 1 67  ? -6.956  -12.970 7.296   1.00 14.97 ?  67   ASN A CB  1 
ATOM   475  C  CG  . ASN A 1 67  ? -7.239  -13.790 8.520   1.00 18.67 ?  67   ASN A CG  1 
ATOM   476  O  OD1 . ASN A 1 67  ? -7.805  -13.287 9.503   1.00 19.75 ?  67   ASN A OD1 1 
ATOM   477  N  ND2 . ASN A 1 67  ? -6.841  -15.062 8.482   1.00 17.98 ?  67   ASN A ND2 1 
ATOM   478  N  N   . PRO A 1 68  ? -8.169  -10.352 5.807   1.00 15.51 ?  68   PRO A N   1 
ATOM   479  C  CA  . PRO A 1 68  ? -7.918  -9.259  4.843   1.00 15.93 ?  68   PRO A CA  1 
ATOM   480  C  C   . PRO A 1 68  ? -6.463  -9.112  4.399   1.00 15.64 ?  68   PRO A C   1 
ATOM   481  O  O   . PRO A 1 68  ? -6.211  -8.625  3.291   1.00 14.74 ?  68   PRO A O   1 
ATOM   482  C  CB  . PRO A 1 68  ? -8.370  -8.019  5.627   1.00 16.21 ?  68   PRO A CB  1 
ATOM   483  C  CG  . PRO A 1 68  ? -9.386  -8.552  6.587   1.00 17.27 ?  68   PRO A CG  1 
ATOM   484  C  CD  . PRO A 1 68  ? -8.780  -9.835  7.047   1.00 16.91 ?  68   PRO A CD  1 
ATOM   485  N  N   . PHE A 1 69  ? -5.516  -9.589  5.212   1.00 15.00 ?  69   PHE A N   1 
ATOM   486  C  CA  . PHE A 1 69  ? -4.094  -9.571  4.825   1.00 14.84 ?  69   PHE A CA  1 
ATOM   487  C  C   . PHE A 1 69  ? -3.704  -10.634 3.807   1.00 14.26 ?  69   PHE A C   1 
ATOM   488  O  O   . PHE A 1 69  ? -2.552  -10.652 3.360   1.00 14.51 ?  69   PHE A O   1 
ATOM   489  C  CB  . PHE A 1 69  ? -3.164  -9.602  6.044   1.00 15.10 ?  69   PHE A CB  1 
ATOM   490  C  CG  . PHE A 1 69  ? -3.404  -10.767 6.988   1.00 16.04 ?  69   PHE A CG  1 
ATOM   491  C  CD1 . PHE A 1 69  ? -3.005  -12.044 6.645   1.00 17.55 ?  69   PHE A CD1 1 
ATOM   492  C  CD2 . PHE A 1 69  ? -4.027  -10.568 8.222   1.00 17.73 ?  69   PHE A CD2 1 
ATOM   493  C  CE1 . PHE A 1 69  ? -3.233  -13.122 7.518   1.00 19.00 ?  69   PHE A CE1 1 
ATOM   494  C  CE2 . PHE A 1 69  ? -4.254  -11.639 9.099   1.00 17.72 ?  69   PHE A CE2 1 
ATOM   495  C  CZ  . PHE A 1 69  ? -3.848  -12.915 8.747   1.00 19.73 ?  69   PHE A CZ  1 
ATOM   496  N  N   . ASN A 1 70  ? -4.632  -11.498 3.425   1.00 13.46 ?  70   ASN A N   1 
ATOM   497  C  CA  . ASN A 1 70  ? -4.357  -12.484 2.372   1.00 12.35 ?  70   ASN A CA  1 
ATOM   498  C  C   . ASN A 1 70  ? -4.231  -11.800 0.989   1.00 12.44 ?  70   ASN A C   1 
ATOM   499  O  O   . ASN A 1 70  ? -3.890  -12.450 0.018   1.00 12.78 ?  70   ASN A O   1 
ATOM   500  C  CB  . ASN A 1 70  ? -5.440  -13.541 2.314   1.00 11.45 ?  70   ASN A CB  1 
ATOM   501  C  CG  . ASN A 1 70  ? -5.521  -14.419 3.585   1.00 11.78 ?  70   ASN A CG  1 
ATOM   502  O  OD1 . ASN A 1 70  ? -6.681  -14.994 3.780   1.00 15.20 ?  70   ASN A OD1 1 
ATOM   503  N  ND2 . ASN A 1 70  ? -4.534  -14.578 4.367   1.00 9.84  ?  70   ASN A ND2 1 
ATOM   504  N  N   . ILE A 1 71  ? -4.555  -10.504 0.878   1.00 12.61 ?  71   ILE A N   1 
ATOM   505  C  CA  . ILE A 1 71  ? -4.218  -9.729  -0.331  1.00 11.36 ?  71   ILE A CA  1 
ATOM   506  C  C   . ILE A 1 71  ? -3.543  -8.475  0.187   1.00 12.85 ?  71   ILE A C   1 
ATOM   507  O  O   . ILE A 1 71  ? -4.175  -7.696  0.895   1.00 13.41 ?  71   ILE A O   1 
ATOM   508  C  CB  . ILE A 1 71  ? -5.417  -9.348  -1.209  1.00 10.58 ?  71   ILE A CB  1 
ATOM   509  C  CG1 . ILE A 1 71  ? -6.166  -10.587 -1.687  1.00 9.44  ?  71   ILE A CG1 1 
ATOM   510  C  CG2 . ILE A 1 71  ? -4.894  -8.550  -2.456  1.00 11.33 ?  71   ILE A CG2 1 
ATOM   511  C  CD1 . ILE A 1 71  ? -7.494  -10.347 -2.408  1.00 12.29 ?  71   ILE A CD1 1 
ATOM   512  N  N   . GLN A 1 72  ? -2.249  -8.322  -0.107  1.00 12.54 ?  72   GLN A N   1 
ATOM   513  C  CA  A GLN A 1 72  ? -1.586  -7.133  0.340   0.50 15.42 ?  72   GLN A CA  1 
ATOM   514  C  CA  B GLN A 1 72  ? -1.391  -7.264  0.519   0.50 14.08 ?  72   GLN A CA  1 
ATOM   515  C  C   . GLN A 1 72  ? -0.481  -6.625  -0.545  1.00 13.06 ?  72   GLN A C   1 
ATOM   516  O  O   . GLN A 1 72  ? 0.024   -7.326  -1.431  1.00 13.37 ?  72   GLN A O   1 
ATOM   517  C  CB  A GLN A 1 72  ? -1.067  -7.355  1.793   0.50 15.53 ?  72   GLN A CB  1 
ATOM   518  C  CB  B GLN A 1 72  ? -0.560  -7.719  1.768   0.50 13.51 ?  72   GLN A CB  1 
ATOM   519  C  CG  A GLN A 1 72  ? 0.232   -8.071  1.924   0.50 17.51 ?  72   GLN A CG  1 
ATOM   520  C  CG  B GLN A 1 72  ? -0.269  -9.156  2.004   0.50 16.53 ?  72   GLN A CG  1 
ATOM   521  C  CD  A GLN A 1 72  ? 0.784   -8.145  3.367   0.50 19.20 ?  72   GLN A CD  1 
ATOM   522  C  CD  B GLN A 1 72  ? 0.386   -9.337  3.393   0.50 17.46 ?  72   GLN A CD  1 
ATOM   523  O  OE1 A GLN A 1 72  ? 0.111   -7.827  4.369   0.50 20.78 ?  72   GLN A OE1 1 
ATOM   524  O  OE1 B GLN A 1 72  ? 0.587   -8.364  4.131   0.50 21.87 ?  72   GLN A OE1 1 
ATOM   525  N  NE2 A GLN A 1 72  ? 2.008   -8.596  3.462   0.50 16.93 ?  72   GLN A NE2 1 
ATOM   526  N  NE2 B GLN A 1 72  ? 0.736   -10.550 3.726   0.50 23.17 ?  72   GLN A NE2 1 
ATOM   527  N  N   . ALA A 1 73  ? -0.232  -5.322  -0.405  1.00 12.10 ?  73   ALA A N   1 
ATOM   528  C  CA  . ALA A 1 73  ? 0.888   -4.656  -1.071  1.00 11.23 ?  73   ALA A CA  1 
ATOM   529  C  C   . ALA A 1 73  ? 1.649   -3.987  0.058   1.00 11.62 ?  73   ALA A C   1 
ATOM   530  O  O   . ALA A 1 73  ? 1.071   -3.229  0.807   1.00 12.41 ?  73   ALA A O   1 
ATOM   531  C  CB  . ALA A 1 73  ? 0.413   -3.617  -2.102  1.00 11.82 ?  73   ALA A CB  1 
ATOM   532  N  N   . THR A 1 74  ? 2.917   -4.344  0.213   1.00 12.20 ?  74   THR A N   1 
ATOM   533  C  CA  . THR A 1 74  ? 3.725   -3.874  1.318   1.00 12.65 ?  74   THR A CA  1 
ATOM   534  C  C   . THR A 1 74  ? 4.904   -3.064  0.788   1.00 11.85 ?  74   THR A C   1 
ATOM   535  O  O   . THR A 1 74  ? 5.686   -3.555  -0.030  1.00 13.09 ?  74   THR A O   1 
ATOM   536  C  CB  . THR A 1 74  ? 4.248   -5.050  2.148   1.00 12.76 ?  74   THR A CB  1 
ATOM   537  O  OG1 . THR A 1 74  ? 3.132   -5.752  2.701   1.00 14.27 ?  74   THR A OG1 1 
ATOM   538  C  CG2 . THR A 1 74  ? 5.177   -4.513  3.269   1.00 10.45 ?  74   THR A CG2 1 
ATOM   539  N  N   . ALA A 1 75  ? 5.021   -1.819  1.212   1.00 11.80 ?  75   ALA A N   1 
ATOM   540  C  CA  . ALA A 1 75  ? 6.220   -1.035  0.885   1.00 12.17 ?  75   ALA A CA  1 
ATOM   541  C  C   . ALA A 1 75  ? 7.387   -1.563  1.739   1.00 12.38 ?  75   ALA A C   1 
ATOM   542  O  O   . ALA A 1 75  ? 7.270   -1.715  2.966   1.00 11.51 ?  75   ALA A O   1 
ATOM   543  C  CB  . ALA A 1 75  ? 6.002   0.457   1.154   1.00 12.65 ?  75   ALA A CB  1 
ATOM   544  N  N   . LEU A 1 76  ? 8.486   -1.886  1.085   1.00 13.24 ?  76   LEU A N   1 
ATOM   545  C  CA  . LEU A 1 76  ? 9.693   -2.277  1.779   1.00 15.02 ?  76   LEU A CA  1 
ATOM   546  C  C   . LEU A 1 76  ? 10.852  -2.279  0.774   1.00 14.88 ?  76   LEU A C   1 
ATOM   547  O  O   . LEU A 1 76  ? 10.664  -2.607  -0.402  1.00 13.88 ?  76   LEU A O   1 
ATOM   548  C  CB  . LEU A 1 76  ? 9.552   -3.611  2.490   1.00 17.28 ?  76   LEU A CB  1 
ATOM   549  C  CG  . LEU A 1 76  ? 9.613   -4.917  1.733   1.00 21.11 ?  76   LEU A CG  1 
ATOM   550  C  CD1 . LEU A 1 76  ? 11.021  -5.329  1.477   1.00 26.67 ?  76   LEU A CD1 1 
ATOM   551  C  CD2 . LEU A 1 76  ? 8.906   -6.025  2.551   1.00 28.21 ?  76   LEU A CD2 1 
ATOM   552  N  N   . PRO A 1 77  ? 12.055  -1.910  1.245   1.00 14.92 ?  77   PRO A N   1 
ATOM   553  C  CA  . PRO A 1 77  ? 12.351  -1.470  2.623   1.00 15.36 ?  77   PRO A CA  1 
ATOM   554  C  C   . PRO A 1 77  ? 11.857  -0.050  2.846   1.00 13.78 ?  77   PRO A C   1 
ATOM   555  O  O   . PRO A 1 77  ? 11.681  0.721   1.884   1.00 14.45 ?  77   PRO A O   1 
ATOM   556  C  CB  . PRO A 1 77  ? 13.880  -1.503  2.684   1.00 15.97 ?  77   PRO A CB  1 
ATOM   557  C  CG  . PRO A 1 77  ? 14.319  -1.323  1.306   1.00 15.44 ?  77   PRO A CG  1 
ATOM   558  C  CD  . PRO A 1 77  ? 13.270  -1.943  0.408   1.00 16.09 ?  77   PRO A CD  1 
ATOM   559  N  N   . VAL A 1 78  ? 11.578  0.269   4.100   1.00 12.67 ?  78   VAL A N   1 
ATOM   560  C  CA  . VAL A 1 78  ? 11.273  1.632   4.535   1.00 12.05 ?  78   VAL A CA  1 
ATOM   561  C  C   . VAL A 1 78  ? 12.345  1.997   5.554   1.00 11.59 ?  78   VAL A C   1 
ATOM   562  O  O   . VAL A 1 78  ? 12.442  1.363   6.617   1.00 11.95 ?  78   VAL A O   1 
ATOM   563  C  CB  . VAL A 1 78  ? 9.874   1.671   5.171   1.00 11.83 ?  78   VAL A CB  1 
ATOM   564  C  CG1 . VAL A 1 78  ? 9.531   3.098   5.686   1.00 11.99 ?  78   VAL A CG1 1 
ATOM   565  C  CG2 . VAL A 1 78  ? 8.811   1.135   4.151   1.00 13.38 ?  78   VAL A CG2 1 
ATOM   566  N  N   . ASN A 1 79  ? 13.169  2.995   5.234   1.00 12.00 ?  79   ASN A N   1 
ATOM   567  C  CA  . ASN A 1 79  ? 14.336  3.304   6.020   1.00 12.48 ?  79   ASN A CA  1 
ATOM   568  C  C   . ASN A 1 79  ? 14.042  4.396   7.046   1.00 12.30 ?  79   ASN A C   1 
ATOM   569  O  O   . ASN A 1 79  ? 13.630  5.503   6.685   1.00 13.44 ?  79   ASN A O   1 
ATOM   570  C  CB  . ASN A 1 79  ? 15.488  3.711   5.094   1.00 12.80 ?  79   ASN A CB  1 
ATOM   571  C  CG  . ASN A 1 79  ? 16.036  2.530   4.342   1.00 14.18 ?  79   ASN A CG  1 
ATOM   572  O  OD1 . ASN A 1 79  ? 15.659  2.280   3.179   1.00 15.47 ?  79   ASN A OD1 1 
ATOM   573  N  ND2 . ASN A 1 79  ? 16.916  1.762   5.008   1.00 16.26 ?  79   ASN A ND2 1 
ATOM   574  N  N   . VAL A 1 80  ? 14.205  4.035   8.312   1.00 12.46 ?  80   VAL A N   1 
ATOM   575  C  CA  . VAL A 1 80  ? 13.810  4.917   9.425   1.00 12.64 ?  80   VAL A CA  1 
ATOM   576  C  C   . VAL A 1 80  ? 14.917  4.948   10.492  1.00 13.40 ?  80   VAL A C   1 
ATOM   577  O  O   . VAL A 1 80  ? 15.917  4.252   10.370  1.00 13.24 ?  80   VAL A O   1 
ATOM   578  C  CB  . VAL A 1 80  ? 12.472  4.432   10.044  1.00 12.89 ?  80   VAL A CB  1 
ATOM   579  C  CG1 . VAL A 1 80  ? 11.293  4.514   8.994   1.00 10.59 ?  80   VAL A CG1 1 
ATOM   580  C  CG2 . VAL A 1 80  ? 12.628  3.021   10.588  1.00 12.01 ?  80   VAL A CG2 1 
ATOM   581  N  N   . ARG A 1 81  ? 14.707  5.756   11.537  1.00 14.15 ?  81   ARG A N   1 
ATOM   582  C  CA  . ARG A 1 81  ? 15.603  5.770   12.681  1.00 15.23 ?  81   ARG A CA  1 
ATOM   583  C  C   . ARG A 1 81  ? 14.804  5.519   13.978  1.00 15.32 ?  81   ARG A C   1 
ATOM   584  O  O   . ARG A 1 81  ? 13.664  5.992   14.106  1.00 15.95 ?  81   ARG A O   1 
ATOM   585  C  CB  . ARG A 1 81  ? 16.328  7.111   12.749  1.00 15.57 ?  81   ARG A CB  1 
ATOM   586  C  CG  . ARG A 1 81  ? 17.058  7.476   11.457  1.00 17.25 ?  81   ARG A CG  1 
ATOM   587  C  CD  . ARG A 1 81  ? 17.768  8.793   11.612  1.00 20.38 ?  81   ARG A CD  1 
ATOM   588  N  NE  . ARG A 1 81  ? 16.835  9.909   11.594  1.00 22.31 ?  81   ARG A NE  1 
ATOM   589  C  CZ  . ARG A 1 81  ? 16.706  10.826  12.554  1.00 24.15 ?  81   ARG A CZ  1 
ATOM   590  N  NH1 . ARG A 1 81  ? 17.414  10.765  13.649  1.00 24.41 1  81   ARG A NH1 1 
ATOM   591  N  NH2 . ARG A 1 81  ? 15.829  11.803  12.409  1.00 26.50 ?  81   ARG A NH2 1 
ATOM   592  N  N   . PRO A 1 82  ? 15.402  4.785   14.924  1.00 16.19 ?  82   PRO A N   1 
ATOM   593  C  CA  . PRO A 1 82  ? 14.761  4.497   16.191  1.00 17.12 ?  82   PRO A CA  1 
ATOM   594  C  C   . PRO A 1 82  ? 14.336  5.773   16.937  1.00 16.84 ?  82   PRO A C   1 
ATOM   595  O  O   . PRO A 1 82  ? 15.091  6.769   16.992  1.00 17.36 ?  82   PRO A O   1 
ATOM   596  C  CB  . PRO A 1 82  ? 15.836  3.732   16.949  1.00 17.17 ?  82   PRO A CB  1 
ATOM   597  C  CG  . PRO A 1 82  ? 16.651  3.054   15.884  1.00 17.53 ?  82   PRO A CG  1 
ATOM   598  C  CD  . PRO A 1 82  ? 16.727  4.141   14.845  1.00 16.78 ?  82   PRO A CD  1 
ATOM   599  N  N   . GLY A 1 83  ? 13.105  5.758   17.450  1.00 17.18 ?  83   GLY A N   1 
ATOM   600  C  CA  . GLY A 1 83  ? 12.573  6.852   18.228  1.00 17.84 ?  83   GLY A CA  1 
ATOM   601  C  C   . GLY A 1 83  ? 11.941  8.008   17.485  1.00 18.57 ?  83   GLY A C   1 
ATOM   602  O  O   . GLY A 1 83  ? 11.376  8.900   18.098  1.00 20.09 ?  83   GLY A O   1 
ATOM   603  N  N   . VAL A 1 84  ? 12.047  8.016   16.155  1.00 18.73 ?  84   VAL A N   1 
ATOM   604  C  CA  . VAL A 1 84  ? 11.553  9.115   15.345  1.00 17.96 ?  84   VAL A CA  1 
ATOM   605  C  C   . VAL A 1 84  ? 10.054  8.903   15.086  1.00 17.62 ?  84   VAL A C   1 
ATOM   606  O  O   . VAL A 1 84  ? 9.578   7.754   14.957  1.00 17.86 ?  84   VAL A O   1 
ATOM   607  C  CB  . VAL A 1 84  ? 12.380  9.279   14.035  1.00 17.87 ?  84   VAL A CB  1 
ATOM   608  C  CG1 . VAL A 1 84  ? 11.818  10.373  13.142  1.00 16.90 ?  84   VAL A CG1 1 
ATOM   609  C  CG2 . VAL A 1 84  ? 13.841  9.571   14.419  1.00 20.08 ?  84   VAL A CG2 1 
ATOM   610  N  N   . THR A 1 85  ? 9.320   10.009  15.083  1.00 17.51 ?  85   THR A N   1 
ATOM   611  C  CA  . THR A 1 85  ? 7.919   10.012  14.677  1.00 17.96 ?  85   THR A CA  1 
ATOM   612  C  C   . THR A 1 85  ? 7.791   10.417  13.195  1.00 17.31 ?  85   THR A C   1 
ATOM   613  O  O   . THR A 1 85  ? 8.447   11.362  12.720  1.00 17.74 ?  85   THR A O   1 
ATOM   614  C  CB  . THR A 1 85  ? 7.083   10.900  15.624  1.00 17.90 ?  85   THR A CB  1 
ATOM   615  O  OG1 . THR A 1 85  ? 7.284   10.436  16.969  1.00 19.38 ?  85   THR A OG1 1 
ATOM   616  C  CG2 . THR A 1 85  ? 5.595   10.911  15.267  1.00 18.57 ?  85   THR A CG2 1 
ATOM   617  N  N   . TYR A 1 86  ? 7.014   9.632   12.443  1.00 15.28 ?  86   TYR A N   1 
ATOM   618  C  CA  . TYR A 1 86  ? 6.853   9.808   10.991  1.00 14.44 ?  86   TYR A CA  1 
ATOM   619  C  C   . TYR A 1 86  ? 5.396   10.103  10.663  1.00 14.38 ?  86   TYR A C   1 
ATOM   620  O  O   . TYR A 1 86  ? 4.512   9.660   11.401  1.00 16.65 ?  86   TYR A O   1 
ATOM   621  C  CB  . TYR A 1 86  ? 7.295   8.554   10.237  1.00 13.85 ?  86   TYR A CB  1 
ATOM   622  C  CG  . TYR A 1 86  ? 8.748   8.302   10.363  1.00 14.26 ?  86   TYR A CG  1 
ATOM   623  C  CD1 . TYR A 1 86  ? 9.264   7.588   11.456  1.00 14.65 ?  86   TYR A CD1 1 
ATOM   624  C  CD2 . TYR A 1 86  ? 9.641   8.808   9.414   1.00 14.99 ?  86   TYR A CD2 1 
ATOM   625  C  CE1 . TYR A 1 86  ? 10.608  7.377   11.592  1.00 14.85 ?  86   TYR A CE1 1 
ATOM   626  C  CE2 . TYR A 1 86  ? 10.996  8.600   9.546   1.00 13.77 ?  86   TYR A CE2 1 
ATOM   627  C  CZ  . TYR A 1 86  ? 11.472  7.909   10.650  1.00 14.02 ?  86   TYR A CZ  1 
ATOM   628  O  OH  . TYR A 1 86  ? 12.809  7.699   10.804  1.00 16.93 ?  86   TYR A OH  1 
ATOM   629  N  N   . THR A 1 87  ? 5.165   10.828  9.584   1.00 14.33 ?  87   THR A N   1 
ATOM   630  C  CA  . THR A 1 87  ? 3.843   10.994  9.008   1.00 14.85 ?  87   THR A CA  1 
ATOM   631  C  C   . THR A 1 87  ? 3.752   10.069  7.797   1.00 14.09 ?  87   THR A C   1 
ATOM   632  O  O   . THR A 1 87  ? 4.655   10.051  6.965   1.00 14.16 ?  87   THR A O   1 
ATOM   633  C  CB  . THR A 1 87  ? 3.602   12.417  8.571   1.00 16.47 ?  87   THR A CB  1 
ATOM   634  O  OG1 . THR A 1 87  ? 3.702   13.300  9.719   1.00 19.16 ?  87   THR A OG1 1 
ATOM   635  C  CG2 . THR A 1 87  ? 2.206   12.560  7.937   1.00 18.75 ?  87   THR A CG2 1 
ATOM   636  N  N   . TYR A 1 88  ? 2.673   9.292   7.741   1.00 13.98 ?  88   TYR A N   1 
ATOM   637  C  CA  . TYR A 1 88  ? 2.360   8.439   6.603   1.00 14.10 ?  88   TYR A CA  1 
ATOM   638  C  C   . TYR A 1 88  ? 1.237   9.101   5.834   1.00 14.03 ?  88   TYR A C   1 
ATOM   639  O  O   . TYR A 1 88  ? 0.219   9.458   6.439   1.00 14.23 ?  88   TYR A O   1 
ATOM   640  C  CB  . TYR A 1 88  ? 1.876   7.118   7.169   1.00 12.72 ?  88   TYR A CB  1 
ATOM   641  C  CG  . TYR A 1 88  ? 1.413   6.056   6.214   1.00 12.33 ?  88   TYR A CG  1 
ATOM   642  C  CD1 . TYR A 1 88  ? 0.233   6.200   5.490   1.00 11.03 ?  88   TYR A CD1 1 
ATOM   643  C  CD2 . TYR A 1 88  ? 2.086   4.859   6.153   1.00 12.19 ?  88   TYR A CD2 1 
ATOM   644  C  CE1 . TYR A 1 88  ? -0.238  5.171   4.639   1.00 12.50 ?  88   TYR A CE1 1 
ATOM   645  C  CE2 . TYR A 1 88  ? 1.631   3.820   5.331   1.00 12.02 ?  88   TYR A CE2 1 
ATOM   646  C  CZ  . TYR A 1 88  ? 0.449   4.001   4.567   1.00 10.69 ?  88   TYR A CZ  1 
ATOM   647  O  OH  . TYR A 1 88  ? -0.044  2.971   3.720   1.00 13.13 ?  88   TYR A OH  1 
ATOM   648  N  N   . THR A 1 89  ? 1.406   9.255   4.520   1.00 14.65 ?  89   THR A N   1 
ATOM   649  C  CA  . THR A 1 89  ? 0.324   9.748   3.664   1.00 14.51 ?  89   THR A CA  1 
ATOM   650  C  C   . THR A 1 89  ? 0.272   8.913   2.413   1.00 15.30 ?  89   THR A C   1 
ATOM   651  O  O   . THR A 1 89  ? 1.328   8.514   1.879   1.00 15.37 ?  89   THR A O   1 
ATOM   652  C  CB  . THR A 1 89  ? 0.515   11.230  3.286   1.00 16.55 ?  89   THR A CB  1 
ATOM   653  O  OG1 . THR A 1 89  ? 0.724   11.986  4.482   1.00 18.70 ?  89   THR A OG1 1 
ATOM   654  C  CG2 . THR A 1 89  ? -0.743  11.760  2.611   1.00 16.58 ?  89   THR A CG2 1 
ATOM   655  N  N   . ILE A 1 90  ? -0.948  8.622   1.966   1.00 14.25 ?  90   ILE A N   1 
ATOM   656  C  CA  . ILE A 1 90  ? -1.153  7.878   0.735   1.00 14.54 ?  90   ILE A CA  1 
ATOM   657  C  C   . ILE A 1 90  ? -2.466  8.391   0.113   1.00 14.57 ?  90   ILE A C   1 
ATOM   658  O  O   . ILE A 1 90  ? -3.317  8.897   0.839   1.00 14.44 ?  90   ILE A O   1 
ATOM   659  C  CB  . ILE A 1 90  ? -1.184  6.341   1.004   1.00 13.45 ?  90   ILE A CB  1 
ATOM   660  C  CG1 . ILE A 1 90  ? -0.945  5.572   -0.304  1.00 14.14 ?  90   ILE A CG1 1 
ATOM   661  C  CG2 . ILE A 1 90  ? -2.518  5.890   1.692   1.00 14.55 ?  90   ILE A CG2 1 
ATOM   662  C  CD1 . ILE A 1 90  ? -0.793  4.025   -0.129  1.00 14.59 ?  90   ILE A CD1 1 
ATOM   663  N  N   . ARG A 1 91  ? -2.641  8.240   -1.195  1.00 14.86 ?  91   ARG A N   1 
ATOM   664  C  CA  . ARG A 1 91  ? -3.887  8.621   -1.852  1.00 15.18 ?  91   ARG A CA  1 
ATOM   665  C  C   . ARG A 1 91  ? -4.554  7.332   -2.342  1.00 13.31 ?  91   ARG A C   1 
ATOM   666  O  O   . ARG A 1 91  ? -3.874  6.423   -2.797  1.00 13.29 ?  91   ARG A O   1 
ATOM   667  C  CB  . ARG A 1 91  ? -3.648  9.528   -3.070  1.00 16.73 ?  91   ARG A CB  1 
ATOM   668  C  CG  . ARG A 1 91  ? -2.616  10.550  -2.889  1.00 23.44 ?  91   ARG A CG  1 
ATOM   669  C  CD  . ARG A 1 91  ? -3.177  11.777  -2.319  1.00 29.71 ?  91   ARG A CD  1 
ATOM   670  N  NE  . ARG A 1 91  ? -2.139  12.484  -1.586  1.00 35.17 ?  91   ARG A NE  1 
ATOM   671  C  CZ  . ARG A 1 91  ? -2.300  13.689  -1.049  1.00 39.86 ?  91   ARG A CZ  1 
ATOM   672  N  NH1 . ARG A 1 91  ? -3.451  14.361  -1.211  1.00 40.67 1  91   ARG A NH1 1 
ATOM   673  N  NH2 . ARG A 1 91  ? -1.297  14.226  -0.371  1.00 41.85 ?  91   ARG A NH2 1 
ATOM   674  N  N   . ALA A 1 92  ? -5.879  7.252   -2.243  1.00 12.86 ?  92   ALA A N   1 
ATOM   675  C  CA  . ALA A 1 92  ? -6.594  6.053   -2.666  1.00 12.42 ?  92   ALA A CA  1 
ATOM   676  C  C   . ALA A 1 92  ? -7.991  6.389   -3.188  1.00 12.82 ?  92   ALA A C   1 
ATOM   677  O  O   . ALA A 1 92  ? -8.623  7.349   -2.737  1.00 12.90 ?  92   ALA A O   1 
ATOM   678  C  CB  . ALA A 1 92  ? -6.700  5.019   -1.500  1.00 12.22 ?  92   ALA A CB  1 
ATOM   679  N  N   . ARG A 1 93  ? -8.449  5.584   -4.131  1.00 12.29 ?  93   ARG A N   1 
ATOM   680  C  CA  . ARG A 1 93  ? -9.829  5.606   -4.592  1.00 12.99 ?  93   ARG A CA  1 
ATOM   681  C  C   . ARG A 1 93  ? -10.232 4.265   -5.126  1.00 13.22 ?  93   ARG A C   1 
ATOM   682  O  O   . ARG A 1 93  ? -9.400  3.375   -5.220  1.00 12.90 ?  93   ARG A O   1 
ATOM   683  C  CB  . ARG A 1 93  ? -10.085 6.699   -5.629  1.00 14.24 ?  93   ARG A CB  1 
ATOM   684  C  CG  . ARG A 1 93  ? -9.440  6.526   -6.950  1.00 16.00 ?  93   ARG A CG  1 
ATOM   685  C  CD  . ARG A 1 93  ? -9.997  7.572   -7.938  1.00 21.17 ?  93   ARG A CD  1 
ATOM   686  N  NE  . ARG A 1 93  ? -9.811  7.063   -9.268  1.00 25.05 ?  93   ARG A NE  1 
ATOM   687  C  CZ  . ARG A 1 93  ? -10.712 6.410   -9.998  1.00 23.96 ?  93   ARG A CZ  1 
ATOM   688  N  NH1 . ARG A 1 93  ? -11.952 6.195   -9.594  1.00 26.28 1  93   ARG A NH1 1 
ATOM   689  N  NH2 . ARG A 1 93  ? -10.336 5.975   -11.172 1.00 25.90 ?  93   ARG A NH2 1 
ATOM   690  N  N   . ALA A 1 94  ? -11.518 4.109   -5.414  1.00 12.82 ?  94   ALA A N   1 
ATOM   691  C  CA  . ALA A 1 94  ? -12.068 2.814   -5.913  1.00 12.86 ?  94   ALA A CA  1 
ATOM   692  C  C   . ALA A 1 94  ? -12.937 3.018   -7.142  1.00 13.39 ?  94   ALA A C   1 
ATOM   693  O  O   . ALA A 1 94  ? -13.538 4.087   -7.338  1.00 13.81 ?  94   ALA A O   1 
ATOM   694  C  CB  . ALA A 1 94  ? -12.880 2.099   -4.814  1.00 11.94 ?  94   ALA A CB  1 
ATOM   695  N  N   . GLU A 1 95  ? -13.036 1.969   -7.962  1.00 11.86 ?  95   GLU A N   1 
ATOM   696  C  CA  . GLU A 1 95  ? -13.875 1.990   -9.151  1.00 13.01 ?  95   GLU A CA  1 
ATOM   697  C  C   . GLU A 1 95  ? -15.377 2.044   -8.806  1.00 13.57 ?  95   GLU A C   1 
ATOM   698  O  O   . GLU A 1 95  ? -16.156 2.709   -9.477  1.00 14.47 ?  95   GLU A O   1 
ATOM   699  C  CB  . GLU A 1 95  ? -13.607 0.723   -9.997  1.00 13.02 ?  95   GLU A CB  1 
ATOM   700  C  CG  . GLU A 1 95  ? -14.143 0.786   -11.404 1.00 14.97 ?  95   GLU A CG  1 
ATOM   701  C  CD  . GLU A 1 95  ? -13.508 1.860   -12.234 1.00 17.40 ?  95   GLU A CD  1 
ATOM   702  O  OE1 . GLU A 1 95  ? -12.328 2.246   -11.981 1.00 17.75 ?  95   GLU A OE1 1 
ATOM   703  O  OE2 . GLU A 1 95  ? -14.213 2.399   -13.119 1.00 15.35 -1 95   GLU A OE2 1 
ATOM   704  N  N   . GLN A 1 96  ? -15.764 1.308   -7.781  1.00 15.09 ?  96   GLN A N   1 
ATOM   705  C  CA  . GLN A 1 96  ? -17.158 1.181   -7.360  1.00 16.61 ?  96   GLN A CA  1 
ATOM   706  C  C   . GLN A 1 96  ? -17.298 1.649   -5.910  1.00 17.03 ?  96   GLN A C   1 
ATOM   707  O  O   . GLN A 1 96  ? -16.328 1.709   -5.139  1.00 15.11 ?  96   GLN A O   1 
ATOM   708  C  CB  . GLN A 1 96  ? -17.603 -0.285  -7.452  1.00 17.09 ?  96   GLN A CB  1 
ATOM   709  C  CG  . GLN A 1 96  ? -17.299 -0.986  -8.789  1.00 19.44 ?  96   GLN A CG  1 
ATOM   710  C  CD  . GLN A 1 96  ? -18.199 -0.490  -9.933  1.00 25.21 ?  96   GLN A CD  1 
ATOM   711  O  OE1 . GLN A 1 96  ? -19.321 -0.010  -9.693  1.00 28.59 ?  96   GLN A OE1 1 
ATOM   712  N  NE2 . GLN A 1 96  ? -17.713 -0.600  -11.176 1.00 23.74 ?  96   GLN A NE2 1 
ATOM   713  N  N   . ASP A 1 97  ? -18.527 1.973   -5.554  1.00 18.93 ?  97   ASP A N   1 
ATOM   714  C  CA  . ASP A 1 97  ? -18.885 2.278   -4.168  1.00 20.83 ?  97   ASP A CA  1 
ATOM   715  C  C   . ASP A 1 97  ? -18.572 1.119   -3.203  1.00 19.95 ?  97   ASP A C   1 
ATOM   716  O  O   . ASP A 1 97  ? -18.702 -0.036  -3.566  1.00 20.88 ?  97   ASP A O   1 
ATOM   717  C  CB  . ASP A 1 97  ? -20.380 2.592   -4.130  1.00 21.31 ?  97   ASP A CB  1 
ATOM   718  C  CG  . ASP A 1 97  ? -20.709 3.969   -4.683  1.00 25.36 ?  97   ASP A CG  1 
ATOM   719  O  OD1 . ASP A 1 97  ? -19.834 4.866   -4.732  1.00 25.38 ?  97   ASP A OD1 1 
ATOM   720  O  OD2 . ASP A 1 97  ? -21.874 4.159   -5.064  1.00 32.09 -1 97   ASP A OD2 1 
ATOM   721  N  N   . GLY A 1 98  ? -18.102 1.422   -1.993  1.00 19.67 ?  98   GLY A N   1 
ATOM   722  C  CA  . GLY A 1 98  ? -18.057 0.436   -0.894  1.00 18.84 ?  98   GLY A CA  1 
ATOM   723  C  C   . GLY A 1 98  ? -16.748 -0.272  -0.494  1.00 19.08 ?  98   GLY A C   1 
ATOM   724  O  O   . GLY A 1 98  ? -16.745 -1.267  0.274   1.00 20.36 ?  98   GLY A O   1 
ATOM   725  N  N   . ALA A 1 99  ? -15.636 0.255   -0.943  1.00 17.63 ?  99   ALA A N   1 
ATOM   726  C  CA  . ALA A 1 99  ? -14.347 -0.372  -0.715  1.00 15.75 ?  99   ALA A CA  1 
ATOM   727  C  C   . ALA A 1 99  ? -13.787 -0.060  0.677   1.00 14.70 ?  99   ALA A C   1 
ATOM   728  O  O   . ALA A 1 99  ? -14.047 1.006   1.263   1.00 14.07 ?  99   ALA A O   1 
ATOM   729  C  CB  . ALA A 1 99  ? -13.388 0.091   -1.787  1.00 16.28 ?  99   ALA A CB  1 
ATOM   730  N  N   . VAL A 1 100 ? -13.040 -1.014  1.201   1.00 14.15 ?  100  VAL A N   1 
ATOM   731  C  CA  . VAL A 1 100 ? -12.410 -0.932  2.511   1.00 13.03 ?  100  VAL A CA  1 
ATOM   732  C  C   . VAL A 1 100 ? -10.932 -1.308  2.390   1.00 12.47 ?  100  VAL A C   1 
ATOM   733  O  O   . VAL A 1 100 ? -10.577 -2.317  1.772   1.00 12.62 ?  100  VAL A O   1 
ATOM   734  C  CB  . VAL A 1 100 ? -13.089 -1.912  3.509   1.00 14.54 ?  100  VAL A CB  1 
ATOM   735  C  CG1 . VAL A 1 100 ? -12.425 -1.827  4.911   1.00 12.88 ?  100  VAL A CG1 1 
ATOM   736  C  CG2 . VAL A 1 100 ? -14.576 -1.660  3.545   1.00 14.34 ?  100  VAL A CG2 1 
ATOM   737  N  N   . VAL A 1 101 ? -10.062 -0.530  3.039   1.00 11.39 ?  101  VAL A N   1 
ATOM   738  C  CA  . VAL A 1 101 ? -8.628  -0.851  3.070   1.00 11.14 ?  101  VAL A CA  1 
ATOM   739  C  C   . VAL A 1 101 ? -8.057  -0.474  4.432   1.00 11.90 ?  101  VAL A C   1 
ATOM   740  O  O   . VAL A 1 101 ? -8.492  0.543   5.013   1.00 13.06 ?  101  VAL A O   1 
ATOM   741  C  CB  . VAL A 1 101 ? -7.862  -0.039  1.941   1.00 11.77 ?  101  VAL A CB  1 
ATOM   742  C  CG1 . VAL A 1 101 ? -6.299  -0.159  2.027   1.00 10.93 ?  101  VAL A CG1 1 
ATOM   743  C  CG2 . VAL A 1 101 ? -8.381  -0.439  0.539   1.00 11.68 ?  101  VAL A CG2 1 
ATOM   744  N  N   . SER A 1 102 ? -7.064  -1.235  4.908   1.00 12.12 ?  102  SER A N   1 
ATOM   745  C  CA  . SER A 1 102 ? -6.292  -0.838  6.085   1.00 11.32 ?  102  SER A CA  1 
ATOM   746  C  C   . SER A 1 102 ? -4.861  -0.581  5.649   1.00 11.99 ?  102  SER A C   1 
ATOM   747  O  O   . SER A 1 102 ? -4.275  -1.376  4.920   1.00 12.60 ?  102  SER A O   1 
ATOM   748  C  CB  . SER A 1 102 ? -6.355  -1.851  7.237   1.00 11.30 ?  102  SER A CB  1 
ATOM   749  O  OG  . SER A 1 102 ? -7.691  -2.146  7.627   1.00 11.17 ?  102  SER A OG  1 
ATOM   750  N  N   . PHE A 1 103 ? -4.355  0.569   6.069   1.00 11.81 ?  103  PHE A N   1 
ATOM   751  C  CA  . PHE A 1 103 ? -2.996  1.030   5.783   1.00 12.14 ?  103  PHE A CA  1 
ATOM   752  C  C   . PHE A 1 103 ? -2.207  0.866   7.082   1.00 12.56 ?  103  PHE A C   1 
ATOM   753  O  O   . PHE A 1 103 ? -2.528  1.517   8.089   1.00 13.49 ?  103  PHE A O   1 
ATOM   754  C  CB  . PHE A 1 103 ? -3.008  2.509   5.389   1.00 12.30 ?  103  PHE A CB  1 
ATOM   755  C  CG  . PHE A 1 103 ? -3.904  2.818   4.188   1.00 11.63 ?  103  PHE A CG  1 
ATOM   756  C  CD1 . PHE A 1 103 ? -3.501  2.511   2.894   1.00 10.11 ?  103  PHE A CD1 1 
ATOM   757  C  CD2 . PHE A 1 103 ? -5.158  3.379   4.371   1.00 13.25 ?  103  PHE A CD2 1 
ATOM   758  C  CE1 . PHE A 1 103 ? -4.332  2.810   1.802   1.00 11.65 ?  103  PHE A CE1 1 
ATOM   759  C  CE2 . PHE A 1 103 ? -5.999  3.656   3.294   1.00 15.54 ?  103  PHE A CE2 1 
ATOM   760  C  CZ  . PHE A 1 103 ? -5.573  3.374   1.996   1.00 11.43 ?  103  PHE A CZ  1 
ATOM   761  N  N   . THR A 1 104 ? -1.136  0.094   7.043   1.00 13.28 ?  104  THR A N   1 
ATOM   762  C  CA  . THR A 1 104 ? -0.404  -0.257  8.281   1.00 12.70 ?  104  THR A CA  1 
ATOM   763  C  C   . THR A 1 104 ? 1.113   -0.063  8.133   1.00 12.69 ?  104  THR A C   1 
ATOM   764  O  O   . THR A 1 104 ? 1.646   0.035   7.021   1.00 11.94 ?  104  THR A O   1 
ATOM   765  C  CB  . THR A 1 104 ? -0.705  -1.719  8.715   1.00 13.59 ?  104  THR A CB  1 
ATOM   766  O  OG1 . THR A 1 104 ? 0.142   -2.628  8.013   1.00 11.81 ?  104  THR A OG1 1 
ATOM   767  C  CG2 . THR A 1 104 ? -2.211  -2.149  8.457   1.00 12.07 ?  104  THR A CG2 1 
ATOM   768  N  N   . VAL A 1 105 ? 1.789   0.057   9.282   1.00 12.65 ?  105  VAL A N   1 
ATOM   769  C  CA  A VAL A 1 105 ? 3.243   0.064   9.309   0.50 12.70 ?  105  VAL A CA  1 
ATOM   770  C  CA  B VAL A 1 105 ? 3.255   0.106   9.334   0.50 12.45 ?  105  VAL A CA  1 
ATOM   771  C  C   . VAL A 1 105 ? 3.745   -0.784  10.489  1.00 12.41 ?  105  VAL A C   1 
ATOM   772  O  O   . VAL A 1 105 ? 3.182   -0.767  11.574  1.00 13.49 ?  105  VAL A O   1 
ATOM   773  C  CB  A VAL A 1 105 ? 3.770   1.503   9.324   0.50 12.43 ?  105  VAL A CB  1 
ATOM   774  C  CB  B VAL A 1 105 ? 3.754   1.552   9.500   0.50 12.08 ?  105  VAL A CB  1 
ATOM   775  C  CG1 A VAL A 1 105 ? 3.382   2.222   10.605  0.50 12.38 ?  105  VAL A CG1 1 
ATOM   776  C  CG1 B VAL A 1 105 ? 5.239   1.599   9.816   0.50 13.38 ?  105  VAL A CG1 1 
ATOM   777  C  CG2 A VAL A 1 105 ? 5.258   1.550   9.051   0.50 14.65 ?  105  VAL A CG2 1 
ATOM   778  C  CG2 B VAL A 1 105 ? 3.437   2.388   8.222   0.50 11.52 ?  105  VAL A CG2 1 
ATOM   779  N  N   . GLY A 1 106 ? 4.778   -1.567  10.246  1.00 12.39 ?  106  GLY A N   1 
ATOM   780  C  CA  . GLY A 1 106 ? 5.343   -2.397  11.292  1.00 12.96 ?  106  GLY A CA  1 
ATOM   781  C  C   . GLY A 1 106 ? 6.740   -2.832  10.978  1.00 13.90 ?  106  GLY A C   1 
ATOM   782  O  O   . GLY A 1 106 ? 7.316   -2.413  9.988   1.00 13.84 ?  106  GLY A O   1 
ATOM   783  N  N   . ASN A 1 107 ? 7.295   -3.699  11.816  1.00 14.69 ?  107  ASN A N   1 
ATOM   784  C  CA  . ASN A 1 107 ? 8.689   -4.077  11.619  1.00 15.69 ?  107  ASN A CA  1 
ATOM   785  C  C   . ASN A 1 107 ? 8.813   -5.460  10.996  1.00 17.09 ?  107  ASN A C   1 
ATOM   786  O  O   . ASN A 1 107 ? 7.800   -6.126  10.738  1.00 16.90 ?  107  ASN A O   1 
ATOM   787  C  CB  . ASN A 1 107 ? 9.496   -3.933  12.907  1.00 16.16 ?  107  ASN A CB  1 
ATOM   788  C  CG  . ASN A 1 107 ? 9.064   -4.875  13.982  1.00 15.19 ?  107  ASN A CG  1 
ATOM   789  O  OD1 . ASN A 1 107 ? 8.501   -5.946  13.709  1.00 17.07 ?  107  ASN A OD1 1 
ATOM   790  N  ND2 . ASN A 1 107 ? 9.327   -4.489  15.235  1.00 20.56 ?  107  ASN A ND2 1 
ATOM   791  N  N   . GLN A 1 108 ? 10.053  -5.894  10.769  1.00 18.62 ?  108  GLN A N   1 
ATOM   792  C  CA  . GLN A 1 108 ? 10.280  -7.178  10.083  1.00 20.89 ?  108  GLN A CA  1 
ATOM   793  C  C   . GLN A 1 108 ? 9.874   -8.419  10.896  1.00 21.98 ?  108  GLN A C   1 
ATOM   794  O  O   . GLN A 1 108 ? 9.735   -9.515  10.326  1.00 24.27 ?  108  GLN A O   1 
ATOM   795  C  CB  . GLN A 1 108 ? 11.737  -7.273  9.631   1.00 21.84 ?  108  GLN A CB  1 
ATOM   796  C  CG  . GLN A 1 108 ? 12.039  -6.269  8.522   1.00 25.76 ?  108  GLN A CG  1 
ATOM   797  C  CD  . GLN A 1 108 ? 13.444  -6.390  8.001   1.00 31.17 ?  108  GLN A CD  1 
ATOM   798  O  OE1 . GLN A 1 108 ? 13.812  -7.417  7.416   1.00 35.62 ?  108  GLN A OE1 1 
ATOM   799  N  NE2 . GLN A 1 108 ? 14.237  -5.343  8.182   1.00 31.98 ?  108  GLN A NE2 1 
ATOM   800  N  N   . SER A 1 109 ? 9.734   -8.252  12.204  1.00 22.06 ?  109  SER A N   1 
ATOM   801  C  CA  . SER A 1 109 ? 9.245   -9.295  13.106  1.00 22.47 ?  109  SER A CA  1 
ATOM   802  C  C   . SER A 1 109 ? 7.727   -9.248  13.275  1.00 21.54 ?  109  SER A C   1 
ATOM   803  O  O   . SER A 1 109 ? 7.180   -10.024 14.056  1.00 21.92 ?  109  SER A O   1 
ATOM   804  C  CB  . SER A 1 109 ? 9.895   -9.164  14.490  1.00 22.49 ?  109  SER A CB  1 
ATOM   805  O  OG  . SER A 1 109 ? 11.320  -9.302  14.397  1.00 25.29 ?  109  SER A OG  1 
ATOM   806  N  N   . LEU A 1 110 ? 7.069   -8.338  12.549  1.00 20.41 ?  110  LEU A N   1 
ATOM   807  C  CA  . LEU A 1 110 ? 5.608   -8.210  12.460  1.00 20.34 ?  110  LEU A CA  1 
ATOM   808  C  C   . LEU A 1 110 ? 4.939   -7.515  13.646  1.00 20.55 ?  110  LEU A C   1 
ATOM   809  O  O   . LEU A 1 110 ? 3.736   -7.620  13.857  1.00 21.09 ?  110  LEU A O   1 
ATOM   810  C  CB  . LEU A 1 110 ? 4.926   -9.542  12.150  1.00 20.63 ?  110  LEU A CB  1 
ATOM   811  C  CG  . LEU A 1 110 ? 5.416   -10.293 10.925  1.00 22.22 ?  110  LEU A CG  1 
ATOM   812  C  CD1 . LEU A 1 110 ? 4.462   -11.453 10.658  1.00 24.10 ?  110  LEU A CD1 1 
ATOM   813  C  CD2 . LEU A 1 110 ? 5.512   -9.403  9.710   1.00 24.66 ?  110  LEU A CD2 1 
ATOM   814  N  N   . ASP A 1 111 ? 5.716   -6.789  14.420  1.00 20.20 ?  111  ASP A N   1 
ATOM   815  C  CA  . ASP A 1 111 ? 5.151   -5.874  15.398  1.00 20.17 ?  111  ASP A CA  1 
ATOM   816  C  C   . ASP A 1 111 ? 4.633   -4.672  14.610  1.00 19.56 ?  111  ASP A C   1 
ATOM   817  O  O   . ASP A 1 111 ? 5.392   -4.093  13.840  1.00 19.04 ?  111  ASP A O   1 
ATOM   818  C  CB  . ASP A 1 111 ? 6.233   -5.372  16.367  1.00 20.78 ?  111  ASP A CB  1 
ATOM   819  C  CG  . ASP A 1 111 ? 6.943   -6.506  17.120  1.00 25.31 ?  111  ASP A CG  1 
ATOM   820  O  OD1 . ASP A 1 111 ? 6.219   -7.375  17.677  1.00 27.48 ?  111  ASP A OD1 1 
ATOM   821  O  OD2 . ASP A 1 111 ? 8.210   -6.500  17.169  1.00 27.07 -1 111  ASP A OD2 1 
ATOM   822  N  N   . GLU A 1 112 ? 3.385   -4.260  14.847  1.00 18.31 ?  112  GLU A N   1 
ATOM   823  C  CA  . GLU A 1 112 ? 2.799   -3.109  14.156  1.00 16.96 ?  112  GLU A CA  1 
ATOM   824  C  C   . GLU A 1 112 ? 2.994   -1.873  14.994  1.00 17.03 ?  112  GLU A C   1 
ATOM   825  O  O   . GLU A 1 112 ? 2.674   -1.879  16.183  1.00 17.96 ?  112  GLU A O   1 
ATOM   826  C  CB  . GLU A 1 112 ? 1.311   -3.380  13.917  1.00 17.35 ?  112  GLU A CB  1 
ATOM   827  C  CG  . GLU A 1 112 ? 0.599   -2.425  13.056  1.00 16.76 ?  112  GLU A CG  1 
ATOM   828  C  CD  . GLU A 1 112 ? -0.814  -2.907  12.716  1.00 15.79 ?  112  GLU A CD  1 
ATOM   829  O  OE1 . GLU A 1 112 ? -0.975  -3.810  11.858  1.00 18.55 ?  112  GLU A OE1 1 
ATOM   830  O  OE2 . GLU A 1 112 ? -1.763  -2.369  13.309  1.00 18.57 -1 112  GLU A OE2 1 
ATOM   831  N  N   . TYR A 1 113 ? 3.514   -0.826  14.390  1.00 15.03 ?  113  TYR A N   1 
ATOM   832  C  CA  . TYR A 1 113 ? 3.629   0.495   15.049  1.00 14.88 ?  113  TYR A CA  1 
ATOM   833  C  C   . TYR A 1 113 ? 2.341   1.316   15.010  1.00 16.21 ?  113  TYR A C   1 
ATOM   834  O  O   . TYR A 1 113 ? 2.073   2.133   15.912  1.00 17.10 ?  113  TYR A O   1 
ATOM   835  C  CB  . TYR A 1 113 ? 4.707   1.314   14.395  1.00 16.19 ?  113  TYR A CB  1 
ATOM   836  C  CG  . TYR A 1 113 ? 6.087   0.705   14.417  1.00 15.99 ?  113  TYR A CG  1 
ATOM   837  C  CD1 . TYR A 1 113 ? 6.763   0.469   15.625  1.00 16.72 ?  113  TYR A CD1 1 
ATOM   838  C  CD2 . TYR A 1 113 ? 6.739   0.361   13.226  1.00 14.80 ?  113  TYR A CD2 1 
ATOM   839  C  CE1 . TYR A 1 113 ? 8.030   -0.078  15.634  1.00 16.17 ?  113  TYR A CE1 1 
ATOM   840  C  CE2 . TYR A 1 113 ? 8.001   -0.194  13.231  1.00 16.64 ?  113  TYR A CE2 1 
ATOM   841  C  CZ  . TYR A 1 113 ? 8.651   -0.403  14.432  1.00 14.20 ?  113  TYR A CZ  1 
ATOM   842  O  OH  . TYR A 1 113 ? 9.903   -0.947  14.393  1.00 15.49 ?  113  TYR A OH  1 
ATOM   843  N  N   . GLY A 1 114 ? 1.548   1.166   13.950  1.00 15.49 ?  114  GLY A N   1 
ATOM   844  C  CA  . GLY A 1 114 ? 0.299   1.909   13.840  1.00 15.38 ?  114  GLY A CA  1 
ATOM   845  C  C   . GLY A 1 114 ? -0.419  1.563   12.560  1.00 15.69 ?  114  GLY A C   1 
ATOM   846  O  O   . GLY A 1 114 ? 0.167   0.925   11.696  1.00 15.07 ?  114  GLY A O   1 
ATOM   847  N  N   . ARG A 1 115 ? -1.680  1.969   12.467  1.00 15.72 ?  115  ARG A N   1 
ATOM   848  C  CA  . ARG A 1 115 ? -2.460  1.781   11.245  1.00 15.20 ?  115  ARG A CA  1 
ATOM   849  C  C   . ARG A 1 115 ? -3.632  2.760   11.174  1.00 15.64 ?  115  ARG A C   1 
ATOM   850  O  O   . ARG A 1 115 ? -4.053  3.350   12.208  1.00 15.85 ?  115  ARG A O   1 
ATOM   851  C  CB  . ARG A 1 115 ? -3.051  0.361   11.177  1.00 15.21 ?  115  ARG A CB  1 
ATOM   852  C  CG  . ARG A 1 115 ? -4.099  0.036   12.244  1.00 15.63 ?  115  ARG A CG  1 
ATOM   853  C  CD  . ARG A 1 115 ? -4.932  -1.179  11.886  1.00 15.19 ?  115  ARG A CD  1 
ATOM   854  N  NE  . ARG A 1 115 ? -4.131  -2.388  11.716  1.00 14.27 ?  115  ARG A NE  1 
ATOM   855  C  CZ  . ARG A 1 115 ? -4.526  -3.491  11.069  1.00 17.17 ?  115  ARG A CZ  1 
ATOM   856  N  NH1 . ARG A 1 115 ? -5.736  -3.558  10.513  1.00 15.68 1  115  ARG A NH1 1 
ATOM   857  N  NH2 . ARG A 1 115 ? -3.700  -4.523  10.962  1.00 13.01 ?  115  ARG A NH2 1 
ATOM   858  N  N   . LEU A 1 116 ? -4.165  2.883   9.956   1.00 14.00 ?  116  LEU A N   1 
ATOM   859  C  CA  . LEU A 1 116 ? -5.526  3.363   9.733   1.00 14.82 ?  116  LEU A CA  1 
ATOM   860  C  C   . LEU A 1 116 ? -6.365  2.145   9.393   1.00 14.53 ?  116  LEU A C   1 
ATOM   861  O  O   . LEU A 1 116 ? -6.113  1.456   8.401   1.00 15.71 ?  116  LEU A O   1 
ATOM   862  C  CB  . LEU A 1 116 ? -5.568  4.362   8.584   1.00 15.48 ?  116  LEU A CB  1 
ATOM   863  C  CG  . LEU A 1 116 ? -5.046  5.774   8.847   1.00 15.94 ?  116  LEU A CG  1 
ATOM   864  C  CD1 . LEU A 1 116 ? -5.081  6.577   7.570   1.00 17.90 ?  116  LEU A CD1 1 
ATOM   865  C  CD2 . LEU A 1 116 ? -5.888  6.451   9.924   1.00 16.78 ?  116  LEU A CD2 1 
ATOM   866  N  N   . HIS A 1 117 ? -7.349  1.869   10.233  1.00 13.73 ?  117  HIS A N   1 
ATOM   867  C  CA  . HIS A 1 117 ? -8.076  0.585   10.236  1.00 13.76 ?  117  HIS A CA  1 
ATOM   868  C  C   . HIS A 1 117 ? -9.390  0.733   9.482   1.00 13.35 ?  117  HIS A C   1 
ATOM   869  O  O   . HIS A 1 117 ? -10.151 1.675   9.748   1.00 13.54 ?  117  HIS A O   1 
ATOM   870  C  CB  . HIS A 1 117 ? -8.353  0.214   11.716  1.00 14.08 ?  117  HIS A CB  1 
ATOM   871  C  CG  . HIS A 1 117 ? -8.924  -1.142  11.934  1.00 13.66 ?  117  HIS A CG  1 
ATOM   872  N  ND1 . HIS A 1 117 ? -8.268  -2.304  11.595  1.00 14.05 ?  117  HIS A ND1 1 
ATOM   873  C  CD2 . HIS A 1 117 ? -10.079 -1.522  12.541  1.00 15.71 ?  117  HIS A CD2 1 
ATOM   874  C  CE1 . HIS A 1 117 ? -9.004  -3.345  11.970  1.00 15.97 ?  117  HIS A CE1 1 
ATOM   875  N  NE2 . HIS A 1 117 ? -10.111 -2.895  12.545  1.00 16.01 ?  117  HIS A NE2 1 
ATOM   876  N  N   . HIS A 1 118 ? -9.653  -0.185  8.541   1.00 12.92 ?  118  HIS A N   1 
ATOM   877  C  CA  . HIS A 1 118 ? -10.922 -0.246  7.797   1.00 13.08 ?  118  HIS A CA  1 
ATOM   878  C  C   . HIS A 1 118 ? -11.319 1.118   7.247   1.00 13.19 ?  118  HIS A C   1 
ATOM   879  O  O   . HIS A 1 118 ? -12.458 1.583   7.458   1.00 12.93 ?  118  HIS A O   1 
ATOM   880  C  CB  . HIS A 1 118 ? -12.082 -0.810  8.640   1.00 12.59 ?  118  HIS A CB  1 
ATOM   881  C  CG  . HIS A 1 118 ? -11.994 -2.268  8.935   1.00 15.57 ?  118  HIS A CG  1 
ATOM   882  N  ND1 . HIS A 1 118 ? -10.979 -3.014  9.421   1.00 13.75 ?  118  HIS A ND1 1 
ATOM   883  C  CD2 . HIS A 1 118 ? -13.047 -3.134  8.713   1.00 13.46 ?  118  HIS A CD2 1 
ATOM   884  C  CE1 . HIS A 1 118 ? -11.448 -4.299  9.550   1.00 16.73 ?  118  HIS A CE1 1 
ATOM   885  N  NE2 . HIS A 1 118 ? -12.692 -4.347  9.103   1.00 14.21 ?  118  HIS A NE2 1 
ATOM   886  N  N   . GLN A 1 119 ? -10.405 1.750   6.522   1.00 13.23 ?  119  GLN A N   1 
ATOM   887  C  CA  . GLN A 1 119 ? -10.686 3.042   5.900   1.00 14.41 ?  119  GLN A CA  1 
ATOM   888  C  C   . GLN A 1 119 ? -11.737 2.879   4.785   1.00 13.53 ?  119  GLN A C   1 
ATOM   889  O  O   . GLN A 1 119 ? -11.793 1.869   4.092   1.00 13.68 ?  119  GLN A O   1 
ATOM   890  C  CB  . GLN A 1 119 ? -9.405  3.710   5.385   1.00 14.22 ?  119  GLN A CB  1 
ATOM   891  C  CG  . GLN A 1 119 ? -8.430  3.987   6.520   1.00 15.48 ?  119  GLN A CG  1 
ATOM   892  C  CD  . GLN A 1 119 ? -9.017  4.992   7.514   1.00 16.53 ?  119  GLN A CD  1 
ATOM   893  O  OE1 . GLN A 1 119 ? -9.070  6.182   7.212   1.00 16.49 ?  119  GLN A OE1 1 
ATOM   894  N  NE2 . GLN A 1 119 ? -9.513  4.510   8.673   1.00 13.70 ?  119  GLN A NE2 1 
ATOM   895  N  N   . GLN A 1 120 ? -12.640 3.839   4.731   1.00 13.54 ?  120  GLN A N   1 
ATOM   896  C  CA  . GLN A 1 120 ? -13.700 3.876   3.738   1.00 13.27 ?  120  GLN A CA  1 
ATOM   897  C  C   . GLN A 1 120 ? -13.179 4.558   2.473   1.00 14.16 ?  120  GLN A C   1 
ATOM   898  O  O   . GLN A 1 120 ? -12.976 5.768   2.424   1.00 14.40 ?  120  GLN A O   1 
ATOM   899  C  CB  . GLN A 1 120 ? -14.932 4.589   4.312   1.00 13.52 ?  120  GLN A CB  1 
ATOM   900  C  CG  . GLN A 1 120 ? -15.383 4.054   5.656   1.00 14.87 ?  120  GLN A CG  1 
ATOM   901  C  CD  . GLN A 1 120 ? -15.972 2.634   5.547   1.00 16.77 ?  120  GLN A CD  1 
ATOM   902  O  OE1 . GLN A 1 120 ? -16.929 2.440   4.810   1.00 20.98 ?  120  GLN A OE1 1 
ATOM   903  N  NE2 . GLN A 1 120 ? -15.360 1.659   6.216   1.00 16.08 ?  120  GLN A NE2 1 
ATOM   904  N  N   . ILE A 1 121 ? -12.924 3.770   1.449   1.00 13.55 ?  121  ILE A N   1 
ATOM   905  C  CA  . ILE A 1 121 ? -12.389 4.296   0.182   1.00 14.32 ?  121  ILE A CA  1 
ATOM   906  C  C   . ILE A 1 121 ? -13.568 4.606   -0.722  1.00 14.80 ?  121  ILE A C   1 
ATOM   907  O  O   . ILE A 1 121 ? -14.483 3.783   -0.861  1.00 16.02 ?  121  ILE A O   1 
ATOM   908  C  CB  . ILE A 1 121 ? -11.453 3.282   -0.489  1.00 12.93 ?  121  ILE A CB  1 
ATOM   909  C  CG1 . ILE A 1 121 ? -10.388 2.759   0.506   1.00 14.58 ?  121  ILE A CG1 1 
ATOM   910  C  CG2 . ILE A 1 121 ? -10.784 3.902   -1.755  1.00 15.68 ?  121  ILE A CG2 1 
ATOM   911  C  CD1 . ILE A 1 121 ? -9.553  3.847   1.240   1.00 15.14 ?  121  ILE A CD1 1 
ATOM   912  N  N   . THR A 1 122 ? -13.556 5.792   -1.300  1.00 14.64 ?  122  THR A N   1 
ATOM   913  C  CA  . THR A 1 122 ? -14.633 6.264   -2.191  1.00 14.95 ?  122  THR A CA  1 
ATOM   914  C  C   . THR A 1 122 ? -14.184 6.302   -3.645  1.00 15.31 ?  122  THR A C   1 
ATOM   915  O  O   . THR A 1 122 ? -13.046 5.962   -3.959  1.00 15.61 ?  122  THR A O   1 
ATOM   916  C  CB  . THR A 1 122 ? -15.107 7.671   -1.784  1.00 16.03 ?  122  THR A CB  1 
ATOM   917  O  OG1 . THR A 1 122 ? -14.116 8.623   -2.140  1.00 15.37 ?  122  THR A OG1 1 
ATOM   918  C  CG2 . THR A 1 122 ? -15.434 7.764   -0.285  1.00 17.27 ?  122  THR A CG2 1 
ATOM   919  N  N   . THR A 1 123 ? -15.083 6.705   -4.536  1.00 14.80 ?  123  THR A N   1 
ATOM   920  C  CA  . THR A 1 123 ? -14.774 6.758   -5.983  1.00 15.18 ?  123  THR A CA  1 
ATOM   921  C  C   . THR A 1 123 ? -13.907 7.954   -6.362  1.00 16.18 ?  123  THR A C   1 
ATOM   922  O  O   . THR A 1 123 ? -13.419 8.022   -7.482  1.00 16.32 ?  123  THR A O   1 
ATOM   923  C  CB  . THR A 1 123 ? -16.057 6.741   -6.844  1.00 16.20 ?  123  THR A CB  1 
ATOM   924  O  OG1 . THR A 1 123 ? -16.928 7.810   -6.443  1.00 16.33 ?  123  THR A OG1 1 
ATOM   925  C  CG2 . THR A 1 123 ? -16.786 5.415   -6.712  1.00 16.33 ?  123  THR A CG2 1 
ATOM   926  N  N   . GLU A 1 124 ? -13.690 8.882   -5.423  1.00 16.49 ?  124  GLU A N   1 
ATOM   927  C  CA  . GLU A 1 124 ? -12.807 10.029  -5.628  1.00 17.92 ?  124  GLU A CA  1 
ATOM   928  C  C   . GLU A 1 124 ? -11.479 9.868   -4.887  1.00 16.23 ?  124  GLU A C   1 
ATOM   929  O  O   . GLU A 1 124 ? -11.453 9.314   -3.772  1.00 15.81 ?  124  GLU A O   1 
ATOM   930  C  CB  . GLU A 1 124 ? -13.501 11.317  -5.114  1.00 19.19 ?  124  GLU A CB  1 
ATOM   931  C  CG  . GLU A 1 124 ? -14.791 11.621  -5.868  1.00 26.20 ?  124  GLU A CG  1 
ATOM   932  C  CD  . GLU A 1 124 ? -15.601 12.769  -5.230  1.00 36.71 ?  124  GLU A CD  1 
ATOM   933  O  OE1 . GLU A 1 124 ? -15.210 13.278  -4.133  1.00 42.32 ?  124  GLU A OE1 1 
ATOM   934  O  OE2 . GLU A 1 124 ? -16.642 13.158  -5.826  1.00 43.19 -1 124  GLU A OE2 1 
ATOM   935  N  N   . TRP A 1 125 ? -10.387 10.401  -5.469  1.00 15.84 ?  125  TRP A N   1 
ATOM   936  C  CA  . TRP A 1 125 ? -9.095  10.428  -4.787  1.00 14.89 ?  125  TRP A CA  1 
ATOM   937  C  C   . TRP A 1 125 ? -9.209  11.193  -3.466  1.00 16.69 ?  125  TRP A C   1 
ATOM   938  O  O   . TRP A 1 125 ? -9.765  12.316  -3.440  1.00 16.67 ?  125  TRP A O   1 
ATOM   939  C  CB  . TRP A 1 125 ? -8.027  11.117  -5.631  1.00 15.76 ?  125  TRP A CB  1 
ATOM   940  C  CG  . TRP A 1 125 ? -7.551  10.312  -6.774  1.00 15.32 ?  125  TRP A CG  1 
ATOM   941  C  CD1 . TRP A 1 125 ? -7.786  10.540  -8.102  1.00 17.22 ?  125  TRP A CD1 1 
ATOM   942  C  CD2 . TRP A 1 125 ? -6.782  9.096   -6.698  1.00 17.03 ?  125  TRP A CD2 1 
ATOM   943  N  NE1 . TRP A 1 125 ? -7.213  9.537   -8.857  1.00 16.57 ?  125  TRP A NE1 1 
ATOM   944  C  CE2 . TRP A 1 125 ? -6.559  8.663   -8.020  1.00 15.66 ?  125  TRP A CE2 1 
ATOM   945  C  CE3 . TRP A 1 125 ? -6.221  8.360   -5.632  1.00 17.10 ?  125  TRP A CE3 1 
ATOM   946  C  CZ2 . TRP A 1 125 ? -5.824  7.489   -8.316  1.00 16.79 ?  125  TRP A CZ2 1 
ATOM   947  C  CZ3 . TRP A 1 125 ? -5.477  7.217   -5.922  1.00 14.25 ?  125  TRP A CZ3 1 
ATOM   948  C  CH2 . TRP A 1 125 ? -5.297  6.787   -7.257  1.00 15.56 ?  125  TRP A CH2 1 
ATOM   949  N  N   . GLN A 1 126 ? -8.744  10.562  -2.385  1.00 16.10 ?  126  GLN A N   1 
ATOM   950  C  CA  . GLN A 1 126 ? -8.614  11.198  -1.067  1.00 17.15 ?  126  GLN A CA  1 
ATOM   951  C  C   . GLN A 1 126 ? -7.277  10.816  -0.444  1.00 16.78 ?  126  GLN A C   1 
ATOM   952  O  O   . GLN A 1 126 ? -6.779  9.711   -0.700  1.00 15.67 ?  126  GLN A O   1 
ATOM   953  C  CB  . GLN A 1 126 ? -9.712  10.725  -0.107  1.00 17.57 ?  126  GLN A CB  1 
ATOM   954  C  CG  . GLN A 1 126 ? -11.148 11.019  -0.474  1.00 20.53 ?  126  GLN A CG  1 
ATOM   955  C  CD  . GLN A 1 126 ? -12.088 10.546  0.622   1.00 25.52 ?  126  GLN A CD  1 
ATOM   956  O  OE1 . GLN A 1 126 ? -12.411 9.357   0.713   1.00 25.65 ?  126  GLN A OE1 1 
ATOM   957  N  NE2 . GLN A 1 126 ? -12.505 11.467  1.477   1.00 25.48 ?  126  GLN A NE2 1 
ATOM   958  N  N   . PRO A 1 127 ? -6.686  11.720  0.365   1.00 15.96 ?  127  PRO A N   1 
ATOM   959  C  CA  . PRO A 1 127 ? -5.532  11.383  1.179   1.00 16.43 ?  127  PRO A CA  1 
ATOM   960  C  C   . PRO A 1 127 ? -5.939  10.659  2.463   1.00 16.39 ?  127  PRO A C   1 
ATOM   961  O  O   . PRO A 1 127 ? -6.946  10.993  3.104   1.00 16.64 ?  127  PRO A O   1 
ATOM   962  C  CB  . PRO A 1 127 ? -4.943  12.752  1.562   1.00 16.96 ?  127  PRO A CB  1 
ATOM   963  C  CG  . PRO A 1 127 ? -6.159  13.635  1.632   1.00 18.25 ?  127  PRO A CG  1 
ATOM   964  C  CD  . PRO A 1 127 ? -7.143  13.112  0.619   1.00 17.34 ?  127  PRO A CD  1 
ATOM   965  N  N   . PHE A 1 128 ? -5.134  9.690   2.851   1.00 14.95 ?  128  PHE A N   1 
ATOM   966  C  CA  . PHE A 1 128 ? -5.269  9.014   4.131   1.00 14.89 ?  128  PHE A CA  1 
ATOM   967  C  C   . PHE A 1 128 ? -3.947  9.165   4.841   1.00 15.88 ?  128  PHE A C   1 
ATOM   968  O  O   . PHE A 1 128 ? -2.871  8.821   4.265   1.00 15.41 ?  128  PHE A O   1 
ATOM   969  C  CB  . PHE A 1 128 ? -5.614  7.542   3.902   1.00 14.74 ?  128  PHE A CB  1 
ATOM   970  C  CG  . PHE A 1 128 ? -6.951  7.367   3.226   1.00 13.75 ?  128  PHE A CG  1 
ATOM   971  C  CD1 . PHE A 1 128 ? -7.046  7.402   1.856   1.00 12.68 ?  128  PHE A CD1 1 
ATOM   972  C  CD2 . PHE A 1 128 ? -8.104  7.214   3.968   1.00 16.35 ?  128  PHE A CD2 1 
ATOM   973  C  CE1 . PHE A 1 128 ? -8.280  7.326   1.219   1.00 13.44 ?  128  PHE A CE1 1 
ATOM   974  C  CE2 . PHE A 1 128 ? -9.357  7.104   3.337   1.00 17.29 ?  128  PHE A CE2 1 
ATOM   975  C  CZ  . PHE A 1 128 ? -9.438  7.163   1.968   1.00 16.10 ?  128  PHE A CZ  1 
ATOM   976  N  N   . THR A 1 129 ? -3.993  9.709   6.057   1.00 15.22 ?  129  THR A N   1 
ATOM   977  C  CA  . THR A 1 129 ? -2.767  10.044  6.746   1.00 16.23 ?  129  THR A CA  1 
ATOM   978  C  C   . THR A 1 129 ? -2.832  9.687   8.227   1.00 15.35 ?  129  THR A C   1 
ATOM   979  O  O   . THR A 1 129 ? -3.880  9.716   8.833   1.00 15.13 ?  129  THR A O   1 
ATOM   980  C  CB  . THR A 1 129 ? -2.422  11.554  6.590   1.00 17.12 ?  129  THR A CB  1 
ATOM   981  O  OG1 . THR A 1 129 ? -1.150  11.844  7.198   1.00 21.43 ?  129  THR A OG1 1 
ATOM   982  C  CG2 . THR A 1 129 ? -3.478  12.396  7.236   1.00 18.64 ?  129  THR A CG2 1 
ATOM   983  N  N   . PHE A 1 130 ? -1.695  9.303   8.778   1.00 14.51 ?  130  PHE A N   1 
ATOM   984  C  CA  . PHE A 1 130 ? -1.537  9.068   10.213  1.00 14.85 ?  130  PHE A CA  1 
ATOM   985  C  C   . PHE A 1 130 ? -0.083  9.201   10.623  1.00 16.13 ?  130  PHE A C   1 
ATOM   986  O  O   . PHE A 1 130 ? 0.806   9.271   9.764   1.00 16.16 ?  130  PHE A O   1 
ATOM   987  C  CB  . PHE A 1 130 ? -2.126  7.706   10.651  1.00 14.24 ?  130  PHE A CB  1 
ATOM   988  C  CG  . PHE A 1 130 ? -1.328  6.479   10.222  1.00 14.22 ?  130  PHE A CG  1 
ATOM   989  C  CD1 . PHE A 1 130 ? -1.462  5.973   8.950   1.00 12.89 ?  130  PHE A CD1 1 
ATOM   990  C  CD2 . PHE A 1 130 ? -0.475  5.822   11.124  1.00 16.07 ?  130  PHE A CD2 1 
ATOM   991  C  CE1 . PHE A 1 130 ? -0.757  4.819   8.542   1.00 11.98 ?  130  PHE A CE1 1 
ATOM   992  C  CE2 . PHE A 1 130 ? 0.197   4.668   10.745  1.00 15.63 ?  130  PHE A CE2 1 
ATOM   993  C  CZ  . PHE A 1 130 ? 0.074   4.192   9.431   1.00 15.44 ?  130  PHE A CZ  1 
ATOM   994  N  N   . GLU A 1 131 ? 0.137   9.295   11.933  1.00 16.87 ?  131  GLU A N   1 
ATOM   995  C  CA  . GLU A 1 131 ? 1.488   9.353   12.526  1.00 17.35 ?  131  GLU A CA  1 
ATOM   996  C  C   . GLU A 1 131 ? 1.799   8.077   13.262  1.00 17.79 ?  131  GLU A C   1 
ATOM   997  O  O   . GLU A 1 131 ? 0.902   7.413   13.831  1.00 16.87 ?  131  GLU A O   1 
ATOM   998  C  CB  . GLU A 1 131 ? 1.626   10.546  13.479  1.00 18.83 ?  131  GLU A CB  1 
ATOM   999  C  CG  . GLU A 1 131 ? 1.458   11.855  12.815  1.00 22.00 ?  131  GLU A CG  1 
ATOM   1000 C  CD  . GLU A 1 131 ? 1.552   13.032  13.805  1.00 29.75 ?  131  GLU A CD  1 
ATOM   1001 O  OE1 . GLU A 1 131 ? 1.736   12.794  15.032  1.00 32.78 ?  131  GLU A OE1 1 
ATOM   1002 O  OE2 . GLU A 1 131 ? 1.426   14.195  13.342  1.00 33.47 -1 131  GLU A OE2 1 
ATOM   1003 N  N   . PHE A 1 132 ? 3.075   7.719   13.254  1.00 16.86 ?  132  PHE A N   1 
ATOM   1004 C  CA  . PHE A 1 132 ? 3.539   6.590   14.026  1.00 16.43 ?  132  PHE A CA  1 
ATOM   1005 C  C   . PHE A 1 132 ? 4.960   6.866   14.514  1.00 16.87 ?  132  PHE A C   1 
ATOM   1006 O  O   . PHE A 1 132 ? 5.696   7.639   13.902  1.00 16.31 ?  132  PHE A O   1 
ATOM   1007 C  CB  . PHE A 1 132 ? 3.472   5.276   13.220  1.00 16.38 ?  132  PHE A CB  1 
ATOM   1008 C  CG  . PHE A 1 132 ? 4.450   5.207   12.076  1.00 15.97 ?  132  PHE A CG  1 
ATOM   1009 C  CD1 . PHE A 1 132 ? 4.127   5.729   10.828  1.00 14.43 ?  132  PHE A CD1 1 
ATOM   1010 C  CD2 . PHE A 1 132 ? 5.725   4.629   12.256  1.00 16.96 ?  132  PHE A CD2 1 
ATOM   1011 C  CE1 . PHE A 1 132 ? 5.059   5.666   9.748   1.00 14.66 ?  132  PHE A CE1 1 
ATOM   1012 C  CE2 . PHE A 1 132 ? 6.637   4.608   11.230  1.00 17.67 ?  132  PHE A CE2 1 
ATOM   1013 C  CZ  . PHE A 1 132 ? 6.302   5.128   9.975   1.00 16.30 ?  132  PHE A CZ  1 
ATOM   1014 N  N   . THR A 1 133 ? 5.312   6.222   15.620  1.00 16.67 ?  133  THR A N   1 
ATOM   1015 C  CA  . THR A 1 133 ? 6.652   6.298   16.173  1.00 17.36 ?  133  THR A CA  1 
ATOM   1016 C  C   . THR A 1 133 ? 7.353   4.971   16.101  1.00 17.20 ?  133  THR A C   1 
ATOM   1017 O  O   . THR A 1 133 ? 6.775   3.931   16.425  1.00 17.82 ?  133  THR A O   1 
ATOM   1018 C  CB  . THR A 1 133 ? 6.597   6.769   17.616  1.00 18.42 ?  133  THR A CB  1 
ATOM   1019 O  OG1 . THR A 1 133 ? 5.933   8.034   17.660  1.00 21.00 ?  133  THR A OG1 1 
ATOM   1020 C  CG2 . THR A 1 133 ? 7.976   6.895   18.215  1.00 19.94 ?  133  THR A CG2 1 
ATOM   1021 N  N   . VAL A 1 134 ? 8.615   5.000   15.684  1.00 17.30 ?  134  VAL A N   1 
ATOM   1022 C  CA  . VAL A 1 134 ? 9.424   3.805   15.718  1.00 17.18 ?  134  VAL A CA  1 
ATOM   1023 C  C   . VAL A 1 134 ? 9.860   3.575   17.177  1.00 17.91 ?  134  VAL A C   1 
ATOM   1024 O  O   . VAL A 1 134 ? 10.860  4.151   17.647  1.00 17.77 ?  134  VAL A O   1 
ATOM   1025 C  CB  . VAL A 1 134 ? 10.641  3.895   14.752  1.00 17.47 ?  134  VAL A CB  1 
ATOM   1026 C  CG1 . VAL A 1 134 ? 11.528  2.699   14.922  1.00 16.10 ?  134  VAL A CG1 1 
ATOM   1027 C  CG2 . VAL A 1 134 ? 10.135  4.031   13.301  1.00 17.50 ?  134  VAL A CG2 1 
ATOM   1028 N  N   . SER A 1 135 ? 9.099   2.737   17.869  1.00 18.29 ?  135  SER A N   1 
ATOM   1029 C  CA  . SER A 1 135 ? 9.205   2.620   19.338  1.00 20.21 ?  135  SER A CA  1 
ATOM   1030 C  C   . SER A 1 135 ? 10.258  1.602   19.798  1.00 20.49 ?  135  SER A C   1 
ATOM   1031 O  O   . SER A 1 135 ? 10.456  1.436   21.001  1.00 21.87 ?  135  SER A O   1 
ATOM   1032 C  CB  . SER A 1 135 ? 7.829   2.282   19.911  1.00 20.25 ?  135  SER A CB  1 
ATOM   1033 O  OG  . SER A 1 135 ? 7.360   1.067   19.337  1.00 22.68 ?  135  SER A OG  1 
ATOM   1034 N  N   . ASP A 1 136 ? 10.915  0.917   18.866  1.00 20.58 ?  136  ASP A N   1 
ATOM   1035 C  CA  . ASP A 1 136 ? 12.001  -0.018  19.162  1.00 19.98 ?  136  ASP A CA  1 
ATOM   1036 C  C   . ASP A 1 136 ? 13.315  0.457   18.491  1.00 19.51 ?  136  ASP A C   1 
ATOM   1037 O  O   . ASP A 1 136 ? 13.454  1.672   18.218  1.00 20.09 ?  136  ASP A O   1 
ATOM   1038 C  CB  . ASP A 1 136 ? 11.597  -1.465  18.804  1.00 20.32 ?  136  ASP A CB  1 
ATOM   1039 C  CG  . ASP A 1 136 ? 11.125  -1.624  17.358  1.00 21.56 ?  136  ASP A CG  1 
ATOM   1040 O  OD1 . ASP A 1 136 ? 11.342  -0.696  16.539  1.00 19.58 ?  136  ASP A OD1 1 
ATOM   1041 O  OD2 . ASP A 1 136 ? 10.543  -2.699  17.046  1.00 21.93 -1 136  ASP A OD2 1 
ATOM   1042 N  N   . GLN A 1 137 ? 14.249  -0.457  18.225  1.00 19.22 ?  137  GLN A N   1 
ATOM   1043 C  CA  . GLN A 1 137 ? 15.571  -0.092  17.675  1.00 19.65 ?  137  GLN A CA  1 
ATOM   1044 C  C   . GLN A 1 137 ? 15.713  -0.417  16.186  1.00 18.28 ?  137  GLN A C   1 
ATOM   1045 O  O   . GLN A 1 137 ? 16.825  -0.490  15.648  1.00 19.53 ?  137  GLN A O   1 
ATOM   1046 C  CB  . GLN A 1 137 ? 16.682  -0.757  18.515  1.00 20.21 ?  137  GLN A CB  1 
ATOM   1047 C  CG  . GLN A 1 137 ? 16.721  -0.192  19.962  1.00 21.28 ?  137  GLN A CG  1 
ATOM   1048 C  CD  . GLN A 1 137 ? 17.059  1.274   20.002  1.00 25.04 ?  137  GLN A CD  1 
ATOM   1049 O  OE1 . GLN A 1 137 ? 17.972  1.730   19.318  1.00 31.18 ?  137  GLN A OE1 1 
ATOM   1050 N  NE2 . GLN A 1 137 ? 16.327  2.034   20.822  1.00 28.28 ?  137  GLN A NE2 1 
ATOM   1051 N  N   . GLU A 1 138 ? 14.589  -0.543  15.476  1.00 18.08 ?  138  GLU A N   1 
ATOM   1052 C  CA  . GLU A 1 138 ? 14.640  -0.941  14.072  1.00 16.90 ?  138  GLU A CA  1 
ATOM   1053 C  C   . GLU A 1 138 ? 14.973  0.251   13.173  1.00 16.05 ?  138  GLU A C   1 
ATOM   1054 O  O   . GLU A 1 138 ? 14.645  1.391   13.485  1.00 16.75 ?  138  GLU A O   1 
ATOM   1055 C  CB  . GLU A 1 138 ? 13.312  -1.553  13.631  1.00 17.83 ?  138  GLU A CB  1 
ATOM   1056 C  CG  . GLU A 1 138 ? 12.974  -2.838  14.361  1.00 17.96 ?  138  GLU A CG  1 
ATOM   1057 C  CD  . GLU A 1 138 ? 14.027  -3.885  14.225  1.00 22.78 ?  138  GLU A CD  1 
ATOM   1058 O  OE1 . GLU A 1 138 ? 14.318  -4.345  13.084  1.00 23.72 ?  138  GLU A OE1 1 
ATOM   1059 O  OE2 . GLU A 1 138 ? 14.580  -4.260  15.290  1.00 27.28 -1 138  GLU A OE2 1 
ATOM   1060 N  N   . THR A 1 139 ? 15.667  -0.049  12.078  1.00 15.37 ?  139  THR A N   1 
ATOM   1061 C  CA  . THR A 1 139 ? 16.016  0.947   11.055  1.00 15.69 ?  139  THR A CA  1 
ATOM   1062 C  C   . THR A 1 139 ? 15.434  0.618   9.679   1.00 15.39 ?  139  THR A C   1 
ATOM   1063 O  O   . THR A 1 139 ? 15.389  1.481   8.792   1.00 15.08 ?  139  THR A O   1 
ATOM   1064 C  CB  . THR A 1 139 ? 17.549  1.058   10.912  1.00 15.89 ?  139  THR A CB  1 
ATOM   1065 O  OG1 . THR A 1 139 ? 18.103  -0.242  10.666  1.00 16.68 ?  139  THR A OG1 1 
ATOM   1066 C  CG2 . THR A 1 139 ? 18.155  1.663   12.136  1.00 15.02 ?  139  THR A CG2 1 
ATOM   1067 N  N   . VAL A 1 140 ? 14.983  -0.618  9.473   1.00 14.77 ?  140  VAL A N   1 
ATOM   1068 C  CA  . VAL A 1 140 ? 14.448  -1.036  8.162   1.00 14.91 ?  140  VAL A CA  1 
ATOM   1069 C  C   . VAL A 1 140 ? 13.113  -1.751  8.422   1.00 14.95 ?  140  VAL A C   1 
ATOM   1070 O  O   . VAL A 1 140 ? 13.078  -2.911  8.900   1.00 16.98 ?  140  VAL A O   1 
ATOM   1071 C  CB  . VAL A 1 140 ? 15.407  -1.946  7.372   1.00 15.42 ?  140  VAL A CB  1 
ATOM   1072 C  CG1 . VAL A 1 140 ? 14.781  -2.371  6.037   1.00 17.51 ?  140  VAL A CG1 1 
ATOM   1073 C  CG2 . VAL A 1 140 ? 16.725  -1.214  7.092   1.00 14.81 ?  140  VAL A CG2 1 
ATOM   1074 N  N   . ILE A 1 141 ? 12.026  -1.053  8.096   1.00 14.33 ?  141  ILE A N   1 
ATOM   1075 C  CA  . ILE A 1 141 ? 10.676  -1.515  8.441   1.00 13.93 ?  141  ILE A CA  1 
ATOM   1076 C  C   . ILE A 1 141 ? 9.850   -1.709  7.148   1.00 14.05 ?  141  ILE A C   1 
ATOM   1077 O  O   . ILE A 1 141 ? 10.415  -1.727  6.037   1.00 13.22 ?  141  ILE A O   1 
ATOM   1078 C  CB  . ILE A 1 141 ? 10.041  -0.580  9.492   1.00 14.04 ?  141  ILE A CB  1 
ATOM   1079 C  CG1 . ILE A 1 141 ? 9.775   0.833   8.957   1.00 13.80 ?  141  ILE A CG1 1 
ATOM   1080 C  CG2 . ILE A 1 141 ? 10.950  -0.514  10.779  1.00 13.40 ?  141  ILE A CG2 1 
ATOM   1081 C  CD1 . ILE A 1 141 ? 8.836   1.620   9.856   1.00 13.82 ?  141  ILE A CD1 1 
ATOM   1082 N  N   . ARG A 1 142 ? 8.556   -1.958  7.315   1.00 13.63 ?  142  ARG A N   1 
ATOM   1083 C  CA  . ARG A 1 142 ? 7.706   -2.274  6.201   1.00 14.40 ?  142  ARG A CA  1 
ATOM   1084 C  C   . ARG A 1 142 ? 6.321   -1.647  6.406   1.00 14.37 ?  142  ARG A C   1 
ATOM   1085 O  O   . ARG A 1 142 ? 5.936   -1.311  7.532   1.00 12.47 ?  142  ARG A O   1 
ATOM   1086 C  CB  . ARG A 1 142 ? 7.649   -3.792  5.963   1.00 15.31 ?  142  ARG A CB  1 
ATOM   1087 C  CG  . ARG A 1 142 ? 7.109   -4.572  7.098   1.00 18.46 ?  142  ARG A CG  1 
ATOM   1088 C  CD  . ARG A 1 142 ? 7.618   -5.995  7.108   1.00 19.95 ?  142  ARG A CD  1 
ATOM   1089 N  NE  . ARG A 1 142 ? 6.959   -6.847  6.089   1.00 26.16 ?  142  ARG A NE  1 
ATOM   1090 C  CZ  . ARG A 1 142 ? 5.726   -7.356  6.196   1.00 26.15 ?  142  ARG A CZ  1 
ATOM   1091 N  NH1 . ARG A 1 142 ? 4.966   -7.095  7.243   1.00 24.61 1  142  ARG A NH1 1 
ATOM   1092 N  NH2 . ARG A 1 142 ? 5.226   -8.119  5.215   1.00 30.16 ?  142  ARG A NH2 1 
ATOM   1093 N  N   . ALA A 1 143 ? 5.599   -1.445  5.306   1.00 13.25 ?  143  ALA A N   1 
ATOM   1094 C  CA  . ALA A 1 143 ? 4.284   -0.783  5.345   1.00 13.13 ?  143  ALA A CA  1 
ATOM   1095 C  C   . ALA A 1 143 ? 3.207   -1.570  4.585   1.00 12.43 ?  143  ALA A C   1 
ATOM   1096 O  O   . ALA A 1 143 ? 2.930   -1.294  3.412   1.00 12.14 ?  143  ALA A O   1 
ATOM   1097 C  CB  . ALA A 1 143 ? 4.363   0.678   4.849   1.00 13.41 ?  143  ALA A CB  1 
ATOM   1098 N  N   . PRO A 1 144 ? 2.608   -2.571  5.259   1.00 11.75 ?  144  PRO A N   1 
ATOM   1099 C  CA  . PRO A 1 144 ? 1.586   -3.439  4.648   1.00 12.57 ?  144  PRO A CA  1 
ATOM   1100 C  C   . PRO A 1 144 ? 0.203   -2.790  4.470   1.00 12.50 ?  144  PRO A C   1 
ATOM   1101 O  O   . PRO A 1 144 ? -0.382  -2.243  5.429   1.00 13.35 ?  144  PRO A O   1 
ATOM   1102 C  CB  . PRO A 1 144 ? 1.493   -4.628  5.641   1.00 13.19 ?  144  PRO A CB  1 
ATOM   1103 C  CG  . PRO A 1 144 ? 2.797   -4.577  6.386   1.00 13.63 ?  144  PRO A CG  1 
ATOM   1104 C  CD  . PRO A 1 144 ? 3.068   -3.123  6.547   1.00 11.77 ?  144  PRO A CD  1 
ATOM   1105 N  N   . ILE A 1 145 ? -0.318  -2.870  3.247   1.00 11.68 ?  145  ILE A N   1 
ATOM   1106 C  CA  . ILE A 1 145 ? -1.658  -2.394  2.936   1.00 10.58 ?  145  ILE A CA  1 
ATOM   1107 C  C   . ILE A 1 145 ? -2.502  -3.634  2.709   1.00 10.99 ?  145  ILE A C   1 
ATOM   1108 O  O   . ILE A 1 145 ? -2.102  -4.468  1.909   1.00 12.16 ?  145  ILE A O   1 
ATOM   1109 C  CB  . ILE A 1 145 ? -1.697  -1.517  1.666   1.00 10.58 ?  145  ILE A CB  1 
ATOM   1110 C  CG1 . ILE A 1 145 ? -0.737  -0.306  1.801   1.00 9.99  ?  145  ILE A CG1 1 
ATOM   1111 C  CG2 . ILE A 1 145 ? -3.162  -1.001  1.456   1.00 11.04 ?  145  ILE A CG2 1 
ATOM   1112 C  CD1 . ILE A 1 145 ? -0.552  0.530   0.567   1.00 9.35  ?  145  ILE A CD1 1 
ATOM   1113 N  N   . HIS A 1 146 ? -3.648  -3.728  3.401   1.00 11.78 ?  146  HIS A N   1 
ATOM   1114 C  CA  . HIS A 1 146 ? -4.528  -4.911  3.305   1.00 12.14 ?  146  HIS A CA  1 
ATOM   1115 C  C   . HIS A 1 146 ? -5.759  -4.632  2.452   1.00 12.43 ?  146  HIS A C   1 
ATOM   1116 O  O   . HIS A 1 146 ? -6.449  -3.655  2.682   1.00 12.78 ?  146  HIS A O   1 
ATOM   1117 C  CB  . HIS A 1 146 ? -4.974  -5.373  4.689   1.00 11.57 ?  146  HIS A CB  1 
ATOM   1118 C  CG  . HIS A 1 146 ? -3.847  -5.715  5.608   1.00 13.53 ?  146  HIS A CG  1 
ATOM   1119 N  ND1 . HIS A 1 146 ? -4.011  -5.826  6.974   1.00 16.83 ?  146  HIS A ND1 1 
ATOM   1120 C  CD2 . HIS A 1 146 ? -2.553  -6.006  5.359   1.00 15.07 ?  146  HIS A CD2 1 
ATOM   1121 C  CE1 . HIS A 1 146 ? -2.857  -6.144  7.526   1.00 15.66 ?  146  HIS A CE1 1 
ATOM   1122 N  NE2 . HIS A 1 146 ? -1.952  -6.242  6.573   1.00 15.29 ?  146  HIS A NE2 1 
ATOM   1123 N  N   . PHE A 1 147 ? -6.031  -5.520  1.483   1.00 12.00 ?  147  PHE A N   1 
ATOM   1124 C  CA  . PHE A 1 147 ? -7.083  -5.312  0.496   1.00 12.35 ?  147  PHE A CA  1 
ATOM   1125 C  C   . PHE A 1 147 ? -8.135  -6.426  0.473   1.00 11.89 ?  147  PHE A C   1 
ATOM   1126 O  O   . PHE A 1 147 ? -9.157  -6.268  -0.194  1.00 12.10 ?  147  PHE A O   1 
ATOM   1127 C  CB  . PHE A 1 147 ? -6.493  -5.286  -0.920  1.00 12.60 ?  147  PHE A CB  1 
ATOM   1128 C  CG  . PHE A 1 147 ? -5.579  -4.149  -1.207  1.00 13.22 ?  147  PHE A CG  1 
ATOM   1129 C  CD1 . PHE A 1 147 ? -6.060  -2.929  -1.675  1.00 15.14 ?  147  PHE A CD1 1 
ATOM   1130 C  CD2 . PHE A 1 147 ? -4.210  -4.322  -1.108  1.00 13.05 ?  147  PHE A CD2 1 
ATOM   1131 C  CE1 . PHE A 1 147 ? -5.192  -1.915  -1.975  1.00 14.87 ?  147  PHE A CE1 1 
ATOM   1132 C  CE2 . PHE A 1 147 ? -3.348  -3.306  -1.440  1.00 14.51 ?  147  PHE A CE2 1 
ATOM   1133 C  CZ  . PHE A 1 147 ? -3.830  -2.122  -1.863  1.00 13.70 ?  147  PHE A CZ  1 
ATOM   1134 N  N   . GLY A 1 148 ? -7.884  -7.510  1.201   1.00 11.73 ?  148  GLY A N   1 
ATOM   1135 C  CA  . GLY A 1 148 ? -8.678  -8.725  1.134   1.00 13.17 ?  148  GLY A CA  1 
ATOM   1136 C  C   . GLY A 1 148 ? -10.014 -8.752  1.865   1.00 13.67 ?  148  GLY A C   1 
ATOM   1137 O  O   . GLY A 1 148 ? -10.441 -9.816  2.305   1.00 14.89 ?  148  GLY A O   1 
ATOM   1138 N  N   . TYR A 1 149 ? -10.673 -7.591  1.985   1.00 13.17 ?  149  TYR A N   1 
ATOM   1139 C  CA  . TYR A 1 149 ? -11.957 -7.463  2.651   1.00 13.49 ?  149  TYR A CA  1 
ATOM   1140 C  C   . TYR A 1 149 ? -13.068 -7.978  1.743   1.00 13.17 ?  149  TYR A C   1 
ATOM   1141 O  O   . TYR A 1 149 ? -13.031 -7.748  0.531   1.00 12.59 ?  149  TYR A O   1 
ATOM   1142 C  CB  . TYR A 1 149 ? -12.219 -5.985  3.030   1.00 13.73 ?  149  TYR A CB  1 
ATOM   1143 C  CG  . TYR A 1 149 ? -11.264 -5.531  4.086   1.00 13.93 ?  149  TYR A CG  1 
ATOM   1144 C  CD1 . TYR A 1 149 ? -11.506 -5.765  5.424   1.00 14.26 ?  149  TYR A CD1 1 
ATOM   1145 C  CD2 . TYR A 1 149 ? -10.050 -4.911  3.728   1.00 15.94 ?  149  TYR A CD2 1 
ATOM   1146 C  CE1 . TYR A 1 149 ? -10.585 -5.368  6.403   1.00 16.31 ?  149  TYR A CE1 1 
ATOM   1147 C  CE2 . TYR A 1 149 ? -9.127  -4.552  4.683   1.00 15.03 ?  149  TYR A CE2 1 
ATOM   1148 C  CZ  . TYR A 1 149 ? -9.401  -4.763  6.014   1.00 14.79 ?  149  TYR A CZ  1 
ATOM   1149 O  OH  . TYR A 1 149 ? -8.470  -4.405  6.957   1.00 17.54 ?  149  TYR A OH  1 
ATOM   1150 N  N   . ALA A 1 150 ? -14.051 -8.661  2.314   1.00 12.52 ?  150  ALA A N   1 
ATOM   1151 C  CA  . ALA A 1 150 ? -15.132 -9.231  1.517   1.00 12.06 ?  150  ALA A CA  1 
ATOM   1152 C  C   . ALA A 1 150 ? -15.926 -8.171  0.740   1.00 12.50 ?  150  ALA A C   1 
ATOM   1153 O  O   . ALA A 1 150 ? -16.449 -8.426  -0.342  1.00 11.73 ?  150  ALA A O   1 
ATOM   1154 C  CB  . ALA A 1 150 ? -16.054 -10.095 2.406   1.00 12.55 ?  150  ALA A CB  1 
ATOM   1155 N  N   . ALA A 1 151 ? -16.001 -6.972  1.301   1.00 12.53 ?  151  ALA A N   1 
ATOM   1156 C  CA  . ALA A 1 151 ? -16.709 -5.852  0.701   1.00 12.52 ?  151  ALA A CA  1 
ATOM   1157 C  C   . ALA A 1 151 ? -16.089 -5.413  -0.612  1.00 12.15 ?  151  ALA A C   1 
ATOM   1158 O  O   . ALA A 1 151 ? -16.735 -4.711  -1.374  1.00 12.81 ?  151  ALA A O   1 
ATOM   1159 C  CB  . ALA A 1 151 ? -16.731 -4.664  1.681   1.00 14.05 ?  151  ALA A CB  1 
ATOM   1160 N  N   . ASN A 1 152 ? -14.832 -5.804  -0.865  1.00 11.78 ?  152  ASN A N   1 
ATOM   1161 C  CA  . ASN A 1 152 ? -14.119 -5.389  -2.056  1.00 11.85 ?  152  ASN A CA  1 
ATOM   1162 C  C   . ASN A 1 152 ? -14.316 -6.248  -3.287  1.00 11.60 ?  152  ASN A C   1 
ATOM   1163 O  O   . ASN A 1 152 ? -13.797 -5.927  -4.343  1.00 12.20 ?  152  ASN A O   1 
ATOM   1164 C  CB  . ASN A 1 152 ? -12.626 -5.337  -1.763  1.00 11.34 ?  152  ASN A CB  1 
ATOM   1165 C  CG  . ASN A 1 152 ? -12.273 -4.207  -0.810  1.00 12.97 ?  152  ASN A CG  1 
ATOM   1166 O  OD1 . ASN A 1 152 ? -13.089 -3.327  -0.552  1.00 14.29 ?  152  ASN A OD1 1 
ATOM   1167 N  ND2 . ASN A 1 152 ? -11.057 -4.253  -0.233  1.00 12.34 ?  152  ASN A ND2 1 
ATOM   1168 N  N   . VAL A 1 153 ? -14.996 -7.358  -3.139  1.00 12.71 ?  153  VAL A N   1 
ATOM   1169 C  CA  . VAL A 1 153 ? -15.165 -8.294  -4.251  1.00 13.45 ?  153  VAL A CA  1 
ATOM   1170 C  C   . VAL A 1 153 ? -15.819 -7.595  -5.436  1.00 14.04 ?  153  VAL A C   1 
ATOM   1171 O  O   . VAL A 1 153 ? -16.849 -6.900  -5.278  1.00 14.16 ?  153  VAL A O   1 
ATOM   1172 C  CB  . VAL A 1 153 ? -15.994 -9.529  -3.789  1.00 13.19 ?  153  VAL A CB  1 
ATOM   1173 C  CG1 . VAL A 1 153 ? -16.559 -10.314 -5.018  1.00 15.55 ?  153  VAL A CG1 1 
ATOM   1174 C  CG2 . VAL A 1 153 ? -15.172 -10.393 -2.844  1.00 13.35 ?  153  VAL A CG2 1 
ATOM   1175 N  N   . GLY A 1 154 ? -15.187 -7.734  -6.595  1.00 14.84 ?  154  GLY A N   1 
ATOM   1176 C  CA  . GLY A 1 154 ? -15.587 -7.032  -7.817  1.00 15.68 ?  154  GLY A CA  1 
ATOM   1177 C  C   . GLY A 1 154 ? -15.052 -5.633  -7.996  1.00 16.58 ?  154  GLY A C   1 
ATOM   1178 O  O   . GLY A 1 154 ? -15.234 -5.039  -9.066  1.00 18.81 ?  154  GLY A O   1 
ATOM   1179 N  N   . ASN A 1 155 ? -14.454 -5.051  -6.960  1.00 14.81 ?  155  ASN A N   1 
ATOM   1180 C  CA  . ASN A 1 155 ? -14.003 -3.689  -7.019  1.00 13.70 ?  155  ASN A CA  1 
ATOM   1181 C  C   . ASN A 1 155 ? -12.546 -3.617  -7.476  1.00 13.36 ?  155  ASN A C   1 
ATOM   1182 O  O   . ASN A 1 155 ? -11.810 -4.626  -7.481  1.00 13.88 ?  155  ASN A O   1 
ATOM   1183 C  CB  . ASN A 1 155 ? -14.201 -3.032  -5.651  1.00 13.04 ?  155  ASN A CB  1 
ATOM   1184 C  CG  . ASN A 1 155 ? -14.510 -1.564  -5.751  1.00 11.91 ?  155  ASN A CG  1 
ATOM   1185 O  OD1 . ASN A 1 155 ? -14.199 -0.903  -6.763  1.00 12.62 ?  155  ASN A OD1 1 
ATOM   1186 N  ND2 . ASN A 1 155 ? -15.121 -1.024  -4.683  1.00 10.78 ?  155  ASN A ND2 1 
ATOM   1187 N  N   . THR A 1 156 ? -12.168 -2.439  -7.946  1.00 12.42 ?  156  THR A N   1 
ATOM   1188 C  CA  . THR A 1 156 ? -10.768 -2.121  -8.211  1.00 12.15 ?  156  THR A CA  1 
ATOM   1189 C  C   . THR A 1 156 ? -10.382 -0.953  -7.314  1.00 12.36 ?  156  THR A C   1 
ATOM   1190 O  O   . THR A 1 156 ? -11.051 0.086   -7.284  1.00 11.84 ?  156  THR A O   1 
ATOM   1191 C  CB  . THR A 1 156 ? -10.492 -1.746  -9.683  1.00 12.27 ?  156  THR A CB  1 
ATOM   1192 O  OG1 . THR A 1 156 ? -10.937 -2.819  -10.542 1.00 14.80 ?  156  THR A OG1 1 
ATOM   1193 C  CG2 . THR A 1 156 ? -8.944  -1.508  -9.915  1.00 11.23 ?  156  THR A CG2 1 
ATOM   1194 N  N   . ILE A 1 157 ? -9.325  -1.162  -6.557  1.00 12.75 ?  157  ILE A N   1 
ATOM   1195 C  CA  . ILE A 1 157 ? -8.783  -0.127  -5.677  1.00 13.51 ?  157  ILE A CA  1 
ATOM   1196 C  C   . ILE A 1 157 ? -7.470  0.410   -6.264  1.00 12.91 ?  157  ILE A C   1 
ATOM   1197 O  O   . ILE A 1 157 ? -6.582  -0.351  -6.646  1.00 14.70 ?  157  ILE A O   1 
ATOM   1198 C  CB  . ILE A 1 157 ? -8.610  -0.666  -4.241  1.00 13.79 ?  157  ILE A CB  1 
ATOM   1199 C  CG1 . ILE A 1 157 ? -10.017 -1.000  -3.668  1.00 16.29 ?  157  ILE A CG1 1 
ATOM   1200 C  CG2 . ILE A 1 157 ? -7.857  0.405   -3.345  1.00 14.38 ?  157  ILE A CG2 1 
ATOM   1201 C  CD1 . ILE A 1 157 ? -10.062 -2.013  -2.629  1.00 21.48 ?  157  ILE A CD1 1 
ATOM   1202 N  N   . TYR A 1 158 ? -7.346  1.732   -6.305  1.00 13.32 ?  158  TYR A N   1 
ATOM   1203 C  CA  . TYR A 1 158 ? -6.194  2.426   -6.902  1.00 13.26 ?  158  TYR A CA  1 
ATOM   1204 C  C   . TYR A 1 158 ? -5.461  3.120   -5.769  1.00 13.28 ?  158  TYR A C   1 
ATOM   1205 O  O   . TYR A 1 158 ? -6.085  3.778   -4.934  1.00 14.44 ?  158  TYR A O   1 
ATOM   1206 C  CB  . TYR A 1 158 ? -6.647  3.473   -7.929  1.00 13.44 ?  158  TYR A CB  1 
ATOM   1207 C  CG  . TYR A 1 158 ? -7.552  2.913   -9.012  1.00 14.01 ?  158  TYR A CG  1 
ATOM   1208 C  CD1 . TYR A 1 158 ? -7.027  2.287   -10.128 1.00 14.22 ?  158  TYR A CD1 1 
ATOM   1209 C  CD2 . TYR A 1 158 ? -8.939  3.017   -8.920  1.00 14.60 ?  158  TYR A CD2 1 
ATOM   1210 C  CE1 . TYR A 1 158 ? -7.853  1.740   -11.124 1.00 15.40 ?  158  TYR A CE1 1 
ATOM   1211 C  CE2 . TYR A 1 158 ? -9.787  2.450   -9.936  1.00 14.52 ?  158  TYR A CE2 1 
ATOM   1212 C  CZ  . TYR A 1 158 ? -9.229  1.825   -11.018 1.00 14.60 ?  158  TYR A CZ  1 
ATOM   1213 O  OH  . TYR A 1 158 ? -10.042 1.301   -12.016 1.00 16.43 ?  158  TYR A OH  1 
ATOM   1214 N  N   . ILE A 1 159 ? -4.147  2.986   -5.744  1.00 12.64 ?  159  ILE A N   1 
ATOM   1215 C  CA  . ILE A 1 159 ? -3.363  3.731   -4.753  1.00 13.79 ?  159  ILE A CA  1 
ATOM   1216 C  C   . ILE A 1 159 ? -2.237  4.439   -5.449  1.00 13.79 ?  159  ILE A C   1 
ATOM   1217 O  O   . ILE A 1 159 ? -1.744  3.993   -6.488  1.00 13.53 ?  159  ILE A O   1 
ATOM   1218 C  CB  . ILE A 1 159 ? -2.812  2.820   -3.576  1.00 14.09 ?  159  ILE A CB  1 
ATOM   1219 C  CG1 . ILE A 1 159 ? -1.917  1.711   -4.122  1.00 14.83 ?  159  ILE A CG1 1 
ATOM   1220 C  CG2 . ILE A 1 159 ? -3.975  2.309   -2.662  1.00 16.01 ?  159  ILE A CG2 1 
ATOM   1221 C  CD1 . ILE A 1 159 ? -1.119  0.912   -3.018  1.00 16.52 ?  159  ILE A CD1 1 
ATOM   1222 N  N   . ASP A 1 160 ? -1.804  5.560   -4.860  1.00 13.82 ?  160  ASP A N   1 
ATOM   1223 C  CA  . ASP A 1 160 ? -0.675  6.278   -5.387  1.00 14.51 ?  160  ASP A CA  1 
ATOM   1224 C  C   . ASP A 1 160 ? -0.115  7.185   -4.307  1.00 14.17 ?  160  ASP A C   1 
ATOM   1225 O  O   . ASP A 1 160 ? -0.792  7.488   -3.339  1.00 13.44 ?  160  ASP A O   1 
ATOM   1226 C  CB  . ASP A 1 160 ? -1.160  7.134   -6.552  1.00 15.63 ?  160  ASP A CB  1 
ATOM   1227 C  CG  . ASP A 1 160 ? -0.051  7.672   -7.399  1.00 17.79 ?  160  ASP A CG  1 
ATOM   1228 O  OD1 . ASP A 1 160 ? 1.107   7.218   -7.280  1.00 19.71 ?  160  ASP A OD1 1 
ATOM   1229 O  OD2 . ASP A 1 160 ? -0.363  8.557   -8.217  1.00 20.59 -1 160  ASP A OD2 1 
ATOM   1230 N  N   . GLY A 1 161 ? 1.127   7.604   -4.479  1.00 14.18 ?  161  GLY A N   1 
ATOM   1231 C  CA  . GLY A 1 161 ? 1.682   8.663   -3.651  1.00 15.00 ?  161  GLY A CA  1 
ATOM   1232 C  C   . GLY A 1 161 ? 1.935   8.316   -2.192  1.00 15.36 ?  161  GLY A C   1 
ATOM   1233 O  O   . GLY A 1 161 ? 1.734   9.154   -1.320  1.00 15.10 ?  161  GLY A O   1 
ATOM   1234 N  N   . LEU A 1 162 ? 2.392   7.103   -1.911  1.00 13.54 ?  162  LEU A N   1 
ATOM   1235 C  CA  . LEU A 1 162 ? 2.849   6.781   -0.538  1.00 13.27 ?  162  LEU A CA  1 
ATOM   1236 C  C   . LEU A 1 162 ? 4.071   7.645   -0.220  1.00 13.44 ?  162  LEU A C   1 
ATOM   1237 O  O   . LEU A 1 162 ? 5.059   7.643   -0.964  1.00 13.50 ?  162  LEU A O   1 
ATOM   1238 C  CB  . LEU A 1 162 ? 3.190   5.307   -0.368  1.00 12.62 ?  162  LEU A CB  1 
ATOM   1239 C  CG  . LEU A 1 162 ? 3.706   4.917   1.027   1.00 12.96 ?  162  LEU A CG  1 
ATOM   1240 C  CD1 . LEU A 1 162 ? 2.687   5.256   2.181   1.00 13.41 ?  162  LEU A CD1 1 
ATOM   1241 C  CD2 . LEU A 1 162 ? 4.155   3.421   1.021   1.00 13.90 ?  162  LEU A CD2 1 
ATOM   1242 N  N   . ALA A 1 163 ? 3.965   8.416   0.860   1.00 14.36 ?  163  ALA A N   1 
ATOM   1243 C  CA  . ALA A 1 163 ? 5.098   9.185   1.402   1.00 14.28 ?  163  ALA A CA  1 
ATOM   1244 C  C   . ALA A 1 163 ? 5.162   9.037   2.910   1.00 14.62 ?  163  ALA A C   1 
ATOM   1245 O  O   . ALA A 1 163 ? 4.242   9.472   3.617   1.00 15.07 ?  163  ALA A O   1 
ATOM   1246 C  CB  . ALA A 1 163 ? 4.950   10.637  1.039   1.00 14.95 ?  163  ALA A CB  1 
ATOM   1247 N  N   . ILE A 1 164 ? 6.266   8.467   3.406   1.00 13.73 ?  164  ILE A N   1 
ATOM   1248 C  CA  . ILE A 1 164 ? 6.535   8.367   4.831   1.00 14.48 ?  164  ILE A CA  1 
ATOM   1249 C  C   . ILE A 1 164 ? 7.672   9.324   5.150   1.00 16.38 ?  164  ILE A C   1 
ATOM   1250 O  O   . ILE A 1 164 ? 8.813   9.117   4.712   1.00 17.46 ?  164  ILE A O   1 
ATOM   1251 C  CB  . ILE A 1 164 ? 6.898   6.914   5.212   1.00 14.19 ?  164  ILE A CB  1 
ATOM   1252 C  CG1 . ILE A 1 164 ? 5.658   6.049   4.934   1.00 13.67 ?  164  ILE A CG1 1 
ATOM   1253 C  CG2 . ILE A 1 164 ? 7.302   6.851   6.697   1.00 14.91 ?  164  ILE A CG2 1 
ATOM   1254 C  CD1 . ILE A 1 164 ? 5.831   4.511   5.091   1.00 14.13 ?  164  ILE A CD1 1 
ATOM   1255 N  N   . VAL A 1 165 ? 7.370   10.368  5.897   1.00 16.84 ?  165  VAL A N   1 
ATOM   1256 C  CA  A VAL A 1 165 ? 8.282   11.504  6.083   0.50 18.42 ?  165  VAL A CA  1 
ATOM   1257 C  CA  B VAL A 1 165 ? 8.349   11.429  6.089   0.50 18.43 ?  165  VAL A CA  1 
ATOM   1258 C  C   . VAL A 1 165 ? 8.540   11.742  7.576   1.00 20.18 ?  165  VAL A C   1 
ATOM   1259 O  O   . VAL A 1 165 ? 7.633   11.534  8.400   1.00 19.75 ?  165  VAL A O   1 
ATOM   1260 C  CB  A VAL A 1 165 ? 7.645   12.789  5.507   0.50 18.20 ?  165  VAL A CB  1 
ATOM   1261 C  CB  B VAL A 1 165 ? 7.940   12.676  5.291   0.50 18.29 ?  165  VAL A CB  1 
ATOM   1262 C  CG1 A VAL A 1 165 ? 8.629   13.943  5.546   0.50 18.51 ?  165  VAL A CG1 1 
ATOM   1263 C  CG1 B VAL A 1 165 ? 7.788   12.319  3.803   0.50 17.81 ?  165  VAL A CG1 1 
ATOM   1264 C  CG2 A VAL A 1 165 ? 7.124   12.550  4.075   0.50 17.72 ?  165  VAL A CG2 1 
ATOM   1265 C  CG2 B VAL A 1 165 ? 6.650   13.254  5.818   0.50 18.50 ?  165  VAL A CG2 1 
ATOM   1266 N  N   . ASP A 1 166 ? 9.746   12.178  7.951   1.00 22.34 ?  166  ASP A N   1 
ATOM   1267 C  CA  A ASP A 1 166 ? 9.978   12.623  9.339   0.50 25.31 ?  166  ASP A CA  1 
ATOM   1268 C  CA  B ASP A 1 166 ? 9.985   12.638  9.341   0.50 24.72 ?  166  ASP A CA  1 
ATOM   1269 C  C   . ASP A 1 166 ? 8.964   13.728  9.646   1.00 27.05 ?  166  ASP A C   1 
ATOM   1270 O  O   . ASP A 1 166 ? 8.700   14.573  8.808   1.00 27.58 ?  166  ASP A O   1 
ATOM   1271 C  CB  A ASP A 1 166 ? 11.422  13.120  9.516   0.50 25.81 ?  166  ASP A CB  1 
ATOM   1272 C  CB  B ASP A 1 166 ? 11.396  13.221  9.552   0.50 24.75 ?  166  ASP A CB  1 
ATOM   1273 C  CG  A ASP A 1 166 ? 11.776  13.452  10.973  0.50 26.90 ?  166  ASP A CG  1 
ATOM   1274 C  CG  B ASP A 1 166 ? 12.507  12.188  9.429   0.50 23.34 ?  166  ASP A CG  1 
ATOM   1275 O  OD1 A ASP A 1 166 ? 11.093  14.289  11.613  0.50 31.11 ?  166  ASP A OD1 1 
ATOM   1276 O  OD1 B ASP A 1 166 ? 12.435  11.369  8.493   0.50 20.44 ?  166  ASP A OD1 1 
ATOM   1277 O  OD2 A ASP A 1 166 ? 12.768  12.886  11.468  0.50 27.60 -1 166  ASP A OD2 1 
ATOM   1278 O  OD2 B ASP A 1 166 ? 13.484  12.225  10.240  0.50 20.38 -1 166  ASP A OD2 1 
ATOM   1279 N  N   . LEU A 1 167 ? 8.376   13.709  10.849  1.00 30.23 ?  167  LEU A N   1 
ATOM   1280 C  CA  . LEU A 1 167 ? 7.292   14.650  11.203  1.00 32.16 ?  167  LEU A CA  1 
ATOM   1281 C  C   . LEU A 1 167 ? 7.852   16.025  11.579  1.00 32.99 ?  167  LEU A C   1 
ATOM   1282 O  O   . LEU A 1 167 ? 9.003   16.135  12.019  1.00 34.37 ?  167  LEU A O   1 
ATOM   1283 C  CB  . LEU A 1 167 ? 6.437   14.073  12.342  1.00 32.86 ?  167  LEU A CB  1 
ATOM   1284 C  CG  . LEU A 1 167 ? 5.427   15.003  13.044  1.00 35.02 ?  167  LEU A CG  1 
ATOM   1285 C  CD1 . LEU A 1 167 ? 4.103   15.059  12.273  1.00 37.80 ?  167  LEU A CD1 1 
ATOM   1286 C  CD2 . LEU A 1 167 ? 5.202   14.573  14.500  1.00 36.92 ?  167  LEU A CD2 1 
HETATM 1287 CA CA  . CA  B 2 .   ? 2.134   7.669   -9.307  0.80 21.97 ?  1170 CA  A CA  1 
HETATM 1288 O  O   . HOH C 3 .   ? 11.300  14.250  -3.866  1.00 43.08 ?  2001 HOH A O   1 
HETATM 1289 O  O   . HOH C 3 .   ? 13.426  11.501  -2.070  1.00 47.05 ?  2002 HOH A O   1 
HETATM 1290 O  O   . HOH C 3 .   ? 12.525  14.998  6.811   1.00 34.73 ?  2003 HOH A O   1 
HETATM 1291 O  O   . HOH C 3 .   ? 11.213  16.500  2.908   1.00 38.71 ?  2004 HOH A O   1 
HETATM 1292 O  O   . HOH C 3 .   ? 11.666  12.708  5.885   1.00 28.44 ?  2005 HOH A O   1 
HETATM 1293 O  O   . HOH C 3 .   ? 14.957  6.908   2.368   1.00 14.90 ?  2006 HOH A O   1 
HETATM 1294 O  O   . HOH C 3 .   ? 14.279  10.100  0.182   1.00 25.18 ?  2007 HOH A O   1 
HETATM 1295 O  O   . HOH C 3 .   ? 14.554  4.249   1.546   1.00 15.91 ?  2008 HOH A O   1 
HETATM 1296 O  O   . HOH C 3 .   ? -4.051  -10.890 -15.359 1.00 36.61 ?  2009 HOH A O   1 
HETATM 1297 O  O   . HOH C 3 .   ? 11.621  7.530   -2.419  1.00 28.55 ?  2010 HOH A O   1 
HETATM 1298 O  O   . HOH C 3 .   ? 15.085  5.426   -9.886  1.00 49.84 ?  2011 HOH A O   1 
HETATM 1299 O  O   . HOH C 3 .   ? 6.929   2.795   -1.413  1.00 14.15 ?  2012 HOH A O   1 
HETATM 1300 O  O   . HOH C 3 .   ? 5.225   -4.950  -16.526 1.00 35.89 ?  2013 HOH A O   1 
HETATM 1301 O  O   . HOH C 3 .   ? 11.945  6.276   -4.989  1.00 21.18 ?  2014 HOH A O   1 
HETATM 1302 O  O   . HOH C 3 .   ? -2.671  -11.142 -12.922 1.00 25.74 ?  2015 HOH A O   1 
HETATM 1303 O  O   . HOH C 3 .   ? 8.885   7.273   -2.848  1.00 25.98 ?  2016 HOH A O   1 
HETATM 1304 O  O   . HOH C 3 .   ? 7.482   6.961   -7.536  1.00 23.26 ?  2017 HOH A O   1 
HETATM 1305 O  O   . HOH C 3 .   ? 4.045   7.547   -11.466 1.00 25.94 ?  2018 HOH A O   1 
HETATM 1306 O  O   . HOH C 3 .   ? 12.365  4.484   -7.919  1.00 49.07 ?  2019 HOH A O   1 
HETATM 1307 O  O   . HOH C 3 .   ? 12.383  -0.194  -11.079 1.00 43.65 ?  2020 HOH A O   1 
HETATM 1308 O  O   . HOH C 3 .   ? 10.331  6.168   -8.284  1.00 32.64 ?  2021 HOH A O   1 
HETATM 1309 O  O   . HOH C 3 .   ? 15.168  -1.495  -3.103  1.00 33.38 ?  2022 HOH A O   1 
HETATM 1310 O  O   . HOH C 3 .   ? 9.791   -1.273  -10.524 1.00 20.17 ?  2023 HOH A O   1 
HETATM 1311 O  O   . HOH C 3 .   ? 1.664   -15.540 -5.566  1.00 40.38 ?  2024 HOH A O   1 
HETATM 1312 O  O   . HOH C 3 .   ? -0.252  -19.972 -3.309  1.00 42.40 ?  2025 HOH A O   1 
HETATM 1313 O  O   . HOH C 3 .   ? 1.116   -18.618 -1.994  1.00 50.91 ?  2026 HOH A O   1 
HETATM 1314 O  O   . HOH C 3 .   ? 4.118   -3.655  -14.287 1.00 28.30 ?  2027 HOH A O   1 
HETATM 1315 O  O   . HOH C 3 .   ? 5.415   2.164   -18.701 1.00 32.10 ?  2028 HOH A O   1 
HETATM 1316 O  O   . HOH C 3 .   ? 2.364   -2.816  -20.921 1.00 38.00 ?  2029 HOH A O   1 
HETATM 1317 O  O   . HOH C 3 .   ? -13.375 -17.255 -4.483  1.00 25.78 ?  2030 HOH A O   1 
HETATM 1318 O  O   . HOH C 3 .   ? 3.389   -6.844  -17.485 1.00 45.72 ?  2031 HOH A O   1 
HETATM 1319 O  O   . HOH C 3 .   ? 0.224   -6.518  -18.793 1.00 39.52 ?  2032 HOH A O   1 
HETATM 1320 O  O   . HOH C 3 .   ? -1.435  -9.527  -10.772 1.00 16.97 ?  2033 HOH A O   1 
HETATM 1321 O  O   . HOH C 3 .   ? -8.656  -8.179  -14.860 1.00 40.61 ?  2034 HOH A O   1 
HETATM 1322 O  O   . HOH C 3 .   ? 4.808   -14.001 -8.253  1.00 37.19 ?  2035 HOH A O   1 
HETATM 1323 O  O   . HOH C 3 .   ? 6.276   -12.549 -14.222 1.00 39.99 ?  2036 HOH A O   1 
HETATM 1324 O  O   . HOH C 3 .   ? 1.667   -13.633 -10.332 1.00 45.73 ?  2037 HOH A O   1 
HETATM 1325 O  O   . HOH C 3 .   ? 9.927   -13.201 -7.361  1.00 41.62 ?  2038 HOH A O   1 
HETATM 1326 O  O   . HOH C 3 .   ? 5.981   -8.131  -12.846 1.00 28.24 ?  2039 HOH A O   1 
HETATM 1327 O  O   . HOH C 3 .   ? 10.975  -8.889  -11.904 1.00 48.21 ?  2040 HOH A O   1 
HETATM 1328 O  O   . HOH C 3 .   ? 7.080   -6.275  -6.166  1.00 17.98 ?  2041 HOH A O   1 
HETATM 1329 O  O   . HOH C 3 .   ? -2.058  15.941  -5.820  1.00 46.80 ?  2042 HOH A O   1 
HETATM 1330 O  O   . HOH C 3 .   ? 6.629   -13.382 -6.253  1.00 35.24 ?  2043 HOH A O   1 
HETATM 1331 O  O   . HOH C 3 .   ? 10.199  -6.383  -3.439  1.00 17.85 ?  2044 HOH A O   1 
HETATM 1332 O  O   . HOH C 3 .   ? 11.552  -4.913  -10.450 1.00 47.60 ?  2045 HOH A O   1 
HETATM 1333 O  O   . HOH C 3 .   ? 12.518  -5.088  -6.997  1.00 41.56 ?  2046 HOH A O   1 
HETATM 1334 O  O   . HOH C 3 .   ? 6.049   -5.382  -12.767 1.00 32.62 ?  2047 HOH A O   1 
HETATM 1335 O  O   . HOH C 3 .   ? 10.706  -5.114  -5.310  1.00 19.94 ?  2048 HOH A O   1 
HETATM 1336 O  O   . HOH C 3 .   ? 14.940  2.948   -9.868  1.00 38.83 ?  2049 HOH A O   1 
HETATM 1337 O  O   . HOH C 3 .   ? 12.950  -3.005  -4.164  1.00 21.97 ?  2050 HOH A O   1 
HETATM 1338 O  O   . HOH C 3 .   ? 3.234   -8.080  0.962   1.00 27.08 ?  2051 HOH A O   1 
HETATM 1339 O  O   . HOH C 3 .   ? 4.654   -12.544 -3.105  1.00 35.12 ?  2052 HOH A O   1 
HETATM 1340 O  O   . HOH C 3 .   ? -0.670  -12.154 2.261   1.00 39.80 ?  2053 HOH A O   1 
HETATM 1341 O  O   . HOH C 3 .   ? 19.668  4.964   12.958  1.00 31.79 ?  2054 HOH A O   1 
HETATM 1342 O  O   . HOH C 3 .   ? 19.531  6.950   14.310  1.00 36.27 ?  2055 HOH A O   1 
HETATM 1343 O  O   . HOH C 3 .   ? 20.466  10.390  16.571  1.00 45.85 ?  2056 HOH A O   1 
HETATM 1344 O  O   . HOH C 3 .   ? -1.232  -17.431 -3.691  1.00 36.44 ?  2057 HOH A O   1 
HETATM 1345 O  O   . HOH C 3 .   ? 1.861   -14.253 -3.428  1.00 22.16 ?  2058 HOH A O   1 
HETATM 1346 O  O   . HOH C 3 .   ? 15.655  9.091   20.552  1.00 50.76 ?  2059 HOH A O   1 
HETATM 1347 O  O   . HOH C 3 .   ? 8.458   14.223  16.769  1.00 41.23 ?  2060 HOH A O   1 
HETATM 1348 O  O   . HOH C 3 .   ? -5.187  -21.031 -4.197  1.00 38.84 ?  2061 HOH A O   1 
HETATM 1349 O  O   . HOH C 3 .   ? -7.407  -23.011 -1.248  1.00 54.67 ?  2062 HOH A O   1 
HETATM 1350 O  O   . HOH C 3 .   ? -9.946  -21.417 0.498   1.00 45.20 ?  2063 HOH A O   1 
HETATM 1351 O  O   . HOH C 3 .   ? -4.066  -17.611 -4.635  1.00 39.21 ?  2064 HOH A O   1 
HETATM 1352 O  O   . HOH C 3 .   ? -9.532  -19.069 -10.321 1.00 46.90 ?  2065 HOH A O   1 
HETATM 1353 O  O   . HOH C 3 .   ? -11.048 -17.009 -3.412  1.00 28.46 ?  2066 HOH A O   1 
HETATM 1354 O  O   . HOH C 3 .   ? -17.727 5.770   1.954   1.00 41.33 ?  2067 HOH A O   1 
HETATM 1355 O  O   . HOH C 3 .   ? -7.973  -13.731 -11.399 1.00 47.27 ?  2068 HOH A O   1 
HETATM 1356 O  O   . HOH C 3 .   ? -2.073  -11.367 -8.604  1.00 26.00 ?  2069 HOH A O   1 
HETATM 1357 O  O   . HOH C 3 .   ? -4.562  -12.715 -11.153 1.00 24.39 ?  2070 HOH A O   1 
HETATM 1358 O  O   . HOH C 3 .   ? -6.629  -5.235  -14.721 1.00 36.56 ?  2071 HOH A O   1 
HETATM 1359 O  O   . HOH C 3 .   ? 3.056   -5.256  11.116  1.00 22.21 ?  2072 HOH A O   1 
HETATM 1360 O  O   . HOH C 3 .   ? -4.415  8.221   13.496  1.00 38.41 ?  2073 HOH A O   1 
HETATM 1361 O  O   . HOH C 3 .   ? -1.370  -8.616  10.097  1.00 42.24 ?  2074 HOH A O   1 
HETATM 1362 O  O   . HOH C 3 .   ? -3.401  3.046   -19.399 1.00 39.80 ?  2075 HOH A O   1 
HETATM 1363 O  O   . HOH C 3 .   ? 0.702   2.217   -20.807 1.00 29.35 ?  2076 HOH A O   1 
HETATM 1364 O  O   . HOH C 3 .   ? -1.226  1.795   -18.832 1.00 28.57 ?  2077 HOH A O   1 
HETATM 1365 O  O   . HOH C 3 .   ? -13.540 5.826   8.468   1.00 48.50 ?  2078 HOH A O   1 
HETATM 1366 O  O   . HOH C 3 .   ? -16.118 8.290   3.453   1.00 37.60 ?  2079 HOH A O   1 
HETATM 1367 O  O   . HOH C 3 .   ? -5.416  12.960  -9.576  1.00 35.59 ?  2080 HOH A O   1 
HETATM 1368 O  O   . HOH C 3 .   ? -7.730  7.522   -11.402 1.00 29.33 ?  2081 HOH A O   1 
HETATM 1369 O  O   . HOH C 3 .   ? -9.740  12.865  -10.276 1.00 45.63 ?  2082 HOH A O   1 
HETATM 1370 O  O   . HOH C 3 .   ? -7.173  11.100  -16.924 1.00 52.76 ?  2083 HOH A O   1 
HETATM 1371 O  O   . HOH C 3 .   ? -10.766 10.298  -10.498 1.00 42.60 ?  2084 HOH A O   1 
HETATM 1372 O  O   . HOH C 3 .   ? -2.368  15.579  -8.845  1.00 37.84 ?  2085 HOH A O   1 
HETATM 1373 O  O   . HOH C 3 .   ? 3.792   9.279   -8.184  1.00 32.62 ?  2086 HOH A O   1 
HETATM 1374 O  O   . HOH C 3 .   ? 5.663   8.401   -13.271 1.00 30.97 ?  2087 HOH A O   1 
HETATM 1375 O  O   . HOH C 3 .   ? 6.653   4.166   -17.769 1.00 44.55 ?  2088 HOH A O   1 
HETATM 1376 O  O   . HOH C 3 .   ? 9.391   3.268   -15.989 1.00 41.92 ?  2089 HOH A O   1 
HETATM 1377 O  O   . HOH C 3 .   ? -8.675  -6.313  -13.445 1.00 42.55 ?  2090 HOH A O   1 
HETATM 1378 O  O   . HOH C 3 .   ? -6.561  -4.188  -11.804 1.00 20.52 ?  2091 HOH A O   1 
HETATM 1379 O  O   . HOH C 3 .   ? -12.771 -8.824  -12.584 1.00 33.08 ?  2092 HOH A O   1 
HETATM 1380 O  O   . HOH C 3 .   ? -9.857  -9.238  -13.044 1.00 30.03 ?  2093 HOH A O   1 
HETATM 1381 O  O   . HOH C 3 .   ? -9.297  -11.685 -13.726 1.00 38.23 ?  2094 HOH A O   1 
HETATM 1382 O  O   . HOH C 3 .   ? -8.873  -11.626 -5.683  1.00 14.67 ?  2095 HOH A O   1 
HETATM 1383 O  O   . HOH C 3 .   ? 3.806   14.122  2.670   1.00 26.49 ?  2096 HOH A O   1 
HETATM 1384 O  O   . HOH C 3 .   ? -14.122 -15.357 -2.561  1.00 22.57 ?  2097 HOH A O   1 
HETATM 1385 O  O   . HOH C 3 .   ? -11.918 -18.263 -0.508  1.00 38.39 ?  2098 HOH A O   1 
HETATM 1386 O  O   . HOH C 3 .   ? 16.798  15.432  11.318  1.00 42.42 ?  2099 HOH A O   1 
HETATM 1387 O  O   . HOH C 3 .   ? -13.575 -16.332 1.640   1.00 48.92 ?  2100 HOH A O   1 
HETATM 1388 O  O   . HOH C 3 .   ? -9.601  -21.638 3.617   1.00 40.27 ?  2101 HOH A O   1 
HETATM 1389 O  O   . HOH C 3 .   ? -13.558 -17.590 5.609   1.00 43.59 ?  2102 HOH A O   1 
HETATM 1390 O  O   . HOH C 3 .   ? -7.644  -16.881 10.433  1.00 35.34 ?  2103 HOH A O   1 
HETATM 1391 O  O   . HOH C 3 .   ? -7.759  -10.844 10.212  1.00 37.00 ?  2104 HOH A O   1 
HETATM 1392 O  O   . HOH C 3 .   ? 1.069   -10.389 7.133   1.00 55.66 ?  2105 HOH A O   1 
HETATM 1393 O  O   . HOH C 3 .   ? 11.325  -4.572  -2.107  1.00 24.88 ?  2106 HOH A O   1 
HETATM 1394 O  O   . HOH C 3 .   ? 9.618   1.202   0.046   1.00 13.62 ?  2107 HOH A O   1 
HETATM 1395 O  O   . HOH C 3 .   ? 13.827  8.199   6.622   1.00 15.06 ?  2108 HOH A O   1 
HETATM 1396 O  O   . HOH C 3 .   ? 18.622  4.652   10.108  1.00 23.64 ?  2109 HOH A O   1 
HETATM 1397 O  O   . HOH C 3 .   ? 19.711  9.214   14.264  1.00 39.40 ?  2110 HOH A O   1 
HETATM 1398 O  O   . HOH C 3 .   ? 17.669  7.205   16.666  1.00 26.26 ?  2111 HOH A O   1 
HETATM 1399 O  O   . HOH C 3 .   ? 15.245  5.589   20.374  1.00 38.85 ?  2112 HOH A O   1 
HETATM 1400 O  O   . HOH C 3 .   ? 9.447   10.772  18.405  1.00 28.44 ?  2113 HOH A O   1 
HETATM 1401 O  O   . HOH C 3 .   ? 10.458  12.603  15.840  1.00 35.53 ?  2114 HOH A O   1 
HETATM 1402 O  O   . HOH C 3 .   ? 14.374  9.301   9.261   1.00 16.53 ?  2115 HOH A O   1 
HETATM 1403 O  O   . HOH C 3 .   ? 0.829   0.568   4.387   1.00 14.84 ?  2116 HOH A O   1 
HETATM 1404 O  O   . HOH C 3 .   ? -0.534  14.232  5.104   1.00 37.33 ?  2117 HOH A O   1 
HETATM 1405 O  O   . HOH C 3 .   ? -2.263  15.563  1.894   1.00 41.61 ?  2118 HOH A O   1 
HETATM 1406 O  O   . HOH C 3 .   ? -5.907  13.325  -3.160  1.00 50.16 ?  2119 HOH A O   1 
HETATM 1407 O  O   . HOH C 3 .   ? -20.443 2.099   -7.874  1.00 32.07 ?  2120 HOH A O   1 
HETATM 1408 O  O   . HOH C 3 .   ? -15.703 -2.020  -12.794 1.00 16.78 ?  2121 HOH A O   1 
HETATM 1409 O  O   . HOH C 3 .   ? -19.871 6.979   -6.413  1.00 38.95 ?  2122 HOH A O   1 
HETATM 1410 O  O   . HOH C 3 .   ? -21.352 -1.084  -5.551  1.00 45.43 ?  2123 HOH A O   1 
HETATM 1411 O  O   . HOH C 3 .   ? -17.788 6.207   -3.235  1.00 22.37 ?  2124 HOH A O   1 
HETATM 1412 O  O   . HOH C 3 .   ? -17.869 3.987   -0.762  1.00 49.45 ?  2125 HOH A O   1 
HETATM 1413 O  O   . HOH C 3 .   ? -18.731 -1.392  1.668   1.00 16.22 ?  2126 HOH A O   1 
HETATM 1414 O  O   . HOH C 3 .   ? -16.528 2.213   1.750   1.00 24.52 ?  2127 HOH A O   1 
HETATM 1415 O  O   . HOH C 3 .   ? 8.695   -9.697  7.553   1.00 42.09 ?  2128 HOH A O   1 
HETATM 1416 O  O   . HOH C 3 .   ? 11.992  -6.542  13.682  1.00 31.01 ?  2129 HOH A O   1 
HETATM 1417 O  O   . HOH C 3 .   ? 8.154   -12.498 14.343  1.00 22.42 ?  2130 HOH A O   1 
HETATM 1418 O  O   . HOH C 3 .   ? 6.577   -9.914  16.518  1.00 33.08 ?  2131 HOH A O   1 
HETATM 1419 O  O   . HOH C 3 .   ? 0.749   -8.285  14.875  1.00 46.98 ?  2132 HOH A O   1 
HETATM 1420 O  O   . HOH C 3 .   ? 1.682   -7.359  12.539  1.00 38.58 ?  2133 HOH A O   1 
HETATM 1421 O  O   . HOH C 3 .   ? 3.823   -6.634  18.597  1.00 32.23 ?  2134 HOH A O   1 
HETATM 1422 O  O   . HOH C 3 .   ? 6.795   -7.904  20.426  1.00 35.43 ?  2135 HOH A O   1 
HETATM 1423 O  O   . HOH C 3 .   ? 1.759   -6.029  16.619  1.00 27.02 ?  2136 HOH A O   1 
HETATM 1424 O  O   . HOH C 3 .   ? 0.662   -4.784  9.839   1.00 17.37 ?  2137 HOH A O   1 
HETATM 1425 O  O   . HOH C 3 .   ? -1.683  -0.686  15.255  1.00 26.13 ?  2138 HOH A O   1 
HETATM 1426 O  O   . HOH C 3 .   ? 3.126   4.556   16.804  1.00 23.85 ?  2139 HOH A O   1 
HETATM 1427 O  O   . HOH C 3 .   ? -2.191  4.025   14.567  1.00 37.41 ?  2140 HOH A O   1 
HETATM 1428 O  O   . HOH C 3 .   ? -4.147  -7.601  10.625  1.00 29.10 ?  2141 HOH A O   1 
HETATM 1429 O  O   . HOH C 3 .   ? -4.318  5.826   13.335  1.00 36.32 ?  2142 HOH A O   1 
HETATM 1430 O  O   . HOH C 3 .   ? -3.094  1.645   15.386  1.00 41.67 ?  2143 HOH A O   1 
HETATM 1431 O  O   . HOH C 3 .   ? -7.898  3.740   12.379  1.00 25.19 ?  2144 HOH A O   1 
HETATM 1432 O  O   . HOH C 3 .   ? -11.831 2.019   11.970  1.00 25.10 ?  2145 HOH A O   1 
HETATM 1433 O  O   . HOH C 3 .   ? -13.831 3.515   9.174   1.00 40.24 ?  2146 HOH A O   1 
HETATM 1434 O  O   . HOH C 3 .   ? -8.900  8.654   7.887   1.00 34.90 ?  2147 HOH A O   1 
HETATM 1435 O  O   . HOH C 3 .   ? -11.879 5.905   10.457  1.00 49.38 ?  2148 HOH A O   1 
HETATM 1436 O  O   . HOH C 3 .   ? -13.648 8.158   3.038   1.00 20.81 ?  2149 HOH A O   1 
HETATM 1437 O  O   . HOH C 3 .   ? -18.448 4.897   4.788   1.00 30.85 ?  2150 HOH A O   1 
HETATM 1438 O  O   . HOH C 3 .   ? -12.273 6.136   6.341   1.00 19.38 ?  2151 HOH A O   1 
HETATM 1439 O  O   . HOH C 3 .   ? -14.898 11.165  -1.593  1.00 28.81 ?  2152 HOH A O   1 
HETATM 1440 O  O   . HOH C 3 .   ? -17.802 8.950   -4.049  1.00 51.09 ?  2153 HOH A O   1 
HETATM 1441 O  O   . HOH C 3 .   ? -11.242 7.697   -1.518  1.00 15.01 ?  2154 HOH A O   1 
HETATM 1442 O  O   . HOH C 3 .   ? -16.507 15.350  -2.664  1.00 44.85 ?  2155 HOH A O   1 
HETATM 1443 O  O   . HOH C 3 .   ? -10.454 14.127  -5.638  1.00 38.48 ?  2156 HOH A O   1 
HETATM 1444 O  O   . HOH C 3 .   ? -11.022 11.966  -7.835  1.00 27.76 ?  2157 HOH A O   1 
HETATM 1445 O  O   . HOH C 3 .   ? -15.494 11.196  2.011   1.00 43.93 ?  2158 HOH A O   1 
HETATM 1446 O  O   . HOH C 3 .   ? -9.385  12.089  3.255   1.00 43.07 ?  2159 HOH A O   1 
HETATM 1447 O  O   . HOH C 3 .   ? -6.858  12.893  5.657   1.00 44.55 ?  2160 HOH A O   1 
HETATM 1448 O  O   . HOH C 3 .   ? -0.969  12.770  9.893   1.00 36.52 ?  2161 HOH A O   1 
HETATM 1449 O  O   . HOH C 3 .   ? -4.894  10.119  11.510  1.00 32.06 ?  2162 HOH A O   1 
HETATM 1450 O  O   . HOH C 3 .   ? -6.671  10.383  7.145   1.00 19.54 ?  2163 HOH A O   1 
HETATM 1451 O  O   . HOH C 3 .   ? 0.171   5.154   15.048  1.00 27.27 ?  2164 HOH A O   1 
HETATM 1452 O  O   . HOH C 3 .   ? 2.317   11.199  17.031  1.00 36.59 ?  2165 HOH A O   1 
HETATM 1453 O  O   . HOH C 3 .   ? -0.985  8.578   16.348  1.00 48.43 ?  2166 HOH A O   1 
HETATM 1454 O  O   . HOH C 3 .   ? -2.171  9.673   13.741  1.00 29.21 ?  2167 HOH A O   1 
HETATM 1455 O  O   . HOH C 3 .   ? 1.140   14.198  10.567  1.00 42.47 ?  2168 HOH A O   1 
HETATM 1456 O  O   . HOH C 3 .   ? 4.746   2.933   18.249  1.00 32.41 ?  2169 HOH A O   1 
HETATM 1457 O  O   . HOH C 3 .   ? 3.084   8.506   16.838  1.00 25.96 ?  2170 HOH A O   1 
HETATM 1458 O  O   . HOH C 3 .   ? 10.372  2.975   23.069  1.00 52.42 ?  2171 HOH A O   1 
HETATM 1459 O  O   . HOH C 3 .   ? 10.706  -1.501  22.386  1.00 36.54 ?  2172 HOH A O   1 
HETATM 1460 O  O   . HOH C 3 .   ? 4.752   0.758   19.111  1.00 41.93 ?  2173 HOH A O   1 
HETATM 1461 O  O   . HOH C 3 .   ? 13.017  3.654   20.082  1.00 23.08 ?  2174 HOH A O   1 
HETATM 1462 O  O   . HOH C 3 .   ? 11.746  -4.949  17.664  1.00 35.00 ?  2175 HOH A O   1 
HETATM 1463 O  O   . HOH C 3 .   ? 19.528  0.425   15.393  1.00 43.96 ?  2176 HOH A O   1 
HETATM 1464 O  O   . HOH C 3 .   ? 18.411  4.378   20.102  1.00 43.94 ?  2177 HOH A O   1 
HETATM 1465 O  O   . HOH C 3 .   ? 15.892  -3.007  11.263  1.00 17.47 ?  2178 HOH A O   1 
HETATM 1466 O  O   . HOH C 3 .   ? 14.307  -3.363  17.877  1.00 31.16 ?  2179 HOH A O   1 
HETATM 1467 O  O   . HOH C 3 .   ? 18.495  -1.722  12.878  1.00 33.23 ?  2180 HOH A O   1 
HETATM 1468 O  O   . HOH C 3 .   ? 19.522  -2.122  9.288   1.00 40.19 ?  2181 HOH A O   1 
HETATM 1469 O  O   . HOH C 3 .   ? 12.314  -4.302  11.062  1.00 19.74 ?  2182 HOH A O   1 
HETATM 1470 O  O   . HOH C 3 .   ? 2.279   -8.141  6.877   1.00 29.01 ?  2183 HOH A O   1 
HETATM 1471 O  O   . HOH C 3 .   ? 5.301   -5.538  9.514   1.00 18.26 ?  2184 HOH A O   1 
HETATM 1472 O  O   . HOH C 3 .   ? 9.858   -7.628  5.424   1.00 43.58 ?  2185 HOH A O   1 
HETATM 1473 O  O   . HOH C 3 .   ? 0.316   -6.886  8.399   1.00 23.86 ?  2186 HOH A O   1 
HETATM 1474 O  O   . HOH C 3 .   ? -6.057  -6.139  8.767   1.00 30.80 ?  2187 HOH A O   1 
HETATM 1475 O  O   . HOH C 3 .   ? -8.992  -12.083 1.988   1.00 15.15 ?  2188 HOH A O   1 
HETATM 1476 O  O   . HOH C 3 .   ? -8.831  -6.050  9.447   1.00 31.01 ?  2189 HOH A O   1 
HETATM 1477 O  O   . HOH C 3 .   ? -14.037 -8.645  5.237   1.00 15.63 ?  2190 HOH A O   1 
HETATM 1478 O  O   . HOH C 3 .   ? -15.629 -6.661  4.274   1.00 15.26 ?  2191 HOH A O   1 
HETATM 1479 O  O   . HOH C 3 .   ? -16.903 -2.916  -3.374  1.00 27.67 ?  2192 HOH A O   1 
HETATM 1480 O  O   . HOH C 3 .   ? -17.544 -4.158  -6.117  1.00 36.88 ?  2193 HOH A O   1 
HETATM 1481 O  O   . HOH C 3 .   ? -14.287 -7.093  -11.661 1.00 39.32 ?  2194 HOH A O   1 
HETATM 1482 O  O   . HOH C 3 .   ? -13.826 -2.917  -10.641 1.00 20.47 ?  2195 HOH A O   1 
HETATM 1483 O  O   . HOH C 3 .   ? -11.033 -1.095  -12.972 1.00 16.16 ?  2196 HOH A O   1 
HETATM 1484 O  O   . HOH C 3 .   ? 0.656   11.608  -0.932  1.00 31.74 ?  2197 HOH A O   1 
HETATM 1485 O  O   . HOH C 3 .   ? 6.837   9.169   -2.412  1.00 36.50 ?  2198 HOH A O   1 
HETATM 1486 O  O   . HOH C 3 .   ? 3.678   12.082  4.612   1.00 19.28 ?  2199 HOH A O   1 
HETATM 1487 O  O   . HOH C 3 .   ? 11.699  9.964   6.186   1.00 24.33 ?  2200 HOH A O   1 
HETATM 1488 O  O   . HOH C 3 .   ? 15.351  14.261  9.106   1.00 48.23 ?  2201 HOH A O   1 
# 
loop_
_pdbx_poly_seq_scheme.asym_id 
_pdbx_poly_seq_scheme.entity_id 
_pdbx_poly_seq_scheme.seq_id 
_pdbx_poly_seq_scheme.mon_id 
_pdbx_poly_seq_scheme.ndb_seq_num 
_pdbx_poly_seq_scheme.pdb_seq_num 
_pdbx_poly_seq_scheme.auth_seq_num 
_pdbx_poly_seq_scheme.pdb_mon_id 
_pdbx_poly_seq_scheme.auth_mon_id 
_pdbx_poly_seq_scheme.pdb_strand_id 
_pdbx_poly_seq_scheme.pdb_ins_code 
_pdbx_poly_seq_scheme.hetero 
A 1 1   MET 1   1   1   MET MET A . n 
A 1 2   LEU 2   2   2   LEU LEU A . n 
A 1 3   VAL 3   3   3   VAL VAL A . n 
A 1 4   ALA 4   4   4   ALA ALA A . n 
A 1 5   ASN 5   5   5   ASN ASN A . n 
A 1 6   ILE 6   6   6   ILE ILE A . n 
A 1 7   ASN 7   7   7   ASN ASN A . n 
A 1 8   GLY 8   8   8   GLY GLY A . n 
A 1 9   GLY 9   9   9   GLY GLY A . n 
A 1 10  PHE 10  10  10  PHE PHE A . n 
A 1 11  GLU 11  11  11  GLU GLU A . n 
A 1 12  SER 12  12  12  SER SER A . n 
A 1 13  THR 13  13  13  THR THR A . n 
A 1 14  PRO 14  14  14  PRO PRO A . n 
A 1 15  ALA 15  15  15  ALA ALA A . n 
A 1 16  GLY 16  16  16  GLY GLY A . n 
A 1 17  VAL 17  17  17  VAL VAL A . n 
A 1 18  VAL 18  18  18  VAL VAL A . n 
A 1 19  THR 19  19  19  THR THR A . n 
A 1 20  ASP 20  20  20  ASP ASP A . n 
A 1 21  LEU 21  21  21  LEU LEU A . n 
A 1 22  ALA 22  22  22  ALA ALA A . n 
A 1 23  GLU 23  23  23  GLU GLU A . n 
A 1 24  GLY 24  24  24  GLY GLY A . n 
A 1 25  VAL 25  25  25  VAL VAL A . n 
A 1 26  GLU 26  26  26  GLU GLU A . n 
A 1 27  GLY 27  27  27  GLY GLY A . n 
A 1 28  TRP 28  28  28  TRP TRP A . n 
A 1 29  ASP 29  29  29  ASP ASP A . n 
A 1 30  LEU 30  30  30  LEU LEU A . n 
A 1 31  ASN 31  31  31  ASN ASN A . n 
A 1 32  VAL 32  32  32  VAL VAL A . n 
A 1 33  GLY 33  33  33  GLY GLY A . n 
A 1 34  SER 34  34  34  SER SER A . n 
A 1 35  SER 35  35  35  SER SER A . n 
A 1 36  VAL 36  36  36  VAL VAL A . n 
A 1 37  THR 37  37  37  THR THR A . n 
A 1 38  ASN 38  38  38  ASN ASN A . n 
A 1 39  PRO 39  39  39  PRO PRO A . n 
A 1 40  PRO 40  40  40  PRO PRO A . n 
A 1 41  VAL 41  41  41  VAL VAL A . n 
A 1 42  PHE 42  42  42  PHE PHE A . n 
A 1 43  GLU 43  43  43  GLU GLU A . n 
A 1 44  VAL 44  44  44  VAL VAL A . n 
A 1 45  LEU 45  45  45  LEU LEU A . n 
A 1 46  GLU 46  46  46  GLU GLU A . n 
A 1 47  THR 47  47  47  THR THR A . n 
A 1 48  SER 48  48  48  SER SER A . n 
A 1 49  ASP 49  49  49  ASP ASP A . n 
A 1 50  ALA 50  50  50  ALA ALA A . n 
A 1 51  PRO 51  51  51  PRO PRO A . n 
A 1 52  GLU 52  52  52  GLU GLU A . n 
A 1 53  GLY 53  53  53  GLY GLY A . n 
A 1 54  ASN 54  54  54  ASN ASN A . n 
A 1 55  LYS 55  55  55  LYS LYS A . n 
A 1 56  VAL 56  56  56  VAL VAL A . n 
A 1 57  LEU 57  57  57  LEU LEU A . n 
A 1 58  ALA 58  58  58  ALA ALA A . n 
A 1 59  VAL 59  59  59  VAL VAL A . n 
A 1 60  THR 60  60  60  THR THR A . n 
A 1 61  VAL 61  61  61  VAL VAL A . n 
A 1 62  ASN 62  62  62  ASN ASN A . n 
A 1 63  GLY 63  63  63  GLY GLY A . n 
A 1 64  VAL 64  64  64  VAL VAL A . n 
A 1 65  GLY 65  65  65  GLY GLY A . n 
A 1 66  ASN 66  66  66  ASN ASN A . n 
A 1 67  ASN 67  67  67  ASN ASN A . n 
A 1 68  PRO 68  68  68  PRO PRO A . n 
A 1 69  PHE 69  69  69  PHE PHE A . n 
A 1 70  ASN 70  70  70  ASN ASN A . n 
A 1 71  ILE 71  71  71  ILE ILE A . n 
A 1 72  GLN 72  72  72  GLN GLN A . n 
A 1 73  ALA 73  73  73  ALA ALA A . n 
A 1 74  THR 74  74  74  THR THR A . n 
A 1 75  ALA 75  75  75  ALA ALA A . n 
A 1 76  LEU 76  76  76  LEU LEU A . n 
A 1 77  PRO 77  77  77  PRO PRO A . n 
A 1 78  VAL 78  78  78  VAL VAL A . n 
A 1 79  ASN 79  79  79  ASN ASN A . n 
A 1 80  VAL 80  80  80  VAL VAL A . n 
A 1 81  ARG 81  81  81  ARG ARG A . n 
A 1 82  PRO 82  82  82  PRO PRO A . n 
A 1 83  GLY 83  83  83  GLY GLY A . n 
A 1 84  VAL 84  84  84  VAL VAL A . n 
A 1 85  THR 85  85  85  THR THR A . n 
A 1 86  TYR 86  86  86  TYR TYR A . n 
A 1 87  THR 87  87  87  THR THR A . n 
A 1 88  TYR 88  88  88  TYR TYR A . n 
A 1 89  THR 89  89  89  THR THR A . n 
A 1 90  ILE 90  90  90  ILE ILE A . n 
A 1 91  ARG 91  91  91  ARG ARG A . n 
A 1 92  ALA 92  92  92  ALA ALA A . n 
A 1 93  ARG 93  93  93  ARG ARG A . n 
A 1 94  ALA 94  94  94  ALA ALA A . n 
A 1 95  GLU 95  95  95  GLU GLU A . n 
A 1 96  GLN 96  96  96  GLN GLN A . n 
A 1 97  ASP 97  97  97  ASP ASP A . n 
A 1 98  GLY 98  98  98  GLY GLY A . n 
A 1 99  ALA 99  99  99  ALA ALA A . n 
A 1 100 VAL 100 100 100 VAL VAL A . n 
A 1 101 VAL 101 101 101 VAL VAL A . n 
A 1 102 SER 102 102 102 SER SER A . n 
A 1 103 PHE 103 103 103 PHE PHE A . n 
A 1 104 THR 104 104 104 THR THR A . n 
A 1 105 VAL 105 105 105 VAL VAL A . n 
A 1 106 GLY 106 106 106 GLY GLY A . n 
A 1 107 ASN 107 107 107 ASN ASN A . n 
A 1 108 GLN 108 108 108 GLN GLN A . n 
A 1 109 SER 109 109 109 SER SER A . n 
A 1 110 LEU 110 110 110 LEU LEU A . n 
A 1 111 ASP 111 111 111 ASP ASP A . n 
A 1 112 GLU 112 112 112 GLU GLU A . n 
A 1 113 TYR 113 113 113 TYR TYR A . n 
A 1 114 GLY 114 114 114 GLY GLY A . n 
A 1 115 ARG 115 115 115 ARG ARG A . n 
A 1 116 LEU 116 116 116 LEU LEU A . n 
A 1 117 HIS 117 117 117 HIS HIS A . n 
A 1 118 HIS 118 118 118 HIS HIS A . n 
A 1 119 GLN 119 119 119 GLN GLN A . n 
A 1 120 GLN 120 120 120 GLN GLN A . n 
A 1 121 ILE 121 121 121 ILE ILE A . n 
A 1 122 THR 122 122 122 THR THR A . n 
A 1 123 THR 123 123 123 THR THR A . n 
A 1 124 GLU 124 124 124 GLU GLU A . n 
A 1 125 TRP 125 125 125 TRP TRP A . n 
A 1 126 GLN 126 126 126 GLN GLN A . n 
A 1 127 PRO 127 127 127 PRO PRO A . n 
A 1 128 PHE 128 128 128 PHE PHE A . n 
A 1 129 THR 129 129 129 THR THR A . n 
A 1 130 PHE 130 130 130 PHE PHE A . n 
A 1 131 GLU 131 131 131 GLU GLU A . n 
A 1 132 PHE 132 132 132 PHE PHE A . n 
A 1 133 THR 133 133 133 THR THR A . n 
A 1 134 VAL 134 134 134 VAL VAL A . n 
A 1 135 SER 135 135 135 SER SER A . n 
A 1 136 ASP 136 136 136 ASP ASP A . n 
A 1 137 GLN 137 137 137 GLN GLN A . n 
A 1 138 GLU 138 138 138 GLU GLU A . n 
A 1 139 THR 139 139 139 THR THR A . n 
A 1 140 VAL 140 140 140 VAL VAL A . n 
A 1 141 ILE 141 141 141 ILE ILE A . n 
A 1 142 ARG 142 142 142 ARG ARG A . n 
A 1 143 ALA 143 143 143 ALA ALA A . n 
A 1 144 PRO 144 144 144 PRO PRO A . n 
A 1 145 ILE 145 145 145 ILE ILE A . n 
A 1 146 HIS 146 146 146 HIS HIS A . n 
A 1 147 PHE 147 147 147 PHE PHE A . n 
A 1 148 GLY 148 148 148 GLY GLY A . n 
A 1 149 TYR 149 149 149 TYR TYR A . n 
A 1 150 ALA 150 150 150 ALA ALA A . n 
A 1 151 ALA 151 151 151 ALA ALA A . n 
A 1 152 ASN 152 152 152 ASN ASN A . n 
A 1 153 VAL 153 153 153 VAL VAL A . n 
A 1 154 GLY 154 154 154 GLY GLY A . n 
A 1 155 ASN 155 155 155 ASN ASN A . n 
A 1 156 THR 156 156 156 THR THR A . n 
A 1 157 ILE 157 157 157 ILE ILE A . n 
A 1 158 TYR 158 158 158 TYR TYR A . n 
A 1 159 ILE 159 159 159 ILE ILE A . n 
A 1 160 ASP 160 160 160 ASP ASP A . n 
A 1 161 GLY 161 161 161 GLY GLY A . n 
A 1 162 LEU 162 162 162 LEU LEU A . n 
A 1 163 ALA 163 163 163 ALA ALA A . n 
A 1 164 ILE 164 164 164 ILE ILE A . n 
A 1 165 VAL 165 165 165 VAL VAL A . n 
A 1 166 ASP 166 166 166 ASP ASP A . n 
A 1 167 LEU 167 167 167 LEU LEU A . n 
# 
loop_
_pdbx_nonpoly_scheme.asym_id 
_pdbx_nonpoly_scheme.entity_id 
_pdbx_nonpoly_scheme.mon_id 
_pdbx_nonpoly_scheme.ndb_seq_num 
_pdbx_nonpoly_scheme.pdb_seq_num 
_pdbx_nonpoly_scheme.auth_seq_num 
_pdbx_nonpoly_scheme.pdb_mon_id 
_pdbx_nonpoly_scheme.auth_mon_id 
_pdbx_nonpoly_scheme.pdb_strand_id 
_pdbx_nonpoly_scheme.pdb_ins_code 
B 2 CA  1   1170 1170 CA  CA  A . 
C 3 HOH 1   2001 2001 HOH HOH A . 
C 3 HOH 2   2002 2002 HOH HOH A . 
C 3 HOH 3   2003 2003 HOH HOH A . 
C 3 HOH 4   2004 2004 HOH HOH A . 
C 3 HOH 5   2005 2005 HOH HOH A . 
C 3 HOH 6   2006 2006 HOH HOH A . 
C 3 HOH 7   2007 2007 HOH HOH A . 
C 3 HOH 8   2008 2008 HOH HOH A . 
C 3 HOH 9   2009 2009 HOH HOH A . 
C 3 HOH 10  2010 2010 HOH HOH A . 
C 3 HOH 11  2011 2011 HOH HOH A . 
C 3 HOH 12  2012 2012 HOH HOH A . 
C 3 HOH 13  2013 2013 HOH HOH A . 
C 3 HOH 14  2014 2014 HOH HOH A . 
C 3 HOH 15  2015 2015 HOH HOH A . 
C 3 HOH 16  2016 2016 HOH HOH A . 
C 3 HOH 17  2017 2017 HOH HOH A . 
C 3 HOH 18  2018 2018 HOH HOH A . 
C 3 HOH 19  2019 2019 HOH HOH A . 
C 3 HOH 20  2020 2020 HOH HOH A . 
C 3 HOH 21  2021 2021 HOH HOH A . 
C 3 HOH 22  2022 2022 HOH HOH A . 
C 3 HOH 23  2023 2023 HOH HOH A . 
C 3 HOH 24  2024 2024 HOH HOH A . 
C 3 HOH 25  2025 2025 HOH HOH A . 
C 3 HOH 26  2026 2026 HOH HOH A . 
C 3 HOH 27  2027 2027 HOH HOH A . 
C 3 HOH 28  2028 2028 HOH HOH A . 
C 3 HOH 29  2029 2029 HOH HOH A . 
C 3 HOH 30  2030 2030 HOH HOH A . 
C 3 HOH 31  2031 2031 HOH HOH A . 
C 3 HOH 32  2032 2032 HOH HOH A . 
C 3 HOH 33  2033 2033 HOH HOH A . 
C 3 HOH 34  2034 2034 HOH HOH A . 
C 3 HOH 35  2035 2035 HOH HOH A . 
C 3 HOH 36  2036 2036 HOH HOH A . 
C 3 HOH 37  2037 2037 HOH HOH A . 
C 3 HOH 38  2038 2038 HOH HOH A . 
C 3 HOH 39  2039 2039 HOH HOH A . 
C 3 HOH 40  2040 2040 HOH HOH A . 
C 3 HOH 41  2041 2041 HOH HOH A . 
C 3 HOH 42  2042 2042 HOH HOH A . 
C 3 HOH 43  2043 2043 HOH HOH A . 
C 3 HOH 44  2044 2044 HOH HOH A . 
C 3 HOH 45  2045 2045 HOH HOH A . 
C 3 HOH 46  2046 2046 HOH HOH A . 
C 3 HOH 47  2047 2047 HOH HOH A . 
C 3 HOH 48  2048 2048 HOH HOH A . 
C 3 HOH 49  2049 2049 HOH HOH A . 
C 3 HOH 50  2050 2050 HOH HOH A . 
C 3 HOH 51  2051 2051 HOH HOH A . 
C 3 HOH 52  2052 2052 HOH HOH A . 
C 3 HOH 53  2053 2053 HOH HOH A . 
C 3 HOH 54  2054 2054 HOH HOH A . 
C 3 HOH 55  2055 2055 HOH HOH A . 
C 3 HOH 56  2056 2056 HOH HOH A . 
C 3 HOH 57  2057 2057 HOH HOH A . 
C 3 HOH 58  2058 2058 HOH HOH A . 
C 3 HOH 59  2059 2059 HOH HOH A . 
C 3 HOH 60  2060 2060 HOH HOH A . 
C 3 HOH 61  2061 2061 HOH HOH A . 
C 3 HOH 62  2062 2062 HOH HOH A . 
C 3 HOH 63  2063 2063 HOH HOH A . 
C 3 HOH 64  2064 2064 HOH HOH A . 
C 3 HOH 65  2065 2065 HOH HOH A . 
C 3 HOH 66  2066 2066 HOH HOH A . 
C 3 HOH 67  2067 2067 HOH HOH A . 
C 3 HOH 68  2068 2068 HOH HOH A . 
C 3 HOH 69  2069 2069 HOH HOH A . 
C 3 HOH 70  2070 2070 HOH HOH A . 
C 3 HOH 71  2071 2071 HOH HOH A . 
C 3 HOH 72  2072 2072 HOH HOH A . 
C 3 HOH 73  2073 2073 HOH HOH A . 
C 3 HOH 74  2074 2074 HOH HOH A . 
C 3 HOH 75  2075 2075 HOH HOH A . 
C 3 HOH 76  2076 2076 HOH HOH A . 
C 3 HOH 77  2077 2077 HOH HOH A . 
C 3 HOH 78  2078 2078 HOH HOH A . 
C 3 HOH 79  2079 2079 HOH HOH A . 
C 3 HOH 80  2080 2080 HOH HOH A . 
C 3 HOH 81  2081 2081 HOH HOH A . 
C 3 HOH 82  2082 2082 HOH HOH A . 
C 3 HOH 83  2083 2083 HOH HOH A . 
C 3 HOH 84  2084 2084 HOH HOH A . 
C 3 HOH 85  2085 2085 HOH HOH A . 
C 3 HOH 86  2086 2086 HOH HOH A . 
C 3 HOH 87  2087 2087 HOH HOH A . 
C 3 HOH 88  2088 2088 HOH HOH A . 
C 3 HOH 89  2089 2089 HOH HOH A . 
C 3 HOH 90  2090 2090 HOH HOH A . 
C 3 HOH 91  2091 2091 HOH HOH A . 
C 3 HOH 92  2092 2092 HOH HOH A . 
C 3 HOH 93  2093 2093 HOH HOH A . 
C 3 HOH 94  2094 2094 HOH HOH A . 
C 3 HOH 95  2095 2095 HOH HOH A . 
C 3 HOH 96  2096 2096 HOH HOH A . 
C 3 HOH 97  2097 2097 HOH HOH A . 
C 3 HOH 98  2098 2098 HOH HOH A . 
C 3 HOH 99  2099 2099 HOH HOH A . 
C 3 HOH 100 2100 2100 HOH HOH A . 
C 3 HOH 101 2101 2101 HOH HOH A . 
C 3 HOH 102 2102 2102 HOH HOH A . 
C 3 HOH 103 2103 2103 HOH HOH A . 
C 3 HOH 104 2104 2104 HOH HOH A . 
C 3 HOH 105 2105 2105 HOH HOH A . 
C 3 HOH 106 2106 2106 HOH HOH A . 
C 3 HOH 107 2107 2107 HOH HOH A . 
C 3 HOH 108 2108 2108 HOH HOH A . 
C 3 HOH 109 2109 2109 HOH HOH A . 
C 3 HOH 110 2110 2110 HOH HOH A . 
C 3 HOH 111 2111 2111 HOH HOH A . 
C 3 HOH 112 2112 2112 HOH HOH A . 
C 3 HOH 113 2113 2113 HOH HOH A . 
C 3 HOH 114 2114 2114 HOH HOH A . 
C 3 HOH 115 2115 2115 HOH HOH A . 
C 3 HOH 116 2116 2116 HOH HOH A . 
C 3 HOH 117 2117 2117 HOH HOH A . 
C 3 HOH 118 2118 2118 HOH HOH A . 
C 3 HOH 119 2119 2119 HOH HOH A . 
C 3 HOH 120 2120 2120 HOH HOH A . 
C 3 HOH 121 2121 2121 HOH HOH A . 
C 3 HOH 122 2122 2122 HOH HOH A . 
C 3 HOH 123 2123 2123 HOH HOH A . 
C 3 HOH 124 2124 2124 HOH HOH A . 
C 3 HOH 125 2125 2125 HOH HOH A . 
C 3 HOH 126 2126 2126 HOH HOH A . 
C 3 HOH 127 2127 2127 HOH HOH A . 
C 3 HOH 128 2128 2128 HOH HOH A . 
C 3 HOH 129 2129 2129 HOH HOH A . 
C 3 HOH 130 2130 2130 HOH HOH A . 
C 3 HOH 131 2131 2131 HOH HOH A . 
C 3 HOH 132 2132 2132 HOH HOH A . 
C 3 HOH 133 2133 2133 HOH HOH A . 
C 3 HOH 134 2134 2134 HOH HOH A . 
C 3 HOH 135 2135 2135 HOH HOH A . 
C 3 HOH 136 2136 2136 HOH HOH A . 
C 3 HOH 137 2137 2137 HOH HOH A . 
C 3 HOH 138 2138 2138 HOH HOH A . 
C 3 HOH 139 2139 2139 HOH HOH A . 
C 3 HOH 140 2140 2140 HOH HOH A . 
C 3 HOH 141 2141 2141 HOH HOH A . 
C 3 HOH 142 2142 2142 HOH HOH A . 
C 3 HOH 143 2143 2143 HOH HOH A . 
C 3 HOH 144 2144 2144 HOH HOH A . 
C 3 HOH 145 2145 2145 HOH HOH A . 
C 3 HOH 146 2146 2146 HOH HOH A . 
C 3 HOH 147 2147 2147 HOH HOH A . 
C 3 HOH 148 2148 2148 HOH HOH A . 
C 3 HOH 149 2149 2149 HOH HOH A . 
C 3 HOH 150 2150 2150 HOH HOH A . 
C 3 HOH 151 2151 2151 HOH HOH A . 
C 3 HOH 152 2152 2152 HOH HOH A . 
C 3 HOH 153 2153 2153 HOH HOH A . 
C 3 HOH 154 2154 2154 HOH HOH A . 
C 3 HOH 155 2155 2155 HOH HOH A . 
C 3 HOH 156 2156 2156 HOH HOH A . 
C 3 HOH 157 2157 2157 HOH HOH A . 
C 3 HOH 158 2158 2158 HOH HOH A . 
C 3 HOH 159 2159 2159 HOH HOH A . 
C 3 HOH 160 2160 2160 HOH HOH A . 
C 3 HOH 161 2161 2161 HOH HOH A . 
C 3 HOH 162 2162 2162 HOH HOH A . 
C 3 HOH 163 2163 2163 HOH HOH A . 
C 3 HOH 164 2164 2164 HOH HOH A . 
C 3 HOH 165 2165 2165 HOH HOH A . 
C 3 HOH 166 2166 2166 HOH HOH A . 
C 3 HOH 167 2167 2167 HOH HOH A . 
C 3 HOH 168 2168 2168 HOH HOH A . 
C 3 HOH 169 2169 2169 HOH HOH A . 
C 3 HOH 170 2170 2170 HOH HOH A . 
C 3 HOH 171 2171 2171 HOH HOH A . 
C 3 HOH 172 2172 2172 HOH HOH A . 
C 3 HOH 173 2173 2173 HOH HOH A . 
C 3 HOH 174 2174 2174 HOH HOH A . 
C 3 HOH 175 2175 2175 HOH HOH A . 
C 3 HOH 176 2176 2176 HOH HOH A . 
C 3 HOH 177 2177 2177 HOH HOH A . 
C 3 HOH 178 2178 2178 HOH HOH A . 
C 3 HOH 179 2179 2179 HOH HOH A . 
C 3 HOH 180 2180 2180 HOH HOH A . 
C 3 HOH 181 2181 2181 HOH HOH A . 
C 3 HOH 182 2182 2182 HOH HOH A . 
C 3 HOH 183 2183 2183 HOH HOH A . 
C 3 HOH 184 2184 2184 HOH HOH A . 
C 3 HOH 185 2185 2185 HOH HOH A . 
C 3 HOH 186 2186 2186 HOH HOH A . 
C 3 HOH 187 2187 2187 HOH HOH A . 
C 3 HOH 188 2188 2188 HOH HOH A . 
C 3 HOH 189 2189 2189 HOH HOH A . 
C 3 HOH 190 2190 2190 HOH HOH A . 
C 3 HOH 191 2191 2191 HOH HOH A . 
C 3 HOH 192 2192 2192 HOH HOH A . 
C 3 HOH 193 2193 2193 HOH HOH A . 
C 3 HOH 194 2194 2194 HOH HOH A . 
C 3 HOH 195 2195 2195 HOH HOH A . 
C 3 HOH 196 2196 2196 HOH HOH A . 
C 3 HOH 197 2197 2197 HOH HOH A . 
C 3 HOH 198 2198 2198 HOH HOH A . 
C 3 HOH 199 2199 2199 HOH HOH A . 
C 3 HOH 200 2200 2200 HOH HOH A . 
C 3 HOH 201 2201 2201 HOH HOH A . 
# 
_pdbx_struct_assembly.id                   1 
_pdbx_struct_assembly.details              author_and_software_defined_assembly 
_pdbx_struct_assembly.method_details       PISA 
_pdbx_struct_assembly.oligomeric_details   monomeric 
_pdbx_struct_assembly.oligomeric_count     1 
# 
_pdbx_struct_assembly_gen.assembly_id       1 
_pdbx_struct_assembly_gen.oper_expression   1 
_pdbx_struct_assembly_gen.asym_id_list      A,B,C 
# 
_pdbx_struct_oper_list.id                   1 
_pdbx_struct_oper_list.type                 'identity operation' 
_pdbx_struct_oper_list.name                 1_555 
_pdbx_struct_oper_list.symmetry_operation   x,y,z 
_pdbx_struct_oper_list.matrix[1][1]         1.0000000000 
_pdbx_struct_oper_list.matrix[1][2]         0.0000000000 
_pdbx_struct_oper_list.matrix[1][3]         0.0000000000 
_pdbx_struct_oper_list.vector[1]            0.0000000000 
_pdbx_struct_oper_list.matrix[2][1]         0.0000000000 
_pdbx_struct_oper_list.matrix[2][2]         1.0000000000 
_pdbx_struct_oper_list.matrix[2][3]         0.0000000000 
_pdbx_struct_oper_list.vector[2]            0.0000000000 
_pdbx_struct_oper_list.matrix[3][1]         0.0000000000 
_pdbx_struct_oper_list.matrix[3][2]         0.0000000000 
_pdbx_struct_oper_list.matrix[3][3]         1.0000000000 
_pdbx_struct_oper_list.vector[3]            0.0000000000 
# 
loop_
_pdbx_struct_conn_angle.id 
_pdbx_struct_conn_angle.ptnr1_label_atom_id 
_pdbx_struct_conn_angle.ptnr1_label_alt_id 
_pdbx_struct_conn_angle.ptnr1_label_asym_id 
_pdbx_struct_conn_angle.ptnr1_label_comp_id 
_pdbx_struct_conn_angle.ptnr1_label_seq_id 
_pdbx_struct_conn_angle.ptnr1_auth_atom_id 
_pdbx_struct_conn_angle.ptnr1_auth_asym_id 
_pdbx_struct_conn_angle.ptnr1_auth_comp_id 
_pdbx_struct_conn_angle.ptnr1_auth_seq_id 
_pdbx_struct_conn_angle.ptnr1_PDB_ins_code 
_pdbx_struct_conn_angle.ptnr1_symmetry 
_pdbx_struct_conn_angle.ptnr2_label_atom_id 
_pdbx_struct_conn_angle.ptnr2_label_alt_id 
_pdbx_struct_conn_angle.ptnr2_label_asym_id 
_pdbx_struct_conn_angle.ptnr2_label_comp_id 
_pdbx_struct_conn_angle.ptnr2_label_seq_id 
_pdbx_struct_conn_angle.ptnr2_auth_atom_id 
_pdbx_struct_conn_angle.ptnr2_auth_asym_id 
_pdbx_struct_conn_angle.ptnr2_auth_comp_id 
_pdbx_struct_conn_angle.ptnr2_auth_seq_id 
_pdbx_struct_conn_angle.ptnr2_PDB_ins_code 
_pdbx_struct_conn_angle.ptnr2_symmetry 
_pdbx_struct_conn_angle.ptnr3_label_atom_id 
_pdbx_struct_conn_angle.ptnr3_label_alt_id 
_pdbx_struct_conn_angle.ptnr3_label_asym_id 
_pdbx_struct_conn_angle.ptnr3_label_comp_id 
_pdbx_struct_conn_angle.ptnr3_label_seq_id 
_pdbx_struct_conn_angle.ptnr3_auth_atom_id 
_pdbx_struct_conn_angle.ptnr3_auth_asym_id 
_pdbx_struct_conn_angle.ptnr3_auth_comp_id 
_pdbx_struct_conn_angle.ptnr3_auth_seq_id 
_pdbx_struct_conn_angle.ptnr3_PDB_ins_code 
_pdbx_struct_conn_angle.ptnr3_symmetry 
_pdbx_struct_conn_angle.value 
_pdbx_struct_conn_angle.value_esd 
1  O   ? A GLY 9   ? A GLY 9    ? 1_555 CA ? B CA . ? A CA 1170 ? 1_555 O   ? A GLU 52  ? A GLU 52   ? 1_555 143.2 ? 
2  O   ? A GLY 9   ? A GLY 9    ? 1_555 CA ? B CA . ? A CA 1170 ? 1_555 O   ? A LYS 55  ? A LYS 55   ? 1_555 91.7  ? 
3  O   ? A GLU 52  ? A GLU 52   ? 1_555 CA ? B CA . ? A CA 1170 ? 1_555 O   ? A LYS 55  ? A LYS 55   ? 1_555 103.7 ? 
4  O   ? A GLY 9   ? A GLY 9    ? 1_555 CA ? B CA . ? A CA 1170 ? 1_555 OD1 ? A ASP 160 ? A ASP 160  ? 1_555 93.5  ? 
5  O   ? A GLU 52  ? A GLU 52   ? 1_555 CA ? B CA . ? A CA 1170 ? 1_555 OD1 ? A ASP 160 ? A ASP 160  ? 1_555 116.4 ? 
6  O   ? A LYS 55  ? A LYS 55   ? 1_555 CA ? B CA . ? A CA 1170 ? 1_555 OD1 ? A ASP 160 ? A ASP 160  ? 1_555 98.3  ? 
7  O   ? A GLY 9   ? A GLY 9    ? 1_555 CA ? B CA . ? A CA 1170 ? 1_555 OD2 ? A ASP 160 ? A ASP 160  ? 1_555 141.1 ? 
8  O   ? A GLU 52  ? A GLU 52   ? 1_555 CA ? B CA . ? A CA 1170 ? 1_555 OD2 ? A ASP 160 ? A ASP 160  ? 1_555 74.1  ? 
9  O   ? A LYS 55  ? A LYS 55   ? 1_555 CA ? B CA . ? A CA 1170 ? 1_555 OD2 ? A ASP 160 ? A ASP 160  ? 1_555 86.0  ? 
10 OD1 ? A ASP 160 ? A ASP 160  ? 1_555 CA ? B CA . ? A CA 1170 ? 1_555 OD2 ? A ASP 160 ? A ASP 160  ? 1_555 48.8  ? 
11 O   ? A GLY 9   ? A GLY 9    ? 1_555 CA ? B CA . ? A CA 1170 ? 1_555 O   ? C HOH .   ? A HOH 2018 ? 1_555 66.6  ? 
12 O   ? A GLU 52  ? A GLU 52   ? 1_555 CA ? B CA . ? A CA 1170 ? 1_555 O   ? C HOH .   ? A HOH 2018 ? 1_555 81.7  ? 
13 O   ? A LYS 55  ? A LYS 55   ? 1_555 CA ? B CA . ? A CA 1170 ? 1_555 O   ? C HOH .   ? A HOH 2018 ? 1_555 84.5  ? 
14 OD1 ? A ASP 160 ? A ASP 160  ? 1_555 CA ? B CA . ? A CA 1170 ? 1_555 O   ? C HOH .   ? A HOH 2018 ? 1_555 160.0 ? 
15 OD2 ? A ASP 160 ? A ASP 160  ? 1_555 CA ? B CA . ? A CA 1170 ? 1_555 O   ? C HOH .   ? A HOH 2018 ? 1_555 151.0 ? 
16 O   ? A GLY 9   ? A GLY 9    ? 1_555 CA ? B CA . ? A CA 1170 ? 1_555 O   ? C HOH .   ? A HOH 2086 ? 1_555 86.2  ? 
17 O   ? A GLU 52  ? A GLU 52   ? 1_555 CA ? B CA . ? A CA 1170 ? 1_555 O   ? C HOH .   ? A HOH 2086 ? 1_555 72.8  ? 
18 O   ? A LYS 55  ? A LYS 55   ? 1_555 CA ? B CA . ? A CA 1170 ? 1_555 O   ? C HOH .   ? A HOH 2086 ? 1_555 170.1 ? 
19 OD1 ? A ASP 160 ? A ASP 160  ? 1_555 CA ? B CA . ? A CA 1170 ? 1_555 O   ? C HOH .   ? A HOH 2086 ? 1_555 91.5  ? 
20 OD2 ? A ASP 160 ? A ASP 160  ? 1_555 CA ? B CA . ? A CA 1170 ? 1_555 O   ? C HOH .   ? A HOH 2086 ? 1_555 101.6 ? 
21 O   ? C HOH .   ? A HOH 2018 ? 1_555 CA ? B CA . ? A CA 1170 ? 1_555 O   ? C HOH .   ? A HOH 2086 ? 1_555 85.8  ? 
# 
loop_
_pdbx_audit_revision_history.ordinal 
_pdbx_audit_revision_history.data_content_type 
_pdbx_audit_revision_history.major_revision 
_pdbx_audit_revision_history.minor_revision 
_pdbx_audit_revision_history.revision_date 
1 'Structure model' 1 0 2012-03-07 
2 'Structure model' 1 1 2012-08-01 
3 'Structure model' 1 2 2018-01-17 
4 'Structure model' 1 3 2023-12-20 
# 
_pdbx_audit_revision_details.ordinal             1 
_pdbx_audit_revision_details.revision_ordinal    1 
_pdbx_audit_revision_details.data_content_type   'Structure model' 
_pdbx_audit_revision_details.provider            repository 
_pdbx_audit_revision_details.type                'Initial release' 
_pdbx_audit_revision_details.description         ? 
_pdbx_audit_revision_details.details             ? 
# 
loop_
_pdbx_audit_revision_group.ordinal 
_pdbx_audit_revision_group.revision_ordinal 
_pdbx_audit_revision_group.data_content_type 
_pdbx_audit_revision_group.group 
1 2 'Structure model' 'Database references'    
2 3 'Structure model' 'Data collection'        
3 3 'Structure model' 'Database references'    
4 3 'Structure model' 'Structure summary'      
5 4 'Structure model' 'Data collection'        
6 4 'Structure model' 'Database references'    
7 4 'Structure model' 'Derived calculations'   
8 4 'Structure model' Other                    
9 4 'Structure model' 'Refinement description' 
# 
loop_
_pdbx_audit_revision_category.ordinal 
_pdbx_audit_revision_category.revision_ordinal 
_pdbx_audit_revision_category.data_content_type 
_pdbx_audit_revision_category.category 
1  3 'Structure model' audit_author                  
2  3 'Structure model' citation                      
3  3 'Structure model' citation_author               
4  3 'Structure model' diffrn_source                 
5  4 'Structure model' chem_comp_atom                
6  4 'Structure model' chem_comp_bond                
7  4 'Structure model' database_2                    
8  4 'Structure model' pdbx_database_status          
9  4 'Structure model' pdbx_initial_refinement_model 
10 4 'Structure model' pdbx_struct_conn_angle        
11 4 'Structure model' struct_conn                   
12 4 'Structure model' struct_site                   
# 
loop_
_pdbx_audit_revision_item.ordinal 
_pdbx_audit_revision_item.revision_ordinal 
_pdbx_audit_revision_item.data_content_type 
_pdbx_audit_revision_item.item 
1  3 'Structure model' '_audit_author.name'                        
2  3 'Structure model' '_citation.journal_id_ISSN'                 
3  3 'Structure model' '_citation.page_last'                       
4  3 'Structure model' '_citation.pdbx_database_id_DOI'            
5  3 'Structure model' '_citation.title'                           
6  3 'Structure model' '_citation_author.name'                     
7  3 'Structure model' '_diffrn_source.pdbx_synchrotron_site'      
8  4 'Structure model' '_database_2.pdbx_DOI'                      
9  4 'Structure model' '_database_2.pdbx_database_accession'       
10 4 'Structure model' '_pdbx_database_status.status_code_sf'      
11 4 'Structure model' '_pdbx_struct_conn_angle.ptnr1_auth_seq_id' 
12 4 'Structure model' '_pdbx_struct_conn_angle.ptnr3_auth_seq_id' 
13 4 'Structure model' '_pdbx_struct_conn_angle.value'             
14 4 'Structure model' '_struct_conn.pdbx_dist_value'              
15 4 'Structure model' '_struct_conn.ptnr1_auth_comp_id'           
16 4 'Structure model' '_struct_conn.ptnr1_auth_seq_id'            
17 4 'Structure model' '_struct_conn.ptnr1_label_asym_id'          
18 4 'Structure model' '_struct_conn.ptnr1_label_atom_id'          
19 4 'Structure model' '_struct_conn.ptnr1_label_comp_id'          
20 4 'Structure model' '_struct_conn.ptnr1_label_seq_id'           
21 4 'Structure model' '_struct_conn.ptnr2_auth_comp_id'           
22 4 'Structure model' '_struct_conn.ptnr2_auth_seq_id'            
23 4 'Structure model' '_struct_conn.ptnr2_label_asym_id'          
24 4 'Structure model' '_struct_conn.ptnr2_label_atom_id'          
25 4 'Structure model' '_struct_conn.ptnr2_label_comp_id'          
26 4 'Structure model' '_struct_conn.ptnr2_label_seq_id'           
27 4 'Structure model' '_struct_site.pdbx_auth_asym_id'            
28 4 'Structure model' '_struct_site.pdbx_auth_comp_id'            
29 4 'Structure model' '_struct_site.pdbx_auth_seq_id'             
# 
loop_
_software.name 
_software.classification 
_software.version 
_software.citation_id 
_software.pdbx_ordinal 
_software.date 
_software.type 
_software.location 
_software.language 
REFMAC refinement       5.0 ? 1 ? ? ? ? 
XDS    'data reduction' .   ? 2 ? ? ? ? 
XSCALE 'data scaling'   .   ? 3 ? ? ? ? 
REFMAC phasing          .   ? 4 ? ? ? ? 
# 
_pdbx_entry_details.entry_id                 2Y6J 
_pdbx_entry_details.compound_details         
;ENGINEERED RESIDUE IN CHAIN A, TRP  68 TO PHE
ENGINEERED RESIDUE IN CHAIN A, ASP  69 TO ASN
ENGINEERED RESIDUE IN CHAIN A, GLU  71 TO GLN
ENGINEERED RESIDUE IN CHAIN A, PHE  75 TO LEU
ENGINEERED RESIDUE IN CHAIN A, TRP  90 TO ARG
ENGINEERED RESIDUE IN CHAIN A, PHE 109 TO LEU
ENGINEERED RESIDUE IN CHAIN A, GLN 110 TO ASP
ENGINEERED RESIDUE IN CHAIN A, GLU 117 TO HIS
;
_pdbx_entry_details.source_details           ? 
_pdbx_entry_details.nonpolymer_details       ? 
_pdbx_entry_details.sequence_details         
;THIS CONSTRUCT STARTS WITH M (POSITION 1) AND ENDS WITH
ONE L
;
_pdbx_entry_details.has_ligand_of_interest   ? 
# 
loop_
_pdbx_validate_torsion.id 
_pdbx_validate_torsion.PDB_model_num 
_pdbx_validate_torsion.auth_comp_id 
_pdbx_validate_torsion.auth_asym_id 
_pdbx_validate_torsion.auth_seq_id 
_pdbx_validate_torsion.PDB_ins_code 
_pdbx_validate_torsion.label_alt_id 
_pdbx_validate_torsion.phi 
_pdbx_validate_torsion.psi 
1 1 ASN A 62  ? ? -103.50 -84.83  
2 1 ASP A 136 ? ? -118.52 -155.70 
# 
_pdbx_distant_solvent_atoms.id                                1 
_pdbx_distant_solvent_atoms.PDB_model_num                     1 
_pdbx_distant_solvent_atoms.auth_atom_id                      O 
_pdbx_distant_solvent_atoms.label_alt_id                      ? 
_pdbx_distant_solvent_atoms.auth_asym_id                      A 
_pdbx_distant_solvent_atoms.auth_comp_id                      HOH 
_pdbx_distant_solvent_atoms.auth_seq_id                       2009 
_pdbx_distant_solvent_atoms.PDB_ins_code                      ? 
_pdbx_distant_solvent_atoms.neighbor_macromolecule_distance   6.08 
_pdbx_distant_solvent_atoms.neighbor_ligand_distance          . 
# 
loop_
_pdbx_unobs_or_zero_occ_atoms.id 
_pdbx_unobs_or_zero_occ_atoms.PDB_model_num 
_pdbx_unobs_or_zero_occ_atoms.polymer_flag 
_pdbx_unobs_or_zero_occ_atoms.occupancy_flag 
_pdbx_unobs_or_zero_occ_atoms.auth_asym_id 
_pdbx_unobs_or_zero_occ_atoms.auth_comp_id 
_pdbx_unobs_or_zero_occ_atoms.auth_seq_id 
_pdbx_unobs_or_zero_occ_atoms.PDB_ins_code 
_pdbx_unobs_or_zero_occ_atoms.auth_atom_id 
_pdbx_unobs_or_zero_occ_atoms.label_alt_id 
_pdbx_unobs_or_zero_occ_atoms.label_asym_id 
_pdbx_unobs_or_zero_occ_atoms.label_comp_id 
_pdbx_unobs_or_zero_occ_atoms.label_seq_id 
_pdbx_unobs_or_zero_occ_atoms.label_atom_id 
1 1 Y 1 A GLU 11 ? CD  ? A GLU 11 CD  
2 1 Y 1 A GLU 11 ? OE1 ? A GLU 11 OE1 
3 1 Y 1 A GLU 11 ? OE2 ? A GLU 11 OE2 
4 1 Y 1 A GLU 52 ? CD  ? A GLU 52 CD  
5 1 Y 1 A GLU 52 ? OE1 ? A GLU 52 OE1 
6 1 Y 1 A GLU 52 ? OE2 ? A GLU 52 OE2 
# 
loop_
_chem_comp_atom.comp_id 
_chem_comp_atom.atom_id 
_chem_comp_atom.type_symbol 
_chem_comp_atom.pdbx_aromatic_flag 
_chem_comp_atom.pdbx_stereo_config 
_chem_comp_atom.pdbx_ordinal 
ALA N    N  N N 1   
ALA CA   C  N S 2   
ALA C    C  N N 3   
ALA O    O  N N 4   
ALA CB   C  N N 5   
ALA OXT  O  N N 6   
ALA H    H  N N 7   
ALA H2   H  N N 8   
ALA HA   H  N N 9   
ALA HB1  H  N N 10  
ALA HB2  H  N N 11  
ALA HB3  H  N N 12  
ALA HXT  H  N N 13  
ARG N    N  N N 14  
ARG CA   C  N S 15  
ARG C    C  N N 16  
ARG O    O  N N 17  
ARG CB   C  N N 18  
ARG CG   C  N N 19  
ARG CD   C  N N 20  
ARG NE   N  N N 21  
ARG CZ   C  N N 22  
ARG NH1  N  N N 23  
ARG NH2  N  N N 24  
ARG OXT  O  N N 25  
ARG H    H  N N 26  
ARG H2   H  N N 27  
ARG HA   H  N N 28  
ARG HB2  H  N N 29  
ARG HB3  H  N N 30  
ARG HG2  H  N N 31  
ARG HG3  H  N N 32  
ARG HD2  H  N N 33  
ARG HD3  H  N N 34  
ARG HE   H  N N 35  
ARG HH11 H  N N 36  
ARG HH12 H  N N 37  
ARG HH21 H  N N 38  
ARG HH22 H  N N 39  
ARG HXT  H  N N 40  
ASN N    N  N N 41  
ASN CA   C  N S 42  
ASN C    C  N N 43  
ASN O    O  N N 44  
ASN CB   C  N N 45  
ASN CG   C  N N 46  
ASN OD1  O  N N 47  
ASN ND2  N  N N 48  
ASN OXT  O  N N 49  
ASN H    H  N N 50  
ASN H2   H  N N 51  
ASN HA   H  N N 52  
ASN HB2  H  N N 53  
ASN HB3  H  N N 54  
ASN HD21 H  N N 55  
ASN HD22 H  N N 56  
ASN HXT  H  N N 57  
ASP N    N  N N 58  
ASP CA   C  N S 59  
ASP C    C  N N 60  
ASP O    O  N N 61  
ASP CB   C  N N 62  
ASP CG   C  N N 63  
ASP OD1  O  N N 64  
ASP OD2  O  N N 65  
ASP OXT  O  N N 66  
ASP H    H  N N 67  
ASP H2   H  N N 68  
ASP HA   H  N N 69  
ASP HB2  H  N N 70  
ASP HB3  H  N N 71  
ASP HD2  H  N N 72  
ASP HXT  H  N N 73  
CA  CA   CA N N 74  
GLN N    N  N N 75  
GLN CA   C  N S 76  
GLN C    C  N N 77  
GLN O    O  N N 78  
GLN CB   C  N N 79  
GLN CG   C  N N 80  
GLN CD   C  N N 81  
GLN OE1  O  N N 82  
GLN NE2  N  N N 83  
GLN OXT  O  N N 84  
GLN H    H  N N 85  
GLN H2   H  N N 86  
GLN HA   H  N N 87  
GLN HB2  H  N N 88  
GLN HB3  H  N N 89  
GLN HG2  H  N N 90  
GLN HG3  H  N N 91  
GLN HE21 H  N N 92  
GLN HE22 H  N N 93  
GLN HXT  H  N N 94  
GLU N    N  N N 95  
GLU CA   C  N S 96  
GLU C    C  N N 97  
GLU O    O  N N 98  
GLU CB   C  N N 99  
GLU CG   C  N N 100 
GLU CD   C  N N 101 
GLU OE1  O  N N 102 
GLU OE2  O  N N 103 
GLU OXT  O  N N 104 
GLU H    H  N N 105 
GLU H2   H  N N 106 
GLU HA   H  N N 107 
GLU HB2  H  N N 108 
GLU HB3  H  N N 109 
GLU HG2  H  N N 110 
GLU HG3  H  N N 111 
GLU HE2  H  N N 112 
GLU HXT  H  N N 113 
GLY N    N  N N 114 
GLY CA   C  N N 115 
GLY C    C  N N 116 
GLY O    O  N N 117 
GLY OXT  O  N N 118 
GLY H    H  N N 119 
GLY H2   H  N N 120 
GLY HA2  H  N N 121 
GLY HA3  H  N N 122 
GLY HXT  H  N N 123 
HIS N    N  N N 124 
HIS CA   C  N S 125 
HIS C    C  N N 126 
HIS O    O  N N 127 
HIS CB   C  N N 128 
HIS CG   C  Y N 129 
HIS ND1  N  Y N 130 
HIS CD2  C  Y N 131 
HIS CE1  C  Y N 132 
HIS NE2  N  Y N 133 
HIS OXT  O  N N 134 
HIS H    H  N N 135 
HIS H2   H  N N 136 
HIS HA   H  N N 137 
HIS HB2  H  N N 138 
HIS HB3  H  N N 139 
HIS HD1  H  N N 140 
HIS HD2  H  N N 141 
HIS HE1  H  N N 142 
HIS HE2  H  N N 143 
HIS HXT  H  N N 144 
HOH O    O  N N 145 
HOH H1   H  N N 146 
HOH H2   H  N N 147 
ILE N    N  N N 148 
ILE CA   C  N S 149 
ILE C    C  N N 150 
ILE O    O  N N 151 
ILE CB   C  N S 152 
ILE CG1  C  N N 153 
ILE CG2  C  N N 154 
ILE CD1  C  N N 155 
ILE OXT  O  N N 156 
ILE H    H  N N 157 
ILE H2   H  N N 158 
ILE HA   H  N N 159 
ILE HB   H  N N 160 
ILE HG12 H  N N 161 
ILE HG13 H  N N 162 
ILE HG21 H  N N 163 
ILE HG22 H  N N 164 
ILE HG23 H  N N 165 
ILE HD11 H  N N 166 
ILE HD12 H  N N 167 
ILE HD13 H  N N 168 
ILE HXT  H  N N 169 
LEU N    N  N N 170 
LEU CA   C  N S 171 
LEU C    C  N N 172 
LEU O    O  N N 173 
LEU CB   C  N N 174 
LEU CG   C  N N 175 
LEU CD1  C  N N 176 
LEU CD2  C  N N 177 
LEU OXT  O  N N 178 
LEU H    H  N N 179 
LEU H2   H  N N 180 
LEU HA   H  N N 181 
LEU HB2  H  N N 182 
LEU HB3  H  N N 183 
LEU HG   H  N N 184 
LEU HD11 H  N N 185 
LEU HD12 H  N N 186 
LEU HD13 H  N N 187 
LEU HD21 H  N N 188 
LEU HD22 H  N N 189 
LEU HD23 H  N N 190 
LEU HXT  H  N N 191 
LYS N    N  N N 192 
LYS CA   C  N S 193 
LYS C    C  N N 194 
LYS O    O  N N 195 
LYS CB   C  N N 196 
LYS CG   C  N N 197 
LYS CD   C  N N 198 
LYS CE   C  N N 199 
LYS NZ   N  N N 200 
LYS OXT  O  N N 201 
LYS H    H  N N 202 
LYS H2   H  N N 203 
LYS HA   H  N N 204 
LYS HB2  H  N N 205 
LYS HB3  H  N N 206 
LYS HG2  H  N N 207 
LYS HG3  H  N N 208 
LYS HD2  H  N N 209 
LYS HD3  H  N N 210 
LYS HE2  H  N N 211 
LYS HE3  H  N N 212 
LYS HZ1  H  N N 213 
LYS HZ2  H  N N 214 
LYS HZ3  H  N N 215 
LYS HXT  H  N N 216 
MET N    N  N N 217 
MET CA   C  N S 218 
MET C    C  N N 219 
MET O    O  N N 220 
MET CB   C  N N 221 
MET CG   C  N N 222 
MET SD   S  N N 223 
MET CE   C  N N 224 
MET OXT  O  N N 225 
MET H    H  N N 226 
MET H2   H  N N 227 
MET HA   H  N N 228 
MET HB2  H  N N 229 
MET HB3  H  N N 230 
MET HG2  H  N N 231 
MET HG3  H  N N 232 
MET HE1  H  N N 233 
MET HE2  H  N N 234 
MET HE3  H  N N 235 
MET HXT  H  N N 236 
PHE N    N  N N 237 
PHE CA   C  N S 238 
PHE C    C  N N 239 
PHE O    O  N N 240 
PHE CB   C  N N 241 
PHE CG   C  Y N 242 
PHE CD1  C  Y N 243 
PHE CD2  C  Y N 244 
PHE CE1  C  Y N 245 
PHE CE2  C  Y N 246 
PHE CZ   C  Y N 247 
PHE OXT  O  N N 248 
PHE H    H  N N 249 
PHE H2   H  N N 250 
PHE HA   H  N N 251 
PHE HB2  H  N N 252 
PHE HB3  H  N N 253 
PHE HD1  H  N N 254 
PHE HD2  H  N N 255 
PHE HE1  H  N N 256 
PHE HE2  H  N N 257 
PHE HZ   H  N N 258 
PHE HXT  H  N N 259 
PRO N    N  N N 260 
PRO CA   C  N S 261 
PRO C    C  N N 262 
PRO O    O  N N 263 
PRO CB   C  N N 264 
PRO CG   C  N N 265 
PRO CD   C  N N 266 
PRO OXT  O  N N 267 
PRO H    H  N N 268 
PRO HA   H  N N 269 
PRO HB2  H  N N 270 
PRO HB3  H  N N 271 
PRO HG2  H  N N 272 
PRO HG3  H  N N 273 
PRO HD2  H  N N 274 
PRO HD3  H  N N 275 
PRO HXT  H  N N 276 
SER N    N  N N 277 
SER CA   C  N S 278 
SER C    C  N N 279 
SER O    O  N N 280 
SER CB   C  N N 281 
SER OG   O  N N 282 
SER OXT  O  N N 283 
SER H    H  N N 284 
SER H2   H  N N 285 
SER HA   H  N N 286 
SER HB2  H  N N 287 
SER HB3  H  N N 288 
SER HG   H  N N 289 
SER HXT  H  N N 290 
THR N    N  N N 291 
THR CA   C  N S 292 
THR C    C  N N 293 
THR O    O  N N 294 
THR CB   C  N R 295 
THR OG1  O  N N 296 
THR CG2  C  N N 297 
THR OXT  O  N N 298 
THR H    H  N N 299 
THR H2   H  N N 300 
THR HA   H  N N 301 
THR HB   H  N N 302 
THR HG1  H  N N 303 
THR HG21 H  N N 304 
THR HG22 H  N N 305 
THR HG23 H  N N 306 
THR HXT  H  N N 307 
TRP N    N  N N 308 
TRP CA   C  N S 309 
TRP C    C  N N 310 
TRP O    O  N N 311 
TRP CB   C  N N 312 
TRP CG   C  Y N 313 
TRP CD1  C  Y N 314 
TRP CD2  C  Y N 315 
TRP NE1  N  Y N 316 
TRP CE2  C  Y N 317 
TRP CE3  C  Y N 318 
TRP CZ2  C  Y N 319 
TRP CZ3  C  Y N 320 
TRP CH2  C  Y N 321 
TRP OXT  O  N N 322 
TRP H    H  N N 323 
TRP H2   H  N N 324 
TRP HA   H  N N 325 
TRP HB2  H  N N 326 
TRP HB3  H  N N 327 
TRP HD1  H  N N 328 
TRP HE1  H  N N 329 
TRP HE3  H  N N 330 
TRP HZ2  H  N N 331 
TRP HZ3  H  N N 332 
TRP HH2  H  N N 333 
TRP HXT  H  N N 334 
TYR N    N  N N 335 
TYR CA   C  N S 336 
TYR C    C  N N 337 
TYR O    O  N N 338 
TYR CB   C  N N 339 
TYR CG   C  Y N 340 
TYR CD1  C  Y N 341 
TYR CD2  C  Y N 342 
TYR CE1  C  Y N 343 
TYR CE2  C  Y N 344 
TYR CZ   C  Y N 345 
TYR OH   O  N N 346 
TYR OXT  O  N N 347 
TYR H    H  N N 348 
TYR H2   H  N N 349 
TYR HA   H  N N 350 
TYR HB2  H  N N 351 
TYR HB3  H  N N 352 
TYR HD1  H  N N 353 
TYR HD2  H  N N 354 
TYR HE1  H  N N 355 
TYR HE2  H  N N 356 
TYR HH   H  N N 357 
TYR HXT  H  N N 358 
VAL N    N  N N 359 
VAL CA   C  N S 360 
VAL C    C  N N 361 
VAL O    O  N N 362 
VAL CB   C  N N 363 
VAL CG1  C  N N 364 
VAL CG2  C  N N 365 
VAL OXT  O  N N 366 
VAL H    H  N N 367 
VAL H2   H  N N 368 
VAL HA   H  N N 369 
VAL HB   H  N N 370 
VAL HG11 H  N N 371 
VAL HG12 H  N N 372 
VAL HG13 H  N N 373 
VAL HG21 H  N N 374 
VAL HG22 H  N N 375 
VAL HG23 H  N N 376 
VAL HXT  H  N N 377 
# 
loop_
_chem_comp_bond.comp_id 
_chem_comp_bond.atom_id_1 
_chem_comp_bond.atom_id_2 
_chem_comp_bond.value_order 
_chem_comp_bond.pdbx_aromatic_flag 
_chem_comp_bond.pdbx_stereo_config 
_chem_comp_bond.pdbx_ordinal 
ALA N   CA   sing N N 1   
ALA N   H    sing N N 2   
ALA N   H2   sing N N 3   
ALA CA  C    sing N N 4   
ALA CA  CB   sing N N 5   
ALA CA  HA   sing N N 6   
ALA C   O    doub N N 7   
ALA C   OXT  sing N N 8   
ALA CB  HB1  sing N N 9   
ALA CB  HB2  sing N N 10  
ALA CB  HB3  sing N N 11  
ALA OXT HXT  sing N N 12  
ARG N   CA   sing N N 13  
ARG N   H    sing N N 14  
ARG N   H2   sing N N 15  
ARG CA  C    sing N N 16  
ARG CA  CB   sing N N 17  
ARG CA  HA   sing N N 18  
ARG C   O    doub N N 19  
ARG C   OXT  sing N N 20  
ARG CB  CG   sing N N 21  
ARG CB  HB2  sing N N 22  
ARG CB  HB3  sing N N 23  
ARG CG  CD   sing N N 24  
ARG CG  HG2  sing N N 25  
ARG CG  HG3  sing N N 26  
ARG CD  NE   sing N N 27  
ARG CD  HD2  sing N N 28  
ARG CD  HD3  sing N N 29  
ARG NE  CZ   sing N N 30  
ARG NE  HE   sing N N 31  
ARG CZ  NH1  sing N N 32  
ARG CZ  NH2  doub N N 33  
ARG NH1 HH11 sing N N 34  
ARG NH1 HH12 sing N N 35  
ARG NH2 HH21 sing N N 36  
ARG NH2 HH22 sing N N 37  
ARG OXT HXT  sing N N 38  
ASN N   CA   sing N N 39  
ASN N   H    sing N N 40  
ASN N   H2   sing N N 41  
ASN CA  C    sing N N 42  
ASN CA  CB   sing N N 43  
ASN CA  HA   sing N N 44  
ASN C   O    doub N N 45  
ASN C   OXT  sing N N 46  
ASN CB  CG   sing N N 47  
ASN CB  HB2  sing N N 48  
ASN CB  HB3  sing N N 49  
ASN CG  OD1  doub N N 50  
ASN CG  ND2  sing N N 51  
ASN ND2 HD21 sing N N 52  
ASN ND2 HD22 sing N N 53  
ASN OXT HXT  sing N N 54  
ASP N   CA   sing N N 55  
ASP N   H    sing N N 56  
ASP N   H2   sing N N 57  
ASP CA  C    sing N N 58  
ASP CA  CB   sing N N 59  
ASP CA  HA   sing N N 60  
ASP C   O    doub N N 61  
ASP C   OXT  sing N N 62  
ASP CB  CG   sing N N 63  
ASP CB  HB2  sing N N 64  
ASP CB  HB3  sing N N 65  
ASP CG  OD1  doub N N 66  
ASP CG  OD2  sing N N 67  
ASP OD2 HD2  sing N N 68  
ASP OXT HXT  sing N N 69  
GLN N   CA   sing N N 70  
GLN N   H    sing N N 71  
GLN N   H2   sing N N 72  
GLN CA  C    sing N N 73  
GLN CA  CB   sing N N 74  
GLN CA  HA   sing N N 75  
GLN C   O    doub N N 76  
GLN C   OXT  sing N N 77  
GLN CB  CG   sing N N 78  
GLN CB  HB2  sing N N 79  
GLN CB  HB3  sing N N 80  
GLN CG  CD   sing N N 81  
GLN CG  HG2  sing N N 82  
GLN CG  HG3  sing N N 83  
GLN CD  OE1  doub N N 84  
GLN CD  NE2  sing N N 85  
GLN NE2 HE21 sing N N 86  
GLN NE2 HE22 sing N N 87  
GLN OXT HXT  sing N N 88  
GLU N   CA   sing N N 89  
GLU N   H    sing N N 90  
GLU N   H2   sing N N 91  
GLU CA  C    sing N N 92  
GLU CA  CB   sing N N 93  
GLU CA  HA   sing N N 94  
GLU C   O    doub N N 95  
GLU C   OXT  sing N N 96  
GLU CB  CG   sing N N 97  
GLU CB  HB2  sing N N 98  
GLU CB  HB3  sing N N 99  
GLU CG  CD   sing N N 100 
GLU CG  HG2  sing N N 101 
GLU CG  HG3  sing N N 102 
GLU CD  OE1  doub N N 103 
GLU CD  OE2  sing N N 104 
GLU OE2 HE2  sing N N 105 
GLU OXT HXT  sing N N 106 
GLY N   CA   sing N N 107 
GLY N   H    sing N N 108 
GLY N   H2   sing N N 109 
GLY CA  C    sing N N 110 
GLY CA  HA2  sing N N 111 
GLY CA  HA3  sing N N 112 
GLY C   O    doub N N 113 
GLY C   OXT  sing N N 114 
GLY OXT HXT  sing N N 115 
HIS N   CA   sing N N 116 
HIS N   H    sing N N 117 
HIS N   H2   sing N N 118 
HIS CA  C    sing N N 119 
HIS CA  CB   sing N N 120 
HIS CA  HA   sing N N 121 
HIS C   O    doub N N 122 
HIS C   OXT  sing N N 123 
HIS CB  CG   sing N N 124 
HIS CB  HB2  sing N N 125 
HIS CB  HB3  sing N N 126 
HIS CG  ND1  sing Y N 127 
HIS CG  CD2  doub Y N 128 
HIS ND1 CE1  doub Y N 129 
HIS ND1 HD1  sing N N 130 
HIS CD2 NE2  sing Y N 131 
HIS CD2 HD2  sing N N 132 
HIS CE1 NE2  sing Y N 133 
HIS CE1 HE1  sing N N 134 
HIS NE2 HE2  sing N N 135 
HIS OXT HXT  sing N N 136 
HOH O   H1   sing N N 137 
HOH O   H2   sing N N 138 
ILE N   CA   sing N N 139 
ILE N   H    sing N N 140 
ILE N   H2   sing N N 141 
ILE CA  C    sing N N 142 
ILE CA  CB   sing N N 143 
ILE CA  HA   sing N N 144 
ILE C   O    doub N N 145 
ILE C   OXT  sing N N 146 
ILE CB  CG1  sing N N 147 
ILE CB  CG2  sing N N 148 
ILE CB  HB   sing N N 149 
ILE CG1 CD1  sing N N 150 
ILE CG1 HG12 sing N N 151 
ILE CG1 HG13 sing N N 152 
ILE CG2 HG21 sing N N 153 
ILE CG2 HG22 sing N N 154 
ILE CG2 HG23 sing N N 155 
ILE CD1 HD11 sing N N 156 
ILE CD1 HD12 sing N N 157 
ILE CD1 HD13 sing N N 158 
ILE OXT HXT  sing N N 159 
LEU N   CA   sing N N 160 
LEU N   H    sing N N 161 
LEU N   H2   sing N N 162 
LEU CA  C    sing N N 163 
LEU CA  CB   sing N N 164 
LEU CA  HA   sing N N 165 
LEU C   O    doub N N 166 
LEU C   OXT  sing N N 167 
LEU CB  CG   sing N N 168 
LEU CB  HB2  sing N N 169 
LEU CB  HB3  sing N N 170 
LEU CG  CD1  sing N N 171 
LEU CG  CD2  sing N N 172 
LEU CG  HG   sing N N 173 
LEU CD1 HD11 sing N N 174 
LEU CD1 HD12 sing N N 175 
LEU CD1 HD13 sing N N 176 
LEU CD2 HD21 sing N N 177 
LEU CD2 HD22 sing N N 178 
LEU CD2 HD23 sing N N 179 
LEU OXT HXT  sing N N 180 
LYS N   CA   sing N N 181 
LYS N   H    sing N N 182 
LYS N   H2   sing N N 183 
LYS CA  C    sing N N 184 
LYS CA  CB   sing N N 185 
LYS CA  HA   sing N N 186 
LYS C   O    doub N N 187 
LYS C   OXT  sing N N 188 
LYS CB  CG   sing N N 189 
LYS CB  HB2  sing N N 190 
LYS CB  HB3  sing N N 191 
LYS CG  CD   sing N N 192 
LYS CG  HG2  sing N N 193 
LYS CG  HG3  sing N N 194 
LYS CD  CE   sing N N 195 
LYS CD  HD2  sing N N 196 
LYS CD  HD3  sing N N 197 
LYS CE  NZ   sing N N 198 
LYS CE  HE2  sing N N 199 
LYS CE  HE3  sing N N 200 
LYS NZ  HZ1  sing N N 201 
LYS NZ  HZ2  sing N N 202 
LYS NZ  HZ3  sing N N 203 
LYS OXT HXT  sing N N 204 
MET N   CA   sing N N 205 
MET N   H    sing N N 206 
MET N   H2   sing N N 207 
MET CA  C    sing N N 208 
MET CA  CB   sing N N 209 
MET CA  HA   sing N N 210 
MET C   O    doub N N 211 
MET C   OXT  sing N N 212 
MET CB  CG   sing N N 213 
MET CB  HB2  sing N N 214 
MET CB  HB3  sing N N 215 
MET CG  SD   sing N N 216 
MET CG  HG2  sing N N 217 
MET CG  HG3  sing N N 218 
MET SD  CE   sing N N 219 
MET CE  HE1  sing N N 220 
MET CE  HE2  sing N N 221 
MET CE  HE3  sing N N 222 
MET OXT HXT  sing N N 223 
PHE N   CA   sing N N 224 
PHE N   H    sing N N 225 
PHE N   H2   sing N N 226 
PHE CA  C    sing N N 227 
PHE CA  CB   sing N N 228 
PHE CA  HA   sing N N 229 
PHE C   O    doub N N 230 
PHE C   OXT  sing N N 231 
PHE CB  CG   sing N N 232 
PHE CB  HB2  sing N N 233 
PHE CB  HB3  sing N N 234 
PHE CG  CD1  doub Y N 235 
PHE CG  CD2  sing Y N 236 
PHE CD1 CE1  sing Y N 237 
PHE CD1 HD1  sing N N 238 
PHE CD2 CE2  doub Y N 239 
PHE CD2 HD2  sing N N 240 
PHE CE1 CZ   doub Y N 241 
PHE CE1 HE1  sing N N 242 
PHE CE2 CZ   sing Y N 243 
PHE CE2 HE2  sing N N 244 
PHE CZ  HZ   sing N N 245 
PHE OXT HXT  sing N N 246 
PRO N   CA   sing N N 247 
PRO N   CD   sing N N 248 
PRO N   H    sing N N 249 
PRO CA  C    sing N N 250 
PRO CA  CB   sing N N 251 
PRO CA  HA   sing N N 252 
PRO C   O    doub N N 253 
PRO C   OXT  sing N N 254 
PRO CB  CG   sing N N 255 
PRO CB  HB2  sing N N 256 
PRO CB  HB3  sing N N 257 
PRO CG  CD   sing N N 258 
PRO CG  HG2  sing N N 259 
PRO CG  HG3  sing N N 260 
PRO CD  HD2  sing N N 261 
PRO CD  HD3  sing N N 262 
PRO OXT HXT  sing N N 263 
SER N   CA   sing N N 264 
SER N   H    sing N N 265 
SER N   H2   sing N N 266 
SER CA  C    sing N N 267 
SER CA  CB   sing N N 268 
SER CA  HA   sing N N 269 
SER C   O    doub N N 270 
SER C   OXT  sing N N 271 
SER CB  OG   sing N N 272 
SER CB  HB2  sing N N 273 
SER CB  HB3  sing N N 274 
SER OG  HG   sing N N 275 
SER OXT HXT  sing N N 276 
THR N   CA   sing N N 277 
THR N   H    sing N N 278 
THR N   H2   sing N N 279 
THR CA  C    sing N N 280 
THR CA  CB   sing N N 281 
THR CA  HA   sing N N 282 
THR C   O    doub N N 283 
THR C   OXT  sing N N 284 
THR CB  OG1  sing N N 285 
THR CB  CG2  sing N N 286 
THR CB  HB   sing N N 287 
THR OG1 HG1  sing N N 288 
THR CG2 HG21 sing N N 289 
THR CG2 HG22 sing N N 290 
THR CG2 HG23 sing N N 291 
THR OXT HXT  sing N N 292 
TRP N   CA   sing N N 293 
TRP N   H    sing N N 294 
TRP N   H2   sing N N 295 
TRP CA  C    sing N N 296 
TRP CA  CB   sing N N 297 
TRP CA  HA   sing N N 298 
TRP C   O    doub N N 299 
TRP C   OXT  sing N N 300 
TRP CB  CG   sing N N 301 
TRP CB  HB2  sing N N 302 
TRP CB  HB3  sing N N 303 
TRP CG  CD1  doub Y N 304 
TRP CG  CD2  sing Y N 305 
TRP CD1 NE1  sing Y N 306 
TRP CD1 HD1  sing N N 307 
TRP CD2 CE2  doub Y N 308 
TRP CD2 CE3  sing Y N 309 
TRP NE1 CE2  sing Y N 310 
TRP NE1 HE1  sing N N 311 
TRP CE2 CZ2  sing Y N 312 
TRP CE3 CZ3  doub Y N 313 
TRP CE3 HE3  sing N N 314 
TRP CZ2 CH2  doub Y N 315 
TRP CZ2 HZ2  sing N N 316 
TRP CZ3 CH2  sing Y N 317 
TRP CZ3 HZ3  sing N N 318 
TRP CH2 HH2  sing N N 319 
TRP OXT HXT  sing N N 320 
TYR N   CA   sing N N 321 
TYR N   H    sing N N 322 
TYR N   H2   sing N N 323 
TYR CA  C    sing N N 324 
TYR CA  CB   sing N N 325 
TYR CA  HA   sing N N 326 
TYR C   O    doub N N 327 
TYR C   OXT  sing N N 328 
TYR CB  CG   sing N N 329 
TYR CB  HB2  sing N N 330 
TYR CB  HB3  sing N N 331 
TYR CG  CD1  doub Y N 332 
TYR CG  CD2  sing Y N 333 
TYR CD1 CE1  sing Y N 334 
TYR CD1 HD1  sing N N 335 
TYR CD2 CE2  doub Y N 336 
TYR CD2 HD2  sing N N 337 
TYR CE1 CZ   doub Y N 338 
TYR CE1 HE1  sing N N 339 
TYR CE2 CZ   sing Y N 340 
TYR CE2 HE2  sing N N 341 
TYR CZ  OH   sing N N 342 
TYR OH  HH   sing N N 343 
TYR OXT HXT  sing N N 344 
VAL N   CA   sing N N 345 
VAL N   H    sing N N 346 
VAL N   H2   sing N N 347 
VAL CA  C    sing N N 348 
VAL CA  CB   sing N N 349 
VAL CA  HA   sing N N 350 
VAL C   O    doub N N 351 
VAL C   OXT  sing N N 352 
VAL CB  CG1  sing N N 353 
VAL CB  CG2  sing N N 354 
VAL CB  HB   sing N N 355 
VAL CG1 HG11 sing N N 356 
VAL CG1 HG12 sing N N 357 
VAL CG1 HG13 sing N N 358 
VAL CG2 HG21 sing N N 359 
VAL CG2 HG22 sing N N 360 
VAL CG2 HG23 sing N N 361 
VAL OXT HXT  sing N N 362 
# 
loop_
_pdbx_entity_nonpoly.entity_id 
_pdbx_entity_nonpoly.name 
_pdbx_entity_nonpoly.comp_id 
2 'CALCIUM ION' CA  
3 water         HOH 
# 
_pdbx_initial_refinement_model.id               1 
_pdbx_initial_refinement_model.entity_id_list   ? 
_pdbx_initial_refinement_model.type             'experimental model' 
_pdbx_initial_refinement_model.source_name      PDB 
_pdbx_initial_refinement_model.accession_code   1K42 
_pdbx_initial_refinement_model.details          'PDB ENTRY 1K42' 
# 
